data_2KX0
#
_entry.id   2KX0
#
_entity_poly.entity_id   1
_entity_poly.type   'polypeptide(L)'
_entity_poly.pdbx_seq_one_letter_code
;GSLVPRGSMQIFVKTLTGKTITLEVEPSDTIENVKAKIQDKEGIPPDQQRLIFAGKQLEDGRTLSEYNIQKESTLHLVLR
LRGYADLREDPDRQDHHPGSGAQ
;
_entity_poly.pdbx_strand_id   A
#
# COMPACT_ATOMS: atom_id res chain seq x y z
N GLY A 1 -16.90 10.15 -4.56
CA GLY A 1 -17.87 9.15 -4.14
C GLY A 1 -17.53 8.54 -2.79
N SER A 2 -18.44 7.75 -2.25
CA SER A 2 -18.23 7.11 -0.95
C SER A 2 -17.57 5.75 -1.12
N LEU A 3 -17.22 5.12 0.00
CA LEU A 3 -16.58 3.82 -0.03
C LEU A 3 -17.50 2.75 0.60
N VAL A 4 -17.64 1.63 -0.10
CA VAL A 4 -18.47 0.54 0.39
C VAL A 4 -17.76 -0.27 1.47
N PRO A 5 -18.48 -0.54 2.57
CA PRO A 5 -17.94 -1.30 3.70
C PRO A 5 -17.71 -2.78 3.36
N ARG A 6 -16.46 -3.19 3.36
CA ARG A 6 -16.11 -4.57 3.04
C ARG A 6 -15.10 -5.12 4.05
N GLY A 7 -14.75 -6.39 3.89
CA GLY A 7 -13.79 -7.01 4.79
C GLY A 7 -12.48 -6.26 4.85
N SER A 8 -11.83 -6.30 6.01
CA SER A 8 -10.56 -5.61 6.19
C SER A 8 -9.77 -6.22 7.35
N MET A 9 -8.53 -6.62 7.07
CA MET A 9 -7.68 -7.22 8.09
C MET A 9 -6.37 -6.44 8.24
N GLN A 10 -5.72 -6.59 9.39
CA GLN A 10 -4.47 -5.88 9.65
C GLN A 10 -3.27 -6.77 9.30
N ILE A 11 -2.27 -6.16 8.67
CA ILE A 11 -1.07 -6.89 8.28
C ILE A 11 0.18 -6.21 8.81
N PHE A 12 1.31 -6.91 8.75
CA PHE A 12 2.58 -6.38 9.23
C PHE A 12 3.54 -6.15 8.08
N VAL A 13 4.09 -4.94 8.01
CA VAL A 13 5.02 -4.58 6.95
C VAL A 13 6.31 -4.00 7.53
N LYS A 14 7.44 -4.33 6.90
CA LYS A 14 8.74 -3.84 7.35
C LYS A 14 9.24 -2.73 6.44
N THR A 15 9.92 -1.74 7.03
CA THR A 15 10.45 -0.63 6.27
C THR A 15 11.96 -0.78 6.05
N LEU A 16 12.55 0.19 5.38
CA LEU A 16 13.99 0.17 5.10
C LEU A 16 14.79 0.52 6.36
N THR A 17 14.13 1.16 7.31
CA THR A 17 14.78 1.55 8.56
C THR A 17 14.54 0.51 9.65
N GLY A 18 14.34 -0.74 9.24
CA GLY A 18 14.11 -1.81 10.19
C GLY A 18 12.95 -1.50 11.12
N LYS A 19 11.96 -0.78 10.62
CA LYS A 19 10.79 -0.42 11.42
C LYS A 19 9.53 -1.07 10.85
N THR A 20 8.78 -1.74 11.73
CA THR A 20 7.55 -2.40 11.31
C THR A 20 6.35 -1.47 11.43
N ILE A 21 5.61 -1.32 10.33
CA ILE A 21 4.43 -0.46 10.31
C ILE A 21 3.16 -1.26 10.10
N THR A 22 2.14 -0.97 10.90
CA THR A 22 0.86 -1.66 10.80
C THR A 22 -0.01 -1.06 9.70
N LEU A 23 -0.54 -1.93 8.85
CA LEU A 23 -1.39 -1.49 7.75
C LEU A 23 -2.66 -2.33 7.67
N GLU A 24 -3.71 -1.76 7.09
CA GLU A 24 -4.98 -2.46 6.94
C GLU A 24 -5.43 -2.50 5.48
N VAL A 25 -5.73 -3.70 4.99
CA VAL A 25 -6.17 -3.87 3.61
C VAL A 25 -7.21 -4.98 3.50
N GLU A 26 -8.16 -4.81 2.59
CA GLU A 26 -9.22 -5.79 2.38
C GLU A 26 -8.66 -7.06 1.73
N PRO A 27 -9.32 -8.19 1.98
CA PRO A 27 -8.92 -9.48 1.43
C PRO A 27 -9.13 -9.57 -0.07
N SER A 28 -10.00 -8.71 -0.59
CA SER A 28 -10.29 -8.68 -2.02
C SER A 28 -9.56 -7.54 -2.71
N ASP A 29 -9.05 -6.60 -1.91
CA ASP A 29 -8.34 -5.45 -2.45
C ASP A 29 -7.03 -5.88 -3.11
N THR A 30 -6.45 -5.00 -3.91
CA THR A 30 -5.21 -5.29 -4.60
C THR A 30 -4.05 -4.49 -4.02
N ILE A 31 -2.84 -4.79 -4.47
CA ILE A 31 -1.65 -4.09 -4.00
C ILE A 31 -1.81 -2.58 -4.12
N GLU A 32 -2.60 -2.15 -5.09
CA GLU A 32 -2.85 -0.73 -5.32
C GLU A 32 -3.51 -0.09 -4.10
N ASN A 33 -4.36 -0.86 -3.43
CA ASN A 33 -5.06 -0.37 -2.25
C ASN A 33 -4.14 -0.36 -1.03
N VAL A 34 -3.18 -1.28 -1.00
CA VAL A 34 -2.24 -1.38 0.10
C VAL A 34 -1.37 -0.13 0.18
N LYS A 35 -0.71 0.21 -0.93
CA LYS A 35 0.16 1.37 -0.99
C LYS A 35 -0.61 2.63 -0.60
N ALA A 36 -1.91 2.63 -0.84
CA ALA A 36 -2.77 3.77 -0.52
C ALA A 36 -2.63 4.16 0.95
N LYS A 37 -2.59 3.16 1.82
CA LYS A 37 -2.46 3.39 3.26
C LYS A 37 -1.02 3.77 3.61
N ILE A 38 -0.07 3.26 2.84
CA ILE A 38 1.34 3.55 3.07
C ILE A 38 1.64 5.03 2.87
N GLN A 39 0.88 5.67 1.99
CA GLN A 39 1.06 7.09 1.71
C GLN A 39 1.00 7.91 2.99
N ASP A 40 0.16 7.48 3.91
CA ASP A 40 0.00 8.18 5.19
C ASP A 40 1.15 7.86 6.13
N LYS A 41 1.80 6.72 5.90
CA LYS A 41 2.92 6.30 6.73
C LYS A 41 4.21 7.01 6.30
N GLU A 42 4.50 6.97 5.01
CA GLU A 42 5.70 7.61 4.47
C GLU A 42 5.33 8.62 3.39
N GLY A 43 4.31 8.30 2.62
CA GLY A 43 3.88 9.20 1.56
C GLY A 43 4.81 9.16 0.35
N ILE A 44 4.87 8.01 -0.31
CA ILE A 44 5.72 7.85 -1.47
C ILE A 44 4.93 7.36 -2.68
N PRO A 45 5.40 7.71 -3.89
CA PRO A 45 4.76 7.32 -5.13
C PRO A 45 4.87 5.82 -5.40
N PRO A 46 4.08 5.34 -6.38
CA PRO A 46 4.08 3.92 -6.76
C PRO A 46 5.37 3.50 -7.46
N ASP A 47 5.97 4.44 -8.19
CA ASP A 47 7.22 4.17 -8.91
C ASP A 47 8.36 3.92 -7.93
N GLN A 48 8.22 4.43 -6.71
CA GLN A 48 9.24 4.26 -5.69
C GLN A 48 8.79 3.25 -4.64
N GLN A 49 7.48 3.09 -4.49
CA GLN A 49 6.92 2.16 -3.52
C GLN A 49 6.60 0.82 -4.17
N ARG A 50 7.24 -0.23 -3.70
CA ARG A 50 7.03 -1.57 -4.23
C ARG A 50 6.89 -2.59 -3.10
N LEU A 51 5.90 -3.48 -3.24
CA LEU A 51 5.65 -4.50 -2.23
C LEU A 51 6.34 -5.81 -2.60
N ILE A 52 6.92 -6.47 -1.61
CA ILE A 52 7.60 -7.73 -1.84
C ILE A 52 6.97 -8.86 -1.02
N PHE A 53 6.89 -10.05 -1.63
CA PHE A 53 6.31 -11.20 -0.96
C PHE A 53 7.08 -12.47 -1.31
N ALA A 54 7.66 -13.09 -0.28
CA ALA A 54 8.43 -14.32 -0.47
C ALA A 54 9.55 -14.12 -1.47
N GLY A 55 10.08 -12.90 -1.50
CA GLY A 55 11.17 -12.59 -2.42
C GLY A 55 10.66 -12.17 -3.80
N LYS A 56 9.36 -12.31 -4.01
CA LYS A 56 8.76 -11.96 -5.29
C LYS A 56 7.95 -10.67 -5.16
N GLN A 57 8.26 -9.70 -6.00
CA GLN A 57 7.54 -8.42 -5.98
C GLN A 57 6.06 -8.62 -6.26
N LEU A 58 5.25 -7.67 -5.82
CA LEU A 58 3.81 -7.73 -6.03
C LEU A 58 3.34 -6.64 -6.98
N GLU A 59 2.28 -6.93 -7.73
CA GLU A 59 1.73 -5.97 -8.68
C GLU A 59 0.21 -5.98 -8.66
N ASP A 60 -0.39 -5.01 -9.34
CA ASP A 60 -1.85 -4.91 -9.39
C ASP A 60 -2.46 -6.13 -10.08
N GLY A 61 -3.75 -6.05 -10.36
CA GLY A 61 -4.44 -7.16 -11.01
C GLY A 61 -4.94 -8.19 -10.03
N ARG A 62 -4.06 -8.65 -9.14
CA ARG A 62 -4.43 -9.65 -8.14
C ARG A 62 -4.79 -8.99 -6.82
N THR A 63 -5.36 -9.77 -5.91
CA THR A 63 -5.75 -9.26 -4.61
C THR A 63 -4.85 -9.82 -3.50
N LEU A 64 -4.87 -9.16 -2.35
CA LEU A 64 -4.07 -9.58 -1.21
C LEU A 64 -4.28 -11.07 -0.91
N SER A 65 -5.54 -11.50 -1.01
CA SER A 65 -5.88 -12.90 -0.75
C SER A 65 -5.24 -13.83 -1.78
N GLU A 66 -5.05 -13.31 -2.99
CA GLU A 66 -4.45 -14.09 -4.06
C GLU A 66 -2.95 -14.23 -3.86
N TYR A 67 -2.36 -13.26 -3.15
CA TYR A 67 -0.92 -13.27 -2.89
C TYR A 67 -0.62 -13.99 -1.58
N ASN A 68 -1.63 -14.69 -1.04
CA ASN A 68 -1.46 -15.41 0.21
C ASN A 68 -1.11 -14.46 1.35
N ILE A 69 -1.44 -13.19 1.17
CA ILE A 69 -1.16 -12.18 2.19
C ILE A 69 -2.27 -12.12 3.23
N GLN A 70 -2.05 -12.77 4.37
CA GLN A 70 -3.03 -12.80 5.44
C GLN A 70 -2.80 -11.65 6.41
N LYS A 71 -3.49 -11.69 7.55
CA LYS A 71 -3.37 -10.65 8.56
C LYS A 71 -2.05 -10.79 9.33
N GLU A 72 -1.32 -11.87 9.04
CA GLU A 72 -0.04 -12.12 9.71
C GLU A 72 1.07 -12.29 8.68
N SER A 73 0.88 -11.72 7.50
CA SER A 73 1.86 -11.81 6.43
C SER A 73 2.94 -10.75 6.60
N THR A 74 4.14 -11.06 6.12
CA THR A 74 5.27 -10.13 6.22
C THR A 74 5.53 -9.44 4.88
N LEU A 75 5.31 -8.14 4.84
CA LEU A 75 5.52 -7.36 3.63
C LEU A 75 6.79 -6.52 3.74
N HIS A 76 7.40 -6.22 2.59
CA HIS A 76 8.62 -5.42 2.56
C HIS A 76 8.53 -4.34 1.48
N LEU A 77 8.92 -3.12 1.84
CA LEU A 77 8.88 -2.00 0.91
C LEU A 77 10.29 -1.62 0.47
N VAL A 78 10.56 -1.78 -0.83
CA VAL A 78 11.86 -1.45 -1.38
C VAL A 78 11.78 -0.25 -2.33
N LEU A 79 12.67 0.73 -2.12
CA LEU A 79 12.68 1.93 -2.95
C LEU A 79 13.86 1.89 -3.92
N ARG A 80 13.61 2.32 -5.16
CA ARG A 80 14.65 2.33 -6.19
C ARG A 80 14.98 3.76 -6.59
N LEU A 81 13.94 4.57 -6.81
CA LEU A 81 14.12 5.96 -7.20
C LEU A 81 13.67 6.91 -6.09
N ARG A 82 13.69 8.21 -6.38
CA ARG A 82 13.27 9.21 -5.41
C ARG A 82 12.21 10.13 -6.01
N GLY A 83 11.23 10.50 -5.19
CA GLY A 83 10.17 11.38 -5.65
C GLY A 83 9.88 12.51 -4.68
N TYR A 84 8.84 12.34 -3.88
CA TYR A 84 8.45 13.35 -2.91
C TYR A 84 8.18 14.69 -3.59
N ALA A 85 7.58 14.63 -4.78
CA ALA A 85 7.27 15.84 -5.53
C ALA A 85 5.75 16.04 -5.63
N ASP A 86 5.03 15.58 -4.61
CA ASP A 86 3.59 15.71 -4.59
C ASP A 86 3.08 15.96 -3.17
N LEU A 87 1.77 16.12 -3.02
CA LEU A 87 1.17 16.37 -1.72
C LEU A 87 -0.07 15.49 -1.52
N ARG A 88 -0.58 15.48 -0.30
CA ARG A 88 -1.76 14.69 0.03
C ARG A 88 -2.48 15.25 1.25
N GLU A 89 -3.74 15.62 1.07
CA GLU A 89 -4.54 16.18 2.17
C GLU A 89 -6.03 16.08 1.86
N ASP A 90 -6.75 15.32 2.67
CA ASP A 90 -8.18 15.15 2.48
C ASP A 90 -8.82 14.55 3.74
N PRO A 91 -10.01 15.07 4.09
CA PRO A 91 -10.75 14.61 5.27
C PRO A 91 -11.32 13.21 5.09
N ASP A 92 -12.17 12.78 6.02
CA ASP A 92 -12.77 11.46 5.97
C ASP A 92 -11.71 10.37 6.02
N ARG A 93 -10.58 10.68 6.65
CA ARG A 93 -9.48 9.72 6.76
C ARG A 93 -9.34 9.24 8.20
N GLN A 94 -8.54 8.19 8.39
CA GLN A 94 -8.32 7.63 9.71
C GLN A 94 -9.64 7.22 10.36
N ASP A 95 -10.47 6.50 9.61
CA ASP A 95 -11.76 6.05 10.11
C ASP A 95 -11.95 4.56 9.85
N HIS A 96 -12.24 3.81 10.92
CA HIS A 96 -12.44 2.37 10.81
C HIS A 96 -13.87 2.06 10.38
N HIS A 97 -14.01 1.22 9.35
CA HIS A 97 -15.32 0.84 8.84
C HIS A 97 -15.60 -0.63 9.12
N PRO A 98 -16.88 -1.01 9.07
CA PRO A 98 -17.31 -2.39 9.32
C PRO A 98 -16.90 -3.33 8.19
N GLY A 99 -17.33 -4.59 8.28
CA GLY A 99 -17.00 -5.56 7.26
C GLY A 99 -18.21 -6.33 6.77
N SER A 100 -18.02 -7.15 5.75
CA SER A 100 -19.10 -7.94 5.18
C SER A 100 -18.57 -9.00 4.22
N GLY A 101 -19.46 -9.87 3.74
CA GLY A 101 -19.06 -10.93 2.83
C GLY A 101 -18.70 -12.21 3.55
N ALA A 102 -18.47 -13.27 2.79
CA ALA A 102 -18.12 -14.56 3.36
C ALA A 102 -16.73 -15.00 2.91
N GLN A 103 -16.17 -15.98 3.61
CA GLN A 103 -14.84 -16.49 3.29
C GLN A 103 -14.85 -18.01 3.18
N GLY A 1 -16.97 9.15 7.81
CA GLY A 1 -16.91 9.08 9.25
C GLY A 1 -15.68 8.37 9.75
N SER A 2 -15.85 7.49 10.74
CA SER A 2 -14.74 6.75 11.31
C SER A 2 -14.79 5.29 10.88
N LEU A 3 -15.92 4.63 11.16
CA LEU A 3 -16.10 3.23 10.79
C LEU A 3 -17.32 3.05 9.89
N VAL A 4 -17.15 2.28 8.82
CA VAL A 4 -18.22 2.03 7.88
C VAL A 4 -18.57 0.55 7.81
N PRO A 5 -19.81 0.24 7.41
CA PRO A 5 -20.28 -1.14 7.29
C PRO A 5 -19.60 -1.89 6.15
N ARG A 6 -18.42 -2.43 6.42
CA ARG A 6 -17.67 -3.17 5.41
C ARG A 6 -16.54 -3.98 6.06
N GLY A 7 -16.21 -5.11 5.45
CA GLY A 7 -15.15 -5.96 5.97
C GLY A 7 -13.83 -5.23 6.09
N SER A 8 -12.82 -5.92 6.60
CA SER A 8 -11.50 -5.33 6.77
C SER A 8 -10.51 -6.35 7.33
N MET A 9 -9.22 -6.13 7.05
CA MET A 9 -8.18 -7.03 7.53
C MET A 9 -6.88 -6.28 7.80
N GLN A 10 -6.27 -6.57 8.94
CA GLN A 10 -5.01 -5.91 9.31
C GLN A 10 -3.81 -6.76 8.92
N ILE A 11 -2.81 -6.12 8.33
CA ILE A 11 -1.60 -6.83 7.91
C ILE A 11 -0.35 -6.16 8.49
N PHE A 12 0.78 -6.84 8.35
CA PHE A 12 2.04 -6.32 8.86
C PHE A 12 3.01 -6.03 7.72
N VAL A 13 3.58 -4.84 7.73
CA VAL A 13 4.53 -4.43 6.69
C VAL A 13 5.82 -3.90 7.30
N LYS A 14 6.95 -4.42 6.82
CA LYS A 14 8.25 -4.01 7.31
C LYS A 14 8.86 -2.94 6.41
N THR A 15 9.48 -1.93 7.02
CA THR A 15 10.11 -0.85 6.28
C THR A 15 11.60 -1.10 6.10
N LEU A 16 12.28 -0.17 5.41
CA LEU A 16 13.71 -0.29 5.18
C LEU A 16 14.50 0.04 6.44
N THR A 17 13.85 0.71 7.38
CA THR A 17 14.50 1.08 8.63
C THR A 17 14.28 0.02 9.71
N GLY A 18 13.87 -1.18 9.27
CA GLY A 18 13.64 -2.26 10.21
C GLY A 18 12.44 -1.99 11.11
N LYS A 19 11.66 -0.98 10.76
CA LYS A 19 10.48 -0.63 11.55
C LYS A 19 9.23 -1.28 10.97
N THR A 20 8.55 -2.07 11.80
CA THR A 20 7.32 -2.75 11.37
C THR A 20 6.11 -1.87 11.58
N ILE A 21 5.41 -1.56 10.49
CA ILE A 21 4.21 -0.73 10.54
C ILE A 21 2.96 -1.53 10.23
N THR A 22 1.93 -1.35 11.03
CA THR A 22 0.68 -2.07 10.85
C THR A 22 -0.23 -1.34 9.86
N LEU A 23 -0.76 -2.07 8.89
CA LEU A 23 -1.64 -1.49 7.88
C LEU A 23 -2.98 -2.22 7.84
N GLU A 24 -4.00 -1.54 7.33
CA GLU A 24 -5.33 -2.13 7.24
C GLU A 24 -5.80 -2.15 5.78
N VAL A 25 -6.03 -3.35 5.26
CA VAL A 25 -6.49 -3.52 3.88
C VAL A 25 -7.44 -4.71 3.77
N GLU A 26 -8.42 -4.58 2.88
CA GLU A 26 -9.40 -5.64 2.66
C GLU A 26 -8.74 -6.88 2.05
N PRO A 27 -9.34 -8.05 2.29
CA PRO A 27 -8.83 -9.32 1.78
C PRO A 27 -8.99 -9.44 0.27
N SER A 28 -9.78 -8.54 -0.31
CA SER A 28 -10.01 -8.55 -1.75
C SER A 28 -9.27 -7.40 -2.43
N ASP A 29 -8.79 -6.45 -1.63
CA ASP A 29 -8.06 -5.32 -2.15
C ASP A 29 -6.77 -5.76 -2.82
N THR A 30 -6.21 -4.89 -3.66
CA THR A 30 -4.98 -5.19 -4.37
C THR A 30 -3.80 -4.39 -3.82
N ILE A 31 -2.60 -4.69 -4.29
CA ILE A 31 -1.41 -3.99 -3.84
C ILE A 31 -1.57 -2.48 -3.95
N GLU A 32 -2.38 -2.05 -4.91
CA GLU A 32 -2.63 -0.63 -5.12
C GLU A 32 -3.33 -0.01 -3.92
N ASN A 33 -4.19 -0.80 -3.29
CA ASN A 33 -4.94 -0.33 -2.12
C ASN A 33 -4.04 -0.29 -0.88
N VAL A 34 -3.12 -1.24 -0.80
CA VAL A 34 -2.20 -1.31 0.33
C VAL A 34 -1.28 -0.08 0.37
N LYS A 35 -0.65 0.20 -0.77
CA LYS A 35 0.25 1.35 -0.87
C LYS A 35 -0.47 2.65 -0.52
N ALA A 36 -1.78 2.68 -0.74
CA ALA A 36 -2.59 3.86 -0.45
C ALA A 36 -2.42 4.27 1.02
N LYS A 37 -2.51 3.30 1.92
CA LYS A 37 -2.38 3.56 3.34
C LYS A 37 -0.93 3.89 3.70
N ILE A 38 0.01 3.33 2.95
CA ILE A 38 1.42 3.58 3.18
C ILE A 38 1.78 5.03 2.93
N GLN A 39 1.06 5.66 2.01
CA GLN A 39 1.30 7.07 1.68
C GLN A 39 1.25 7.94 2.94
N ASP A 40 0.37 7.58 3.87
CA ASP A 40 0.23 8.33 5.11
C ASP A 40 1.36 7.99 6.08
N LYS A 41 1.96 6.81 5.91
CA LYS A 41 3.05 6.36 6.76
C LYS A 41 4.36 7.01 6.34
N GLU A 42 4.68 6.91 5.05
CA GLU A 42 5.91 7.48 4.52
C GLU A 42 5.62 8.47 3.41
N GLY A 43 4.59 8.17 2.62
CA GLY A 43 4.22 9.05 1.52
C GLY A 43 5.18 8.93 0.34
N ILE A 44 5.07 7.86 -0.40
CA ILE A 44 5.93 7.64 -1.56
C ILE A 44 5.12 7.40 -2.82
N PRO A 45 5.69 7.74 -3.98
CA PRO A 45 5.03 7.57 -5.28
C PRO A 45 4.91 6.11 -5.68
N PRO A 46 4.09 5.84 -6.71
CA PRO A 46 3.87 4.48 -7.20
C PRO A 46 5.10 3.91 -7.89
N ASP A 47 5.82 4.76 -8.62
CA ASP A 47 7.02 4.33 -9.33
C ASP A 47 8.09 3.84 -8.35
N GLN A 48 8.16 4.48 -7.20
CA GLN A 48 9.13 4.11 -6.18
C GLN A 48 8.55 3.07 -5.23
N GLN A 49 7.22 3.05 -5.11
CA GLN A 49 6.55 2.11 -4.23
C GLN A 49 6.53 0.71 -4.84
N ARG A 50 7.15 -0.25 -4.15
CA ARG A 50 7.21 -1.62 -4.62
C ARG A 50 7.21 -2.60 -3.45
N LEU A 51 6.24 -3.50 -3.43
CA LEU A 51 6.15 -4.49 -2.37
C LEU A 51 6.82 -5.79 -2.77
N ILE A 52 7.50 -6.42 -1.82
CA ILE A 52 8.20 -7.68 -2.07
C ILE A 52 7.66 -8.79 -1.17
N PHE A 53 7.22 -9.87 -1.80
CA PHE A 53 6.68 -11.01 -1.06
C PHE A 53 7.37 -12.30 -1.48
N ALA A 54 7.95 -13.00 -0.50
CA ALA A 54 8.65 -14.26 -0.76
C ALA A 54 9.68 -14.08 -1.87
N GLY A 55 10.48 -13.03 -1.76
CA GLY A 55 11.50 -12.77 -2.76
C GLY A 55 10.92 -12.52 -4.14
N LYS A 56 9.63 -12.20 -4.19
CA LYS A 56 8.96 -11.94 -5.45
C LYS A 56 8.22 -10.60 -5.41
N GLN A 57 8.52 -9.74 -6.38
CA GLN A 57 7.89 -8.43 -6.46
C GLN A 57 6.39 -8.56 -6.63
N LEU A 58 5.63 -7.71 -5.95
CA LEU A 58 4.17 -7.72 -6.04
C LEU A 58 3.67 -6.69 -7.03
N GLU A 59 2.54 -6.97 -7.66
CA GLU A 59 1.95 -6.05 -8.63
C GLU A 59 0.44 -5.98 -8.46
N ASP A 60 -0.20 -5.11 -9.24
CA ASP A 60 -1.64 -4.94 -9.19
C ASP A 60 -2.36 -6.11 -9.85
N GLY A 61 -3.68 -5.99 -10.01
CA GLY A 61 -4.44 -7.05 -10.63
C GLY A 61 -4.92 -8.09 -9.64
N ARG A 62 -3.98 -8.59 -8.82
CA ARG A 62 -4.32 -9.60 -7.82
C ARG A 62 -4.57 -8.96 -6.47
N THR A 63 -5.11 -9.73 -5.54
CA THR A 63 -5.40 -9.24 -4.20
C THR A 63 -4.46 -9.84 -3.17
N LEU A 64 -4.33 -9.17 -2.03
CA LEU A 64 -3.46 -9.64 -0.96
C LEU A 64 -3.76 -11.09 -0.59
N SER A 65 -5.05 -11.45 -0.63
CA SER A 65 -5.46 -12.80 -0.31
C SER A 65 -4.95 -13.80 -1.35
N GLU A 66 -4.91 -13.36 -2.61
CA GLU A 66 -4.44 -14.21 -3.68
C GLU A 66 -2.92 -14.36 -3.64
N TYR A 67 -2.26 -13.43 -2.97
CA TYR A 67 -0.80 -13.46 -2.85
C TYR A 67 -0.37 -14.23 -1.61
N ASN A 68 -1.31 -14.95 -1.01
CA ASN A 68 -1.03 -15.74 0.18
C ASN A 68 -0.67 -14.83 1.36
N ILE A 69 -1.17 -13.60 1.31
CA ILE A 69 -0.91 -12.63 2.37
C ILE A 69 -2.04 -12.62 3.40
N GLN A 70 -1.75 -13.14 4.59
CA GLN A 70 -2.73 -13.18 5.65
C GLN A 70 -2.69 -11.92 6.50
N LYS A 71 -3.41 -11.93 7.61
CA LYS A 71 -3.45 -10.77 8.51
C LYS A 71 -2.14 -10.62 9.27
N GLU A 72 -1.37 -11.71 9.33
CA GLU A 72 -0.10 -11.70 10.03
C GLU A 72 1.06 -11.93 9.05
N SER A 73 0.83 -11.61 7.78
CA SER A 73 1.85 -11.79 6.76
C SER A 73 3.00 -10.81 6.96
N THR A 74 3.95 -10.83 6.02
CA THR A 74 5.10 -9.94 6.09
C THR A 74 5.36 -9.27 4.74
N LEU A 75 5.18 -7.95 4.70
CA LEU A 75 5.39 -7.19 3.48
C LEU A 75 6.71 -6.42 3.53
N HIS A 76 7.28 -6.15 2.37
CA HIS A 76 8.54 -5.42 2.29
C HIS A 76 8.45 -4.30 1.24
N LEU A 77 8.62 -3.07 1.71
CA LEU A 77 8.55 -1.90 0.82
C LEU A 77 9.95 -1.47 0.39
N VAL A 78 10.23 -1.59 -0.90
CA VAL A 78 11.53 -1.20 -1.44
C VAL A 78 11.41 -0.01 -2.38
N LEU A 79 12.28 0.97 -2.20
CA LEU A 79 12.27 2.16 -3.03
C LEU A 79 13.33 2.09 -4.12
N ARG A 80 12.97 2.52 -5.33
CA ARG A 80 13.90 2.48 -6.46
C ARG A 80 14.58 3.84 -6.63
N LEU A 81 13.79 4.91 -6.58
CA LEU A 81 14.32 6.26 -6.73
C LEU A 81 14.16 7.06 -5.45
N ARG A 82 14.65 8.29 -5.46
CA ARG A 82 14.56 9.15 -4.28
C ARG A 82 13.18 9.78 -4.17
N GLY A 83 12.57 9.66 -2.99
CA GLY A 83 11.25 10.21 -2.78
C GLY A 83 11.30 11.61 -2.21
N TYR A 84 11.95 12.52 -2.93
CA TYR A 84 12.08 13.91 -2.49
C TYR A 84 11.05 14.79 -3.19
N ALA A 85 9.80 14.67 -2.77
CA ALA A 85 8.72 15.47 -3.35
C ALA A 85 7.40 15.24 -2.61
N ASP A 86 6.78 16.33 -2.18
CA ASP A 86 5.51 16.26 -1.46
C ASP A 86 4.34 16.28 -2.43
N LEU A 87 3.17 15.86 -1.95
CA LEU A 87 1.97 15.84 -2.77
C LEU A 87 1.01 16.95 -2.37
N ARG A 88 -0.13 17.02 -3.05
CA ARG A 88 -1.13 18.04 -2.76
C ARG A 88 -2.48 17.66 -3.34
N GLU A 89 -3.55 18.03 -2.63
CA GLU A 89 -4.91 17.72 -3.07
C GLU A 89 -5.84 18.90 -2.84
N ASP A 90 -7.11 18.73 -3.19
CA ASP A 90 -8.11 19.78 -3.02
C ASP A 90 -9.52 19.21 -3.11
N PRO A 91 -9.90 18.43 -2.09
CA PRO A 91 -11.23 17.81 -2.03
C PRO A 91 -12.34 18.82 -1.79
N ASP A 92 -13.18 19.02 -2.80
CA ASP A 92 -14.29 19.97 -2.69
C ASP A 92 -15.63 19.28 -2.98
N ARG A 93 -15.70 18.58 -4.11
CA ARG A 93 -16.91 17.88 -4.49
C ARG A 93 -17.38 16.94 -3.38
N GLN A 94 -18.68 16.92 -3.13
CA GLN A 94 -19.25 16.07 -2.09
C GLN A 94 -20.63 15.57 -2.50
N ASP A 95 -21.06 14.48 -1.87
CA ASP A 95 -22.37 13.90 -2.17
C ASP A 95 -23.32 14.06 -0.98
N HIS A 96 -24.55 13.59 -1.15
CA HIS A 96 -25.56 13.69 -0.09
C HIS A 96 -26.67 12.67 -0.31
N HIS A 97 -27.37 12.34 0.77
CA HIS A 97 -28.46 11.37 0.70
C HIS A 97 -29.82 12.07 0.76
N PRO A 98 -30.87 11.38 0.32
CA PRO A 98 -32.23 11.91 0.30
C PRO A 98 -32.81 12.05 1.70
N GLY A 99 -34.10 12.38 1.78
CA GLY A 99 -34.74 12.54 3.07
C GLY A 99 -36.12 11.89 3.12
N SER A 100 -36.31 10.88 2.30
CA SER A 100 -37.59 10.17 2.25
C SER A 100 -37.47 8.77 2.83
N GLY A 101 -38.61 8.14 3.09
CA GLY A 101 -38.62 6.81 3.66
C GLY A 101 -39.80 6.56 4.57
N ALA A 102 -40.99 6.88 4.09
CA ALA A 102 -42.20 6.69 4.88
C ALA A 102 -43.36 6.22 4.01
N GLN A 103 -44.38 5.64 4.63
CA GLN A 103 -45.54 5.14 3.91
C GLN A 103 -46.83 5.66 4.53
N GLY A 1 -20.39 10.69 7.85
CA GLY A 1 -21.01 9.64 8.64
C GLY A 1 -19.99 8.78 9.35
N SER A 2 -20.39 7.57 9.72
CA SER A 2 -19.49 6.66 10.43
C SER A 2 -19.08 5.50 9.52
N LEU A 3 -17.97 4.87 9.86
CA LEU A 3 -17.46 3.74 9.08
C LEU A 3 -17.27 2.51 9.96
N VAL A 4 -17.70 1.36 9.45
CA VAL A 4 -17.58 0.10 10.17
C VAL A 4 -16.62 -0.85 9.48
N PRO A 5 -16.05 -1.78 10.26
CA PRO A 5 -15.10 -2.78 9.73
C PRO A 5 -15.77 -3.81 8.82
N ARG A 6 -15.55 -3.67 7.52
CA ARG A 6 -16.14 -4.60 6.55
C ARG A 6 -15.08 -5.09 5.56
N GLY A 7 -14.64 -6.33 5.75
CA GLY A 7 -13.64 -6.90 4.88
C GLY A 7 -12.33 -6.13 4.90
N SER A 8 -11.69 -6.13 6.07
CA SER A 8 -10.42 -5.42 6.22
C SER A 8 -9.61 -6.00 7.36
N MET A 9 -8.40 -6.47 7.05
CA MET A 9 -7.53 -7.07 8.05
C MET A 9 -6.20 -6.31 8.13
N GLN A 10 -5.53 -6.42 9.27
CA GLN A 10 -4.25 -5.74 9.47
C GLN A 10 -3.09 -6.68 9.15
N ILE A 11 -2.05 -6.13 8.54
CA ILE A 11 -0.87 -6.92 8.19
C ILE A 11 0.40 -6.30 8.75
N PHE A 12 1.51 -7.02 8.66
CA PHE A 12 2.79 -6.54 9.16
C PHE A 12 3.76 -6.28 8.01
N VAL A 13 4.33 -5.08 7.98
CA VAL A 13 5.27 -4.71 6.93
C VAL A 13 6.57 -4.18 7.53
N LYS A 14 7.69 -4.52 6.90
CA LYS A 14 9.00 -4.07 7.37
C LYS A 14 9.56 -2.97 6.47
N THR A 15 9.87 -1.83 7.07
CA THR A 15 10.41 -0.70 6.32
C THR A 15 11.92 -0.81 6.18
N LEU A 16 12.52 0.16 5.48
CA LEU A 16 13.96 0.17 5.27
C LEU A 16 14.69 0.63 6.54
N THR A 17 13.95 1.31 7.41
CA THR A 17 14.53 1.80 8.65
C THR A 17 14.28 0.82 9.80
N GLY A 18 14.17 -0.46 9.47
CA GLY A 18 13.93 -1.47 10.47
C GLY A 18 12.74 -1.14 11.36
N LYS A 19 11.73 -0.51 10.77
CA LYS A 19 10.53 -0.15 11.51
C LYS A 19 9.32 -0.91 10.99
N THR A 20 8.68 -1.67 11.88
CA THR A 20 7.50 -2.45 11.52
C THR A 20 6.22 -1.63 11.69
N ILE A 21 5.48 -1.48 10.59
CA ILE A 21 4.24 -0.73 10.62
C ILE A 21 3.06 -1.59 10.21
N THR A 22 1.97 -1.50 10.97
CA THR A 22 0.77 -2.28 10.69
C THR A 22 -0.14 -1.56 9.70
N LEU A 23 -0.41 -2.20 8.57
CA LEU A 23 -1.26 -1.62 7.54
C LEU A 23 -2.56 -2.40 7.41
N GLU A 24 -3.65 -1.70 7.11
CA GLU A 24 -4.96 -2.32 6.96
C GLU A 24 -5.34 -2.40 5.49
N VAL A 25 -5.69 -3.61 5.03
CA VAL A 25 -6.09 -3.82 3.64
C VAL A 25 -7.18 -4.89 3.54
N GLU A 26 -8.09 -4.71 2.59
CA GLU A 26 -9.18 -5.66 2.39
C GLU A 26 -8.66 -6.96 1.77
N PRO A 27 -9.38 -8.05 2.03
CA PRO A 27 -9.01 -9.38 1.52
C PRO A 27 -9.20 -9.48 0.01
N SER A 28 -10.02 -8.60 -0.55
CA SER A 28 -10.29 -8.60 -1.98
C SER A 28 -9.53 -7.48 -2.68
N ASP A 29 -9.02 -6.54 -1.89
CA ASP A 29 -8.26 -5.41 -2.42
C ASP A 29 -6.97 -5.88 -3.07
N THR A 30 -6.38 -5.02 -3.90
CA THR A 30 -5.13 -5.35 -4.58
C THR A 30 -3.97 -4.55 -4.02
N ILE A 31 -2.77 -4.88 -4.47
CA ILE A 31 -1.56 -4.18 -4.01
C ILE A 31 -1.71 -2.67 -4.17
N GLU A 32 -2.50 -2.26 -5.15
CA GLU A 32 -2.72 -0.84 -5.42
C GLU A 32 -3.37 -0.17 -4.21
N ASN A 33 -4.26 -0.89 -3.53
CA ASN A 33 -4.95 -0.36 -2.36
C ASN A 33 -4.02 -0.36 -1.14
N VAL A 34 -3.10 -1.31 -1.10
CA VAL A 34 -2.16 -1.42 0.01
C VAL A 34 -1.28 -0.19 0.11
N LYS A 35 -0.62 0.15 -0.99
CA LYS A 35 0.26 1.32 -1.04
C LYS A 35 -0.50 2.58 -0.65
N ALA A 36 -1.81 2.58 -0.90
CA ALA A 36 -2.64 3.73 -0.57
C ALA A 36 -2.53 4.10 0.90
N LYS A 37 -2.47 3.09 1.75
CA LYS A 37 -2.35 3.29 3.20
C LYS A 37 -0.93 3.70 3.57
N ILE A 38 0.04 3.20 2.81
CA ILE A 38 1.44 3.50 3.06
C ILE A 38 1.72 5.00 2.85
N GLN A 39 0.98 5.62 1.95
CA GLN A 39 1.14 7.04 1.66
C GLN A 39 1.04 7.86 2.93
N ASP A 40 0.18 7.44 3.85
CA ASP A 40 -0.01 8.14 5.11
C ASP A 40 1.11 7.83 6.08
N LYS A 41 1.76 6.68 5.88
CA LYS A 41 2.86 6.26 6.73
C LYS A 41 4.15 6.99 6.36
N GLU A 42 4.49 6.95 5.09
CA GLU A 42 5.71 7.60 4.59
C GLU A 42 5.38 8.61 3.49
N GLY A 43 4.38 8.28 2.68
CA GLY A 43 3.98 9.16 1.60
C GLY A 43 4.96 9.14 0.45
N ILE A 44 4.99 8.04 -0.29
CA ILE A 44 5.90 7.90 -1.43
C ILE A 44 5.13 7.55 -2.70
N PRO A 45 5.69 7.94 -3.86
CA PRO A 45 5.08 7.68 -5.16
C PRO A 45 5.12 6.20 -5.53
N PRO A 46 4.36 5.83 -6.57
CA PRO A 46 4.30 4.45 -7.06
C PRO A 46 5.60 4.00 -7.71
N ASP A 47 6.30 4.94 -8.32
CA ASP A 47 7.56 4.64 -8.99
C ASP A 47 8.58 4.08 -8.00
N GLN A 48 8.47 4.48 -6.74
CA GLN A 48 9.37 4.02 -5.70
C GLN A 48 8.67 3.03 -4.77
N GLN A 49 7.35 3.13 -4.69
CA GLN A 49 6.57 2.25 -3.84
C GLN A 49 6.42 0.87 -4.48
N ARG A 50 7.00 -0.14 -3.83
CA ARG A 50 6.93 -1.50 -4.34
C ARG A 50 6.83 -2.50 -3.19
N LEU A 51 5.83 -3.37 -3.27
CA LEU A 51 5.60 -4.38 -2.23
C LEU A 51 6.27 -5.71 -2.61
N ILE A 52 6.93 -6.33 -1.64
CA ILE A 52 7.60 -7.59 -1.87
C ILE A 52 6.99 -8.71 -1.03
N PHE A 53 6.89 -9.90 -1.61
CA PHE A 53 6.32 -11.03 -0.90
C PHE A 53 7.07 -12.32 -1.25
N ALA A 54 7.65 -12.95 -0.23
CA ALA A 54 8.40 -14.19 -0.42
C ALA A 54 9.48 -14.01 -1.49
N GLY A 55 10.14 -12.85 -1.47
CA GLY A 55 11.19 -12.59 -2.45
C GLY A 55 10.64 -12.36 -3.84
N LYS A 56 9.35 -12.05 -3.93
CA LYS A 56 8.70 -11.81 -5.21
C LYS A 56 7.93 -10.50 -5.20
N GLN A 57 8.24 -9.64 -6.17
CA GLN A 57 7.58 -8.34 -6.27
C GLN A 57 6.09 -8.51 -6.54
N LEU A 58 5.28 -7.68 -5.89
CA LEU A 58 3.83 -7.73 -6.07
C LEU A 58 3.35 -6.64 -7.00
N GLU A 59 2.26 -6.91 -7.73
CA GLU A 59 1.70 -5.94 -8.66
C GLU A 59 0.17 -5.96 -8.60
N ASP A 60 -0.45 -5.02 -9.31
CA ASP A 60 -1.90 -4.92 -9.34
C ASP A 60 -2.51 -6.15 -10.02
N GLY A 61 -3.81 -6.08 -10.26
CA GLY A 61 -4.51 -7.20 -10.90
C GLY A 61 -5.00 -8.22 -9.90
N ARG A 62 -4.09 -8.73 -9.08
CA ARG A 62 -4.45 -9.72 -8.07
C ARG A 62 -4.80 -9.06 -6.74
N THR A 63 -5.36 -9.84 -5.83
CA THR A 63 -5.75 -9.32 -4.52
C THR A 63 -4.86 -9.89 -3.42
N LEU A 64 -4.85 -9.23 -2.27
CA LEU A 64 -4.04 -9.67 -1.14
C LEU A 64 -4.31 -11.13 -0.81
N SER A 65 -5.58 -11.54 -0.92
CA SER A 65 -5.97 -12.91 -0.64
C SER A 65 -5.38 -13.86 -1.66
N GLU A 66 -5.19 -13.37 -2.89
CA GLU A 66 -4.62 -14.18 -3.96
C GLU A 66 -3.13 -14.38 -3.77
N TYR A 67 -2.49 -13.43 -3.09
CA TYR A 67 -1.06 -13.50 -2.84
C TYR A 67 -0.77 -14.22 -1.52
N ASN A 68 -1.79 -14.85 -0.97
CA ASN A 68 -1.65 -15.57 0.29
C ASN A 68 -1.23 -14.63 1.41
N ILE A 69 -1.56 -13.35 1.26
CA ILE A 69 -1.22 -12.35 2.26
C ILE A 69 -2.30 -12.26 3.34
N GLN A 70 -2.06 -12.91 4.47
CA GLN A 70 -3.01 -12.91 5.57
C GLN A 70 -2.76 -11.71 6.49
N LYS A 71 -3.43 -11.71 7.64
CA LYS A 71 -3.29 -10.63 8.61
C LYS A 71 -1.98 -10.75 9.37
N GLU A 72 -1.25 -11.84 9.12
CA GLU A 72 0.03 -12.07 9.80
C GLU A 72 1.17 -12.08 8.78
N SER A 73 0.83 -12.07 7.50
CA SER A 73 1.82 -12.08 6.44
C SER A 73 2.79 -10.91 6.59
N THR A 74 4.03 -11.12 6.18
CA THR A 74 5.05 -10.08 6.27
C THR A 74 5.32 -9.44 4.91
N LEU A 75 5.17 -8.13 4.85
CA LEU A 75 5.39 -7.40 3.61
C LEU A 75 6.67 -6.56 3.68
N HIS A 76 7.26 -6.29 2.53
CA HIS A 76 8.49 -5.50 2.46
C HIS A 76 8.38 -4.40 1.42
N LEU A 77 8.76 -3.19 1.80
CA LEU A 77 8.70 -2.05 0.89
C LEU A 77 10.10 -1.63 0.44
N VAL A 78 10.37 -1.77 -0.86
CA VAL A 78 11.67 -1.40 -1.41
C VAL A 78 11.55 -0.19 -2.34
N LEU A 79 12.49 0.74 -2.20
CA LEU A 79 12.49 1.95 -3.03
C LEU A 79 13.55 1.85 -4.12
N ARG A 80 13.17 2.27 -5.33
CA ARG A 80 14.08 2.23 -6.46
C ARG A 80 14.91 3.52 -6.54
N LEU A 81 14.25 4.63 -6.82
CA LEU A 81 14.92 5.91 -6.93
C LEU A 81 15.40 6.38 -5.56
N ARG A 82 14.46 6.83 -4.73
CA ARG A 82 14.80 7.31 -3.39
C ARG A 82 15.54 6.24 -2.60
N GLY A 83 16.54 6.67 -1.82
CA GLY A 83 17.31 5.73 -1.03
C GLY A 83 17.05 5.87 0.46
N TYR A 84 16.67 7.08 0.88
CA TYR A 84 16.39 7.35 2.28
C TYR A 84 14.90 7.47 2.53
N ALA A 85 14.53 7.80 3.76
CA ALA A 85 13.12 7.94 4.13
C ALA A 85 12.86 9.31 4.75
N ASP A 86 11.59 9.59 5.01
CA ASP A 86 11.20 10.86 5.59
C ASP A 86 11.09 10.75 7.11
N LEU A 87 10.63 11.82 7.75
CA LEU A 87 10.47 11.85 9.19
C LEU A 87 9.55 10.73 9.66
N ARG A 88 9.39 10.62 10.98
CA ARG A 88 8.53 9.59 11.55
C ARG A 88 7.26 10.20 12.15
N GLU A 89 6.12 9.88 11.59
CA GLU A 89 4.84 10.39 12.06
C GLU A 89 3.67 9.65 11.42
N ASP A 90 2.72 9.24 12.25
CA ASP A 90 1.54 8.52 11.76
C ASP A 90 0.55 8.29 12.90
N PRO A 91 -0.71 8.03 12.52
CA PRO A 91 -1.79 7.78 13.48
C PRO A 91 -1.63 6.46 14.23
N ASP A 92 -2.65 6.08 14.99
CA ASP A 92 -2.61 4.83 15.74
C ASP A 92 -3.71 3.88 15.27
N ARG A 93 -4.96 4.26 15.52
CA ARG A 93 -6.10 3.44 15.12
C ARG A 93 -7.41 4.18 15.37
N GLN A 94 -8.50 3.63 14.84
CA GLN A 94 -9.82 4.24 15.00
C GLN A 94 -10.66 3.47 16.01
N ASP A 95 -10.77 2.16 15.80
CA ASP A 95 -11.55 1.30 16.68
C ASP A 95 -11.39 -0.16 16.31
N HIS A 96 -11.32 -1.02 17.32
CA HIS A 96 -11.17 -2.46 17.09
C HIS A 96 -12.14 -3.25 17.97
N HIS A 97 -12.40 -4.50 17.56
CA HIS A 97 -13.32 -5.36 18.30
C HIS A 97 -12.81 -6.80 18.30
N PRO A 98 -13.31 -7.60 19.25
CA PRO A 98 -12.93 -9.01 19.39
C PRO A 98 -13.47 -9.86 18.26
N GLY A 99 -12.63 -10.09 17.24
CA GLY A 99 -13.05 -10.89 16.11
C GLY A 99 -12.03 -11.96 15.75
N SER A 100 -12.39 -13.22 15.99
CA SER A 100 -11.50 -14.35 15.71
C SER A 100 -12.16 -15.33 14.74
N GLY A 101 -11.36 -15.84 13.80
CA GLY A 101 -11.89 -16.78 12.83
C GLY A 101 -10.79 -17.51 12.09
N ALA A 102 -10.87 -18.85 12.06
CA ALA A 102 -9.87 -19.66 11.38
C ALA A 102 -10.30 -21.12 11.34
N GLN A 103 -9.55 -21.94 10.60
CA GLN A 103 -9.84 -23.36 10.49
C GLN A 103 -8.74 -24.20 11.12
N GLY A 1 -19.35 2.34 19.36
CA GLY A 1 -19.49 3.79 19.42
C GLY A 1 -19.60 4.41 18.04
N SER A 2 -18.53 4.35 17.27
CA SER A 2 -18.51 4.91 15.92
C SER A 2 -17.95 3.92 14.92
N LEU A 3 -18.35 2.66 15.06
CA LEU A 3 -17.89 1.61 14.16
C LEU A 3 -19.06 0.88 13.52
N VAL A 4 -18.92 0.54 12.24
CA VAL A 4 -19.97 -0.16 11.52
C VAL A 4 -19.50 -1.55 11.09
N PRO A 5 -20.48 -2.45 10.87
CA PRO A 5 -20.20 -3.82 10.46
C PRO A 5 -19.67 -3.91 9.03
N ARG A 6 -18.35 -3.77 8.88
CA ARG A 6 -17.72 -3.83 7.56
C ARG A 6 -16.54 -4.79 7.57
N GLY A 7 -15.97 -5.02 6.39
CA GLY A 7 -14.83 -5.93 6.28
C GLY A 7 -13.50 -5.19 6.32
N SER A 8 -12.51 -5.81 6.93
CA SER A 8 -11.18 -5.21 7.04
C SER A 8 -10.19 -6.17 7.69
N MET A 9 -8.93 -6.08 7.29
CA MET A 9 -7.89 -6.94 7.85
C MET A 9 -6.57 -6.19 7.96
N GLN A 10 -5.90 -6.35 9.10
CA GLN A 10 -4.63 -5.68 9.33
C GLN A 10 -3.46 -6.62 9.06
N ILE A 11 -2.36 -6.07 8.55
CA ILE A 11 -1.18 -6.86 8.23
C ILE A 11 0.08 -6.20 8.78
N PHE A 12 1.19 -6.92 8.72
CA PHE A 12 2.46 -6.41 9.21
C PHE A 12 3.44 -6.19 8.06
N VAL A 13 4.04 -5.01 8.02
CA VAL A 13 5.00 -4.67 6.97
C VAL A 13 6.30 -4.15 7.57
N LYS A 14 7.41 -4.51 6.93
CA LYS A 14 8.73 -4.09 7.39
C LYS A 14 9.29 -2.99 6.50
N THR A 15 9.83 -1.94 7.11
CA THR A 15 10.41 -0.84 6.37
C THR A 15 11.91 -1.03 6.15
N LEU A 16 12.48 -0.22 5.27
CA LEU A 16 13.91 -0.30 4.98
C LEU A 16 14.74 0.15 6.18
N THR A 17 14.20 1.10 6.94
CA THR A 17 14.88 1.61 8.12
C THR A 17 14.98 0.55 9.21
N GLY A 18 14.05 -0.41 9.18
CA GLY A 18 14.05 -1.47 10.18
C GLY A 18 12.89 -1.35 11.14
N LYS A 19 11.86 -0.61 10.74
CA LYS A 19 10.67 -0.42 11.57
C LYS A 19 9.49 -1.21 11.03
N THR A 20 8.73 -1.82 11.93
CA THR A 20 7.56 -2.60 11.54
C THR A 20 6.28 -1.80 11.72
N ILE A 21 5.59 -1.56 10.61
CA ILE A 21 4.34 -0.80 10.64
C ILE A 21 3.16 -1.66 10.19
N THR A 22 2.07 -1.59 10.94
CA THR A 22 0.87 -2.36 10.61
C THR A 22 -0.04 -1.60 9.67
N LEU A 23 -0.39 -2.21 8.55
CA LEU A 23 -1.26 -1.58 7.57
C LEU A 23 -2.63 -2.25 7.55
N GLU A 24 -3.63 -1.53 7.06
CA GLU A 24 -4.99 -2.06 6.98
C GLU A 24 -5.42 -2.25 5.53
N VAL A 25 -5.69 -3.50 5.15
CA VAL A 25 -6.10 -3.82 3.79
C VAL A 25 -7.13 -4.94 3.78
N GLU A 26 -8.07 -4.87 2.85
CA GLU A 26 -9.12 -5.88 2.73
C GLU A 26 -8.58 -7.13 2.00
N PRO A 27 -9.20 -8.28 2.29
CA PRO A 27 -8.81 -9.56 1.67
C PRO A 27 -9.16 -9.61 0.18
N SER A 28 -10.06 -8.73 -0.24
CA SER A 28 -10.48 -8.68 -1.63
C SER A 28 -9.79 -7.53 -2.38
N ASP A 29 -9.19 -6.62 -1.61
CA ASP A 29 -8.50 -5.48 -2.19
C ASP A 29 -7.26 -5.93 -2.97
N THR A 30 -6.65 -5.00 -3.70
CA THR A 30 -5.47 -5.31 -4.49
C THR A 30 -4.26 -4.52 -3.99
N ILE A 31 -3.09 -4.83 -4.52
CA ILE A 31 -1.87 -4.16 -4.12
C ILE A 31 -2.01 -2.64 -4.24
N GLU A 32 -2.61 -2.19 -5.34
CA GLU A 32 -2.81 -0.77 -5.57
C GLU A 32 -3.51 -0.13 -4.37
N ASN A 33 -4.37 -0.88 -3.72
CA ASN A 33 -5.10 -0.38 -2.56
C ASN A 33 -4.22 -0.36 -1.32
N VAL A 34 -3.27 -1.29 -1.27
CA VAL A 34 -2.34 -1.37 -0.14
C VAL A 34 -1.46 -0.13 -0.05
N LYS A 35 -0.76 0.17 -1.14
CA LYS A 35 0.11 1.33 -1.19
C LYS A 35 -0.63 2.60 -0.79
N ALA A 36 -1.94 2.61 -1.02
CA ALA A 36 -2.77 3.76 -0.68
C ALA A 36 -2.62 4.13 0.78
N LYS A 37 -2.58 3.12 1.64
CA LYS A 37 -2.44 3.35 3.08
C LYS A 37 -1.00 3.71 3.44
N ILE A 38 -0.06 3.20 2.65
CA ILE A 38 1.36 3.47 2.88
C ILE A 38 1.66 4.96 2.73
N GLN A 39 0.89 5.64 1.89
CA GLN A 39 1.08 7.06 1.66
C GLN A 39 1.03 7.83 2.97
N ASP A 40 0.21 7.35 3.90
CA ASP A 40 0.08 8.00 5.21
C ASP A 40 1.26 7.66 6.10
N LYS A 41 1.93 6.56 5.81
CA LYS A 41 3.09 6.13 6.59
C LYS A 41 4.35 6.85 6.13
N GLU A 42 4.60 6.85 4.82
CA GLU A 42 5.77 7.51 4.27
C GLU A 42 5.36 8.56 3.24
N GLY A 43 4.31 8.27 2.50
CA GLY A 43 3.83 9.19 1.49
C GLY A 43 4.70 9.20 0.24
N ILE A 44 4.80 8.05 -0.42
CA ILE A 44 5.60 7.93 -1.63
C ILE A 44 4.78 7.40 -2.79
N PRO A 45 5.17 7.77 -4.01
CA PRO A 45 4.49 7.33 -5.23
C PRO A 45 4.68 5.85 -5.51
N PRO A 46 3.86 5.31 -6.42
CA PRO A 46 3.92 3.89 -6.80
C PRO A 46 5.18 3.56 -7.60
N ASP A 47 5.69 4.55 -8.32
CA ASP A 47 6.89 4.37 -9.13
C ASP A 47 8.11 4.12 -8.24
N GLN A 48 8.16 4.83 -7.11
CA GLN A 48 9.28 4.69 -6.18
C GLN A 48 8.98 3.63 -5.13
N GLN A 49 7.69 3.39 -4.89
CA GLN A 49 7.27 2.40 -3.91
C GLN A 49 7.11 1.03 -4.55
N ARG A 50 7.44 -0.02 -3.80
CA ARG A 50 7.32 -1.38 -4.31
C ARG A 50 7.18 -2.38 -3.16
N LEU A 51 6.18 -3.24 -3.23
CA LEU A 51 5.93 -4.23 -2.20
C LEU A 51 6.54 -5.58 -2.59
N ILE A 52 7.14 -6.24 -1.61
CA ILE A 52 7.77 -7.55 -1.86
C ILE A 52 7.08 -8.65 -1.05
N PHE A 53 6.94 -9.82 -1.66
CA PHE A 53 6.30 -10.95 -0.99
C PHE A 53 7.00 -12.25 -1.34
N ALA A 54 7.55 -12.92 -0.33
CA ALA A 54 8.25 -14.18 -0.53
C ALA A 54 9.34 -14.04 -1.59
N GLY A 55 10.02 -12.90 -1.59
CA GLY A 55 11.07 -12.67 -2.55
C GLY A 55 10.53 -12.39 -3.95
N LYS A 56 9.26 -11.99 -4.01
CA LYS A 56 8.63 -11.69 -5.29
C LYS A 56 7.98 -10.31 -5.26
N GLN A 57 8.35 -9.46 -6.22
CA GLN A 57 7.80 -8.12 -6.31
C GLN A 57 6.32 -8.16 -6.66
N LEU A 58 5.50 -7.57 -5.79
CA LEU A 58 4.05 -7.53 -6.00
C LEU A 58 3.68 -6.45 -7.00
N GLU A 59 2.40 -6.41 -7.36
CA GLU A 59 1.92 -5.41 -8.32
C GLU A 59 0.41 -5.53 -8.50
N ASP A 60 -0.18 -4.52 -9.13
CA ASP A 60 -1.62 -4.51 -9.36
C ASP A 60 -2.04 -5.69 -10.22
N GLY A 61 -3.29 -6.13 -10.07
CA GLY A 61 -3.78 -7.25 -10.84
C GLY A 61 -4.44 -8.30 -9.96
N ARG A 62 -3.75 -8.70 -8.89
CA ARG A 62 -4.27 -9.70 -7.97
C ARG A 62 -4.65 -9.08 -6.64
N THR A 63 -5.37 -9.84 -5.82
CA THR A 63 -5.80 -9.36 -4.52
C THR A 63 -4.90 -9.89 -3.40
N LEU A 64 -4.92 -9.22 -2.26
CA LEU A 64 -4.11 -9.62 -1.12
C LEU A 64 -4.34 -11.08 -0.78
N SER A 65 -5.57 -11.54 -0.97
CA SER A 65 -5.93 -12.92 -0.67
C SER A 65 -5.31 -13.87 -1.69
N GLU A 66 -5.14 -13.39 -2.92
CA GLU A 66 -4.56 -14.19 -3.98
C GLU A 66 -3.06 -14.35 -3.79
N TYR A 67 -2.46 -13.39 -3.11
CA TYR A 67 -1.01 -13.41 -2.85
C TYR A 67 -0.70 -14.12 -1.54
N ASN A 68 -1.70 -14.81 -1.00
CA ASN A 68 -1.53 -15.54 0.26
C ASN A 68 -1.15 -14.58 1.39
N ILE A 69 -1.52 -13.32 1.23
CA ILE A 69 -1.20 -12.31 2.24
C ILE A 69 -2.27 -12.28 3.33
N GLN A 70 -1.96 -12.91 4.46
CA GLN A 70 -2.89 -12.96 5.59
C GLN A 70 -2.73 -11.73 6.48
N LYS A 71 -3.36 -11.77 7.64
CA LYS A 71 -3.29 -10.67 8.59
C LYS A 71 -1.97 -10.69 9.35
N GLU A 72 -1.27 -11.82 9.29
CA GLU A 72 0.01 -11.96 9.97
C GLU A 72 1.15 -12.01 8.96
N SER A 73 0.82 -11.98 7.68
CA SER A 73 1.81 -12.03 6.62
C SER A 73 2.89 -10.97 6.84
N THR A 74 4.02 -11.12 6.15
CA THR A 74 5.11 -10.18 6.27
C THR A 74 5.41 -9.50 4.94
N LEU A 75 5.24 -8.18 4.90
CA LEU A 75 5.49 -7.40 3.68
C LEU A 75 6.82 -6.67 3.77
N HIS A 76 7.41 -6.38 2.62
CA HIS A 76 8.68 -5.67 2.56
C HIS A 76 8.64 -4.57 1.52
N LEU A 77 8.79 -3.33 1.97
CA LEU A 77 8.77 -2.19 1.06
C LEU A 77 10.19 -1.75 0.69
N VAL A 78 10.51 -1.82 -0.60
CA VAL A 78 11.83 -1.44 -1.08
C VAL A 78 11.76 -0.18 -1.94
N LEU A 79 12.74 0.70 -1.78
CA LEU A 79 12.79 1.93 -2.55
C LEU A 79 13.92 1.89 -3.56
N ARG A 80 13.60 2.21 -4.81
CA ARG A 80 14.59 2.22 -5.88
C ARG A 80 15.14 3.62 -6.10
N LEU A 81 14.25 4.60 -6.16
CA LEU A 81 14.65 6.00 -6.36
C LEU A 81 14.28 6.85 -5.16
N ARG A 82 15.27 7.13 -4.31
CA ARG A 82 15.04 7.95 -3.12
C ARG A 82 14.67 9.38 -3.50
N GLY A 83 15.58 10.07 -4.17
CA GLY A 83 15.33 11.44 -4.59
C GLY A 83 14.89 12.31 -3.43
N TYR A 84 15.84 12.75 -2.63
CA TYR A 84 15.54 13.61 -1.48
C TYR A 84 15.77 15.08 -1.81
N ALA A 85 14.76 15.71 -2.41
CA ALA A 85 14.84 17.11 -2.78
C ALA A 85 13.51 17.61 -3.32
N ASP A 86 12.84 18.47 -2.55
CA ASP A 86 11.56 19.03 -2.96
C ASP A 86 11.64 20.54 -3.07
N LEU A 87 10.88 21.11 -4.01
CA LEU A 87 10.87 22.55 -4.22
C LEU A 87 9.45 23.05 -4.51
N ARG A 88 9.32 24.35 -4.69
CA ARG A 88 8.01 24.95 -4.98
C ARG A 88 8.17 26.14 -5.92
N GLU A 89 7.63 26.00 -7.13
CA GLU A 89 7.71 27.07 -8.12
C GLU A 89 6.73 26.82 -9.26
N ASP A 90 6.55 27.82 -10.12
CA ASP A 90 5.64 27.71 -11.25
C ASP A 90 5.91 28.81 -12.27
N PRO A 91 7.05 28.72 -12.97
CA PRO A 91 7.44 29.71 -13.98
C PRO A 91 6.56 29.64 -15.22
N ASP A 92 6.95 30.38 -16.26
CA ASP A 92 6.20 30.41 -17.51
C ASP A 92 6.88 31.31 -18.53
N ARG A 93 7.60 30.71 -19.47
CA ARG A 93 8.30 31.46 -20.50
C ARG A 93 7.32 32.34 -21.28
N GLN A 94 7.87 33.30 -22.02
CA GLN A 94 7.05 34.21 -22.81
C GLN A 94 7.54 34.27 -24.26
N ASP A 95 6.99 33.39 -25.09
CA ASP A 95 7.36 33.34 -26.50
C ASP A 95 6.23 33.88 -27.38
N HIS A 96 6.56 34.87 -28.20
CA HIS A 96 5.57 35.48 -29.09
C HIS A 96 6.17 35.71 -30.47
N HIS A 97 5.70 34.94 -31.45
CA HIS A 97 6.18 35.07 -32.83
C HIS A 97 5.03 35.28 -33.80
N PRO A 98 5.33 35.86 -34.97
CA PRO A 98 4.32 36.13 -36.00
C PRO A 98 3.82 34.86 -36.66
N GLY A 99 3.01 35.02 -37.71
CA GLY A 99 2.47 33.88 -38.41
C GLY A 99 3.51 33.18 -39.27
N SER A 100 3.07 32.68 -40.42
CA SER A 100 3.97 31.97 -41.33
C SER A 100 3.79 32.47 -42.76
N GLY A 101 4.58 31.92 -43.68
CA GLY A 101 4.49 32.32 -45.07
C GLY A 101 5.45 31.56 -45.96
N ALA A 102 6.73 31.92 -45.91
CA ALA A 102 7.74 31.26 -46.72
C ALA A 102 7.42 31.35 -48.20
N GLN A 103 7.00 32.55 -48.63
CA GLN A 103 6.65 32.77 -50.03
C GLN A 103 7.90 32.84 -50.90
N GLY A 1 -15.16 10.38 0.95
CA GLY A 1 -16.17 9.60 0.28
C GLY A 1 -15.59 8.46 -0.54
N SER A 2 -16.34 8.01 -1.54
CA SER A 2 -15.89 6.92 -2.40
C SER A 2 -15.33 5.77 -1.56
N LEU A 3 -15.94 5.54 -0.40
CA LEU A 3 -15.50 4.47 0.49
C LEU A 3 -16.69 3.64 0.97
N VAL A 4 -16.55 2.32 0.90
CA VAL A 4 -17.61 1.42 1.34
C VAL A 4 -17.17 0.60 2.54
N PRO A 5 -18.04 0.51 3.55
CA PRO A 5 -17.76 -0.25 4.78
C PRO A 5 -17.76 -1.76 4.53
N ARG A 6 -16.59 -2.31 4.23
CA ARG A 6 -16.46 -3.73 3.98
C ARG A 6 -15.39 -4.35 4.88
N GLY A 7 -15.22 -5.67 4.77
CA GLY A 7 -14.24 -6.35 5.58
C GLY A 7 -12.86 -5.74 5.45
N SER A 8 -11.97 -6.10 6.37
CA SER A 8 -10.60 -5.58 6.36
C SER A 8 -9.78 -6.18 7.49
N MET A 9 -8.53 -6.51 7.21
CA MET A 9 -7.64 -7.09 8.21
C MET A 9 -6.31 -6.33 8.26
N GLN A 10 -5.63 -6.42 9.39
CA GLN A 10 -4.35 -5.75 9.57
C GLN A 10 -3.19 -6.69 9.27
N ILE A 11 -2.14 -6.15 8.66
CA ILE A 11 -0.96 -6.94 8.32
C ILE A 11 0.31 -6.32 8.88
N PHE A 12 1.41 -7.05 8.80
CA PHE A 12 2.69 -6.57 9.30
C PHE A 12 3.66 -6.33 8.15
N VAL A 13 4.25 -5.13 8.12
CA VAL A 13 5.19 -4.76 7.08
C VAL A 13 6.49 -4.24 7.67
N LYS A 14 7.61 -4.63 7.08
CA LYS A 14 8.92 -4.21 7.56
C LYS A 14 9.50 -3.12 6.64
N THR A 15 9.78 -1.96 7.22
CA THR A 15 10.33 -0.85 6.46
C THR A 15 11.82 -1.04 6.21
N LEU A 16 12.41 -0.15 5.40
CA LEU A 16 13.83 -0.23 5.10
C LEU A 16 14.67 0.23 6.27
N THR A 17 14.12 1.16 7.06
CA THR A 17 14.82 1.69 8.22
C THR A 17 14.96 0.63 9.31
N GLY A 18 14.07 -0.35 9.29
CA GLY A 18 14.12 -1.42 10.29
C GLY A 18 12.97 -1.34 11.27
N LYS A 19 11.88 -0.69 10.88
CA LYS A 19 10.71 -0.55 11.73
C LYS A 19 9.52 -1.31 11.16
N THR A 20 8.69 -1.84 12.05
CA THR A 20 7.51 -2.59 11.63
C THR A 20 6.26 -1.74 11.73
N ILE A 21 5.56 -1.60 10.60
CA ILE A 21 4.34 -0.81 10.55
C ILE A 21 3.13 -1.68 10.18
N THR A 22 2.05 -1.51 10.91
CA THR A 22 0.83 -2.28 10.67
C THR A 22 -0.09 -1.55 9.68
N LEU A 23 -0.41 -2.22 8.58
CA LEU A 23 -1.28 -1.64 7.56
C LEU A 23 -2.58 -2.42 7.45
N GLU A 24 -3.67 -1.72 7.13
CA GLU A 24 -4.97 -2.36 6.99
C GLU A 24 -5.37 -2.48 5.51
N VAL A 25 -5.69 -3.69 5.09
CA VAL A 25 -6.09 -3.93 3.71
C VAL A 25 -7.15 -5.02 3.62
N GLU A 26 -8.06 -4.89 2.66
CA GLU A 26 -9.12 -5.86 2.48
C GLU A 26 -8.61 -7.11 1.76
N PRO A 27 -9.28 -8.24 2.00
CA PRO A 27 -8.91 -9.53 1.39
C PRO A 27 -9.21 -9.56 -0.10
N SER A 28 -10.10 -8.67 -0.54
CA SER A 28 -10.48 -8.60 -1.95
C SER A 28 -9.74 -7.47 -2.65
N ASP A 29 -9.15 -6.58 -1.86
CA ASP A 29 -8.41 -5.44 -2.41
C ASP A 29 -7.14 -5.91 -3.11
N THR A 30 -6.55 -5.02 -3.90
CA THR A 30 -5.32 -5.34 -4.62
C THR A 30 -4.14 -4.57 -4.06
N ILE A 31 -2.94 -4.90 -4.54
CA ILE A 31 -1.73 -4.24 -4.08
C ILE A 31 -1.85 -2.72 -4.20
N GLU A 32 -2.66 -2.27 -5.17
CA GLU A 32 -2.86 -0.84 -5.38
C GLU A 32 -3.50 -0.20 -4.16
N ASN A 33 -4.36 -0.95 -3.48
CA ASN A 33 -5.04 -0.44 -2.30
C ASN A 33 -4.10 -0.42 -1.10
N VAL A 34 -3.15 -1.34 -1.08
CA VAL A 34 -2.18 -1.43 0.00
C VAL A 34 -1.30 -0.19 0.06
N LYS A 35 -0.72 0.17 -1.08
CA LYS A 35 0.15 1.33 -1.17
C LYS A 35 -0.59 2.60 -0.76
N ALA A 36 -1.90 2.59 -0.96
CA ALA A 36 -2.74 3.74 -0.61
C ALA A 36 -2.56 4.12 0.86
N LYS A 37 -2.54 3.12 1.72
CA LYS A 37 -2.37 3.34 3.15
C LYS A 37 -0.92 3.67 3.49
N ILE A 38 0.00 3.11 2.71
CA ILE A 38 1.42 3.36 2.92
C ILE A 38 1.76 4.83 2.76
N GLN A 39 1.02 5.50 1.88
CA GLN A 39 1.24 6.93 1.62
C GLN A 39 1.23 7.72 2.92
N ASP A 40 0.36 7.32 3.84
CA ASP A 40 0.24 7.99 5.13
C ASP A 40 1.38 7.59 6.07
N LYS A 41 1.95 6.43 5.82
CA LYS A 41 3.05 5.92 6.64
C LYS A 41 4.36 6.59 6.26
N GLU A 42 4.68 6.57 4.96
CA GLU A 42 5.91 7.19 4.46
C GLU A 42 5.61 8.24 3.40
N GLY A 43 4.57 7.98 2.60
CA GLY A 43 4.20 8.91 1.55
C GLY A 43 5.16 8.88 0.39
N ILE A 44 5.08 7.84 -0.43
CA ILE A 44 5.94 7.70 -1.59
C ILE A 44 5.13 7.52 -2.87
N PRO A 45 5.71 7.94 -4.01
CA PRO A 45 5.06 7.83 -5.31
C PRO A 45 4.95 6.39 -5.79
N PRO A 46 4.14 6.17 -6.84
CA PRO A 46 3.93 4.85 -7.42
C PRO A 46 5.17 4.32 -8.14
N ASP A 47 6.06 5.23 -8.51
CA ASP A 47 7.28 4.86 -9.21
C ASP A 47 8.28 4.23 -8.25
N GLN A 48 8.33 4.75 -7.03
CA GLN A 48 9.24 4.24 -6.02
C GLN A 48 8.55 3.21 -5.14
N GLN A 49 7.23 3.30 -5.04
CA GLN A 49 6.44 2.38 -4.23
C GLN A 49 6.51 0.97 -4.80
N ARG A 50 7.04 0.04 -4.02
CA ARG A 50 7.15 -1.35 -4.45
C ARG A 50 7.04 -2.30 -3.25
N LEU A 51 6.02 -3.14 -3.27
CA LEU A 51 5.81 -4.10 -2.19
C LEU A 51 6.41 -5.46 -2.54
N ILE A 52 7.01 -6.11 -1.55
CA ILE A 52 7.62 -7.42 -1.74
C ILE A 52 6.92 -8.49 -0.92
N PHE A 53 6.84 -9.70 -1.46
CA PHE A 53 6.21 -10.81 -0.76
C PHE A 53 6.98 -12.11 -0.97
N ALA A 54 7.55 -12.64 0.10
CA ALA A 54 8.31 -13.87 0.03
C ALA A 54 9.44 -13.77 -1.00
N GLY A 55 9.97 -12.56 -1.14
CA GLY A 55 11.06 -12.34 -2.09
C GLY A 55 10.55 -12.00 -3.48
N LYS A 56 9.26 -12.19 -3.70
CA LYS A 56 8.65 -11.90 -4.99
C LYS A 56 7.95 -10.55 -4.97
N GLN A 57 8.31 -9.67 -5.90
CA GLN A 57 7.72 -8.35 -5.98
C GLN A 57 6.23 -8.45 -6.33
N LEU A 58 5.43 -7.60 -5.69
CA LEU A 58 3.99 -7.58 -5.92
C LEU A 58 3.61 -6.49 -6.92
N GLU A 59 2.42 -6.63 -7.52
CA GLU A 59 1.95 -5.66 -8.49
C GLU A 59 0.43 -5.74 -8.65
N ASP A 60 -0.15 -4.73 -9.27
CA ASP A 60 -1.59 -4.69 -9.49
C ASP A 60 -2.05 -5.90 -10.29
N GLY A 61 -3.36 -6.16 -10.26
CA GLY A 61 -3.90 -7.29 -11.00
C GLY A 61 -4.47 -8.35 -10.07
N ARG A 62 -3.73 -8.69 -9.04
CA ARG A 62 -4.17 -9.71 -8.09
C ARG A 62 -4.61 -9.06 -6.78
N THR A 63 -5.26 -9.85 -5.92
CA THR A 63 -5.74 -9.35 -4.64
C THR A 63 -4.89 -9.88 -3.49
N LEU A 64 -4.95 -9.20 -2.35
CA LEU A 64 -4.18 -9.60 -1.18
C LEU A 64 -4.44 -11.06 -0.83
N SER A 65 -5.66 -11.52 -1.08
CA SER A 65 -6.04 -12.90 -0.79
C SER A 65 -5.38 -13.86 -1.78
N GLU A 66 -5.18 -13.38 -3.00
CA GLU A 66 -4.56 -14.20 -4.05
C GLU A 66 -3.06 -14.32 -3.82
N TYR A 67 -2.49 -13.35 -3.11
CA TYR A 67 -1.06 -13.34 -2.82
C TYR A 67 -0.77 -14.03 -1.49
N ASN A 68 -1.78 -14.73 -0.97
CA ASN A 68 -1.63 -15.44 0.30
C ASN A 68 -1.26 -14.47 1.42
N ILE A 69 -1.61 -13.20 1.24
CA ILE A 69 -1.32 -12.18 2.24
C ILE A 69 -2.40 -12.12 3.31
N GLN A 70 -2.14 -12.76 4.45
CA GLN A 70 -3.09 -12.78 5.55
C GLN A 70 -2.84 -11.62 6.50
N LYS A 71 -3.51 -11.66 7.65
CA LYS A 71 -3.36 -10.62 8.66
C LYS A 71 -2.01 -10.73 9.37
N GLU A 72 -1.33 -11.84 9.14
CA GLU A 72 -0.03 -12.06 9.75
C GLU A 72 1.06 -12.24 8.69
N SER A 73 0.83 -11.66 7.52
CA SER A 73 1.77 -11.77 6.41
C SER A 73 2.91 -10.76 6.58
N THR A 74 4.08 -11.10 6.06
CA THR A 74 5.25 -10.22 6.15
C THR A 74 5.50 -9.51 4.82
N LEU A 75 5.36 -8.19 4.82
CA LEU A 75 5.57 -7.40 3.62
C LEU A 75 6.84 -6.57 3.73
N HIS A 76 7.45 -6.26 2.59
CA HIS A 76 8.67 -5.46 2.57
C HIS A 76 8.59 -4.36 1.52
N LEU A 77 8.73 -3.12 1.96
CA LEU A 77 8.66 -1.97 1.06
C LEU A 77 10.06 -1.54 0.63
N VAL A 78 10.34 -1.66 -0.66
CA VAL A 78 11.65 -1.28 -1.19
C VAL A 78 11.52 -0.10 -2.17
N LEU A 79 12.21 0.98 -1.86
CA LEU A 79 12.17 2.18 -2.71
C LEU A 79 13.29 2.13 -3.74
N ARG A 80 12.90 2.04 -5.02
CA ARG A 80 13.86 2.00 -6.10
C ARG A 80 13.25 2.56 -7.38
N LEU A 81 14.08 3.24 -8.17
CA LEU A 81 13.63 3.83 -9.43
C LEU A 81 14.61 3.53 -10.56
N ARG A 82 14.22 2.61 -11.44
CA ARG A 82 15.07 2.23 -12.57
C ARG A 82 14.75 3.09 -13.79
N GLY A 83 13.48 3.47 -13.93
CA GLY A 83 13.07 4.28 -15.07
C GLY A 83 12.20 3.51 -16.04
N TYR A 84 11.03 4.08 -16.35
CA TYR A 84 10.10 3.44 -17.28
C TYR A 84 8.91 4.36 -17.57
N ALA A 85 8.69 4.62 -18.85
CA ALA A 85 7.59 5.48 -19.27
C ALA A 85 7.45 5.49 -20.79
N ASP A 86 6.26 5.18 -21.27
CA ASP A 86 6.00 5.16 -22.71
C ASP A 86 4.50 5.06 -22.98
N LEU A 87 4.07 5.58 -24.13
CA LEU A 87 2.67 5.56 -24.52
C LEU A 87 2.49 4.90 -25.88
N ARG A 88 1.37 4.21 -26.05
CA ARG A 88 1.08 3.53 -27.31
C ARG A 88 -0.06 4.22 -28.05
N GLU A 89 0.22 4.68 -29.27
CA GLU A 89 -0.78 5.37 -30.08
C GLU A 89 -0.25 5.66 -31.48
N ASP A 90 -1.16 5.94 -32.41
CA ASP A 90 -0.77 6.24 -33.78
C ASP A 90 -1.74 7.24 -34.41
N PRO A 91 -1.30 7.89 -35.49
CA PRO A 91 -2.11 8.88 -36.20
C PRO A 91 -3.27 8.24 -36.95
N ASP A 92 -3.95 9.04 -37.77
CA ASP A 92 -5.09 8.55 -38.54
C ASP A 92 -4.69 8.26 -39.98
N ARG A 93 -3.91 9.17 -40.57
CA ARG A 93 -3.47 9.01 -41.95
C ARG A 93 -2.01 8.52 -41.99
N GLN A 94 -1.71 7.65 -42.94
CA GLN A 94 -0.37 7.11 -43.08
C GLN A 94 0.43 7.91 -44.11
N ASP A 95 1.35 8.73 -43.62
CA ASP A 95 2.18 9.56 -44.48
C ASP A 95 3.64 9.50 -44.06
N HIS A 96 4.54 9.52 -45.04
CA HIS A 96 5.97 9.46 -44.76
C HIS A 96 6.68 10.65 -45.39
N HIS A 97 7.46 11.36 -44.57
CA HIS A 97 8.20 12.53 -45.04
C HIS A 97 9.55 12.64 -44.33
N PRO A 98 10.50 13.34 -44.96
CA PRO A 98 11.84 13.53 -44.40
C PRO A 98 11.84 14.45 -43.18
N GLY A 99 11.03 15.50 -43.24
CA GLY A 99 10.94 16.44 -42.13
C GLY A 99 10.92 17.88 -42.58
N SER A 100 10.28 18.74 -41.80
CA SER A 100 10.17 20.16 -42.15
C SER A 100 10.95 21.00 -41.14
N GLY A 101 12.22 21.26 -41.46
CA GLY A 101 13.05 22.07 -40.58
C GLY A 101 13.28 23.47 -41.12
N ALA A 102 12.20 24.13 -41.51
CA ALA A 102 12.29 25.49 -42.04
C ALA A 102 10.91 26.13 -42.13
N GLN A 103 10.87 27.37 -42.60
CA GLN A 103 9.61 28.10 -42.75
C GLN A 103 9.00 27.87 -44.13
N GLY A 1 -15.58 9.26 14.99
CA GLY A 1 -14.68 9.18 13.86
C GLY A 1 -15.39 8.79 12.58
N SER A 2 -14.62 8.36 11.58
CA SER A 2 -15.18 7.97 10.29
C SER A 2 -15.80 6.57 10.38
N LEU A 3 -16.31 6.09 9.25
CA LEU A 3 -16.93 4.77 9.19
C LEU A 3 -16.38 3.95 8.03
N VAL A 4 -16.04 2.71 8.29
CA VAL A 4 -15.50 1.82 7.27
C VAL A 4 -16.38 0.59 7.09
N PRO A 5 -16.30 -0.03 5.90
CA PRO A 5 -17.08 -1.24 5.58
C PRO A 5 -16.60 -2.46 6.35
N ARG A 6 -17.45 -3.48 6.42
CA ARG A 6 -17.12 -4.70 7.13
C ARG A 6 -16.25 -5.61 6.26
N GLY A 7 -14.95 -5.34 6.25
CA GLY A 7 -14.03 -6.14 5.45
C GLY A 7 -12.66 -5.50 5.34
N SER A 8 -11.76 -5.85 6.26
CA SER A 8 -10.41 -5.30 6.25
C SER A 8 -9.59 -5.87 7.41
N MET A 9 -8.41 -6.40 7.08
CA MET A 9 -7.53 -6.98 8.09
C MET A 9 -6.20 -6.23 8.14
N GLN A 10 -5.50 -6.35 9.27
CA GLN A 10 -4.21 -5.68 9.44
C GLN A 10 -3.07 -6.63 9.10
N ILE A 11 -2.03 -6.09 8.48
CA ILE A 11 -0.87 -6.89 8.09
C ILE A 11 0.42 -6.29 8.66
N PHE A 12 1.52 -7.03 8.53
CA PHE A 12 2.81 -6.57 9.03
C PHE A 12 3.76 -6.28 7.87
N VAL A 13 4.34 -5.09 7.87
CA VAL A 13 5.28 -4.69 6.83
C VAL A 13 6.59 -4.18 7.42
N LYS A 14 7.70 -4.60 6.83
CA LYS A 14 9.02 -4.19 7.30
C LYS A 14 9.55 -3.02 6.49
N THR A 15 9.95 -1.95 7.17
CA THR A 15 10.48 -0.77 6.51
C THR A 15 12.00 -0.84 6.36
N LEU A 16 12.58 0.16 5.73
CA LEU A 16 14.02 0.22 5.53
C LEU A 16 14.74 0.60 6.81
N THR A 17 14.01 1.23 7.73
CA THR A 17 14.58 1.66 9.00
C THR A 17 14.32 0.62 10.08
N GLY A 18 14.22 -0.64 9.68
CA GLY A 18 13.98 -1.71 10.63
C GLY A 18 12.79 -1.44 11.52
N LYS A 19 11.76 -0.80 10.95
CA LYS A 19 10.55 -0.47 11.70
C LYS A 19 9.34 -1.20 11.12
N THR A 20 8.64 -1.95 11.95
CA THR A 20 7.47 -2.69 11.52
C THR A 20 6.20 -1.83 11.63
N ILE A 21 5.55 -1.61 10.49
CA ILE A 21 4.33 -0.81 10.45
C ILE A 21 3.12 -1.67 10.09
N THR A 22 2.04 -1.49 10.84
CA THR A 22 0.82 -2.25 10.59
C THR A 22 -0.10 -1.52 9.62
N LEU A 23 -0.42 -2.17 8.51
CA LEU A 23 -1.29 -1.58 7.49
C LEU A 23 -2.61 -2.34 7.40
N GLU A 24 -3.67 -1.63 7.03
CA GLU A 24 -4.99 -2.23 6.91
C GLU A 24 -5.42 -2.30 5.45
N VAL A 25 -5.74 -3.50 4.99
CA VAL A 25 -6.16 -3.71 3.61
C VAL A 25 -7.22 -4.80 3.51
N GLU A 26 -8.16 -4.63 2.59
CA GLU A 26 -9.23 -5.61 2.41
C GLU A 26 -8.68 -6.90 1.81
N PRO A 27 -9.38 -8.02 2.07
CA PRO A 27 -8.99 -9.34 1.56
C PRO A 27 -9.17 -9.46 0.05
N SER A 28 -10.03 -8.61 -0.50
CA SER A 28 -10.30 -8.63 -1.93
C SER A 28 -9.56 -7.49 -2.64
N ASP A 29 -9.07 -6.54 -1.86
CA ASP A 29 -8.34 -5.40 -2.41
C ASP A 29 -7.05 -5.85 -3.07
N THR A 30 -6.47 -4.98 -3.90
CA THR A 30 -5.24 -5.29 -4.59
C THR A 30 -4.07 -4.48 -4.04
N ILE A 31 -2.86 -4.78 -4.50
CA ILE A 31 -1.67 -4.08 -4.05
C ILE A 31 -1.85 -2.57 -4.19
N GLU A 32 -2.64 -2.15 -5.17
CA GLU A 32 -2.89 -0.74 -5.41
C GLU A 32 -3.52 -0.08 -4.19
N ASN A 33 -4.37 -0.82 -3.49
CA ASN A 33 -5.05 -0.31 -2.30
C ASN A 33 -4.10 -0.32 -1.10
N VAL A 34 -3.18 -1.26 -1.08
CA VAL A 34 -2.21 -1.36 0.00
C VAL A 34 -1.30 -0.14 0.05
N LYS A 35 -0.68 0.18 -1.08
CA LYS A 35 0.21 1.32 -1.17
C LYS A 35 -0.53 2.61 -0.83
N ALA A 36 -1.83 2.62 -1.07
CA ALA A 36 -2.65 3.80 -0.78
C ALA A 36 -2.51 4.22 0.67
N LYS A 37 -2.53 3.24 1.57
CA LYS A 37 -2.40 3.52 3.00
C LYS A 37 -0.96 3.83 3.37
N ILE A 38 -0.02 3.26 2.62
CA ILE A 38 1.40 3.48 2.87
C ILE A 38 1.75 4.95 2.74
N GLN A 39 1.02 5.66 1.88
CA GLN A 39 1.27 7.08 1.68
C GLN A 39 1.23 7.84 2.99
N ASP A 40 0.35 7.41 3.90
CA ASP A 40 0.21 8.05 5.20
C ASP A 40 1.34 7.63 6.14
N LYS A 41 1.93 6.47 5.85
CA LYS A 41 3.02 5.95 6.66
C LYS A 41 4.34 6.63 6.30
N GLU A 42 4.65 6.63 5.01
CA GLU A 42 5.89 7.25 4.53
C GLU A 42 5.59 8.33 3.50
N GLY A 43 4.57 8.09 2.68
CA GLY A 43 4.20 9.05 1.66
C GLY A 43 5.13 8.99 0.46
N ILE A 44 5.02 7.92 -0.32
CA ILE A 44 5.86 7.74 -1.50
C ILE A 44 5.01 7.50 -2.74
N PRO A 45 5.54 7.88 -3.91
CA PRO A 45 4.85 7.71 -5.19
C PRO A 45 4.75 6.25 -5.61
N PRO A 46 3.92 5.98 -6.62
CA PRO A 46 3.72 4.63 -7.14
C PRO A 46 4.95 4.10 -7.88
N ASP A 47 5.61 4.97 -8.63
CA ASP A 47 6.79 4.60 -9.38
C ASP A 47 7.88 4.08 -8.45
N GLN A 48 7.99 4.69 -7.28
CA GLN A 48 8.99 4.28 -6.29
C GLN A 48 8.45 3.21 -5.36
N GLN A 49 7.12 3.18 -5.21
CA GLN A 49 6.47 2.19 -4.35
C GLN A 49 6.61 0.79 -4.93
N ARG A 50 7.05 -0.15 -4.09
CA ARG A 50 7.22 -1.53 -4.52
C ARG A 50 7.10 -2.49 -3.33
N LEU A 51 6.10 -3.36 -3.37
CA LEU A 51 5.89 -4.32 -2.31
C LEU A 51 6.54 -5.66 -2.63
N ILE A 52 7.13 -6.28 -1.62
CA ILE A 52 7.79 -7.57 -1.79
C ILE A 52 7.12 -8.66 -0.97
N PHE A 53 7.00 -9.85 -1.55
CA PHE A 53 6.38 -10.98 -0.87
C PHE A 53 7.14 -12.27 -1.14
N ALA A 54 7.68 -12.85 -0.08
CA ALA A 54 8.45 -14.10 -0.20
C ALA A 54 9.60 -13.95 -1.19
N GLY A 55 10.14 -12.73 -1.27
CA GLY A 55 11.25 -12.48 -2.18
C GLY A 55 10.77 -12.11 -3.57
N LYS A 56 9.47 -12.27 -3.81
CA LYS A 56 8.89 -11.94 -5.12
C LYS A 56 8.09 -10.64 -5.05
N GLN A 57 8.44 -9.71 -5.93
CA GLN A 57 7.75 -8.42 -5.97
C GLN A 57 6.26 -8.60 -6.23
N LEU A 58 5.46 -7.65 -5.78
CA LEU A 58 4.01 -7.70 -5.97
C LEU A 58 3.57 -6.77 -7.08
N GLU A 59 2.33 -6.94 -7.55
CA GLU A 59 1.79 -6.12 -8.61
C GLU A 59 0.27 -6.00 -8.49
N ASP A 60 -0.32 -5.20 -9.36
CA ASP A 60 -1.77 -5.01 -9.36
C ASP A 60 -2.48 -6.18 -10.03
N GLY A 61 -3.78 -6.03 -10.26
CA GLY A 61 -4.55 -7.09 -10.88
C GLY A 61 -5.04 -8.12 -9.88
N ARG A 62 -4.12 -8.65 -9.08
CA ARG A 62 -4.47 -9.66 -8.07
C ARG A 62 -4.83 -8.99 -6.74
N THR A 63 -5.38 -9.78 -5.83
CA THR A 63 -5.78 -9.27 -4.52
C THR A 63 -4.87 -9.83 -3.43
N LEU A 64 -4.86 -9.15 -2.28
CA LEU A 64 -4.04 -9.59 -1.16
C LEU A 64 -4.29 -11.05 -0.83
N SER A 65 -5.55 -11.46 -0.90
CA SER A 65 -5.92 -12.85 -0.61
C SER A 65 -5.34 -13.80 -1.65
N GLU A 66 -5.17 -13.30 -2.87
CA GLU A 66 -4.62 -14.10 -3.95
C GLU A 66 -3.11 -14.28 -3.78
N TYR A 67 -2.48 -13.33 -3.11
CA TYR A 67 -1.04 -13.38 -2.88
C TYR A 67 -0.72 -14.09 -1.56
N ASN A 68 -1.72 -14.76 -1.01
CA ASN A 68 -1.55 -15.49 0.25
C ASN A 68 -1.17 -14.54 1.38
N ILE A 69 -1.51 -13.26 1.21
CA ILE A 69 -1.20 -12.24 2.21
C ILE A 69 -2.31 -12.16 3.25
N GLN A 70 -2.09 -12.80 4.39
CA GLN A 70 -3.08 -12.80 5.47
C GLN A 70 -2.86 -11.61 6.40
N LYS A 71 -3.54 -11.62 7.55
CA LYS A 71 -3.41 -10.55 8.52
C LYS A 71 -2.17 -10.74 9.38
N GLU A 72 -1.42 -11.80 9.11
CA GLU A 72 -0.20 -12.09 9.86
C GLU A 72 0.96 -12.37 8.92
N SER A 73 0.88 -11.83 7.70
CA SER A 73 1.92 -12.02 6.70
C SER A 73 2.97 -10.90 6.79
N THR A 74 4.19 -11.23 6.42
CA THR A 74 5.29 -10.27 6.45
C THR A 74 5.61 -9.74 5.07
N LEU A 75 5.42 -8.44 4.87
CA LEU A 75 5.69 -7.81 3.58
C LEU A 75 6.89 -6.86 3.68
N HIS A 76 7.55 -6.63 2.55
CA HIS A 76 8.71 -5.75 2.50
C HIS A 76 8.45 -4.57 1.57
N LEU A 77 8.97 -3.40 1.95
CA LEU A 77 8.81 -2.20 1.15
C LEU A 77 10.16 -1.66 0.69
N VAL A 78 10.37 -1.67 -0.62
CA VAL A 78 11.63 -1.18 -1.20
C VAL A 78 11.37 -0.06 -2.20
N LEU A 79 12.17 0.99 -2.12
CA LEU A 79 12.03 2.13 -3.03
C LEU A 79 13.21 2.21 -3.98
N ARG A 80 12.91 2.46 -5.26
CA ARG A 80 13.96 2.57 -6.28
C ARG A 80 14.75 3.86 -6.11
N LEU A 81 14.04 4.97 -5.94
CA LEU A 81 14.68 6.27 -5.78
C LEU A 81 14.76 6.64 -4.29
N ARG A 82 15.31 7.82 -4.02
CA ARG A 82 15.45 8.30 -2.65
C ARG A 82 14.17 8.98 -2.17
N GLY A 83 13.28 8.19 -1.59
CA GLY A 83 12.03 8.74 -1.09
C GLY A 83 12.12 9.22 0.34
N TYR A 84 11.83 10.50 0.56
CA TYR A 84 11.89 11.09 1.89
C TYR A 84 10.67 10.71 2.71
N ALA A 85 10.62 11.20 3.95
CA ALA A 85 9.49 10.91 4.83
C ALA A 85 8.76 12.19 5.22
N ASP A 86 7.43 12.19 5.05
CA ASP A 86 6.62 13.35 5.38
C ASP A 86 5.68 13.04 6.55
N LEU A 87 5.20 14.09 7.21
CA LEU A 87 4.30 13.93 8.35
C LEU A 87 2.85 13.96 7.89
N ARG A 88 2.00 13.24 8.62
CA ARG A 88 0.58 13.17 8.30
C ARG A 88 -0.23 12.63 9.46
N GLU A 89 -1.19 13.42 9.94
CA GLU A 89 -2.03 13.02 11.06
C GLU A 89 -3.31 12.34 10.57
N ASP A 90 -3.45 11.07 10.88
CA ASP A 90 -4.63 10.30 10.47
C ASP A 90 -5.04 9.32 11.57
N PRO A 91 -6.36 9.12 11.70
CA PRO A 91 -6.92 8.20 12.71
C PRO A 91 -6.62 6.74 12.38
N ASP A 92 -5.50 6.24 12.91
CA ASP A 92 -5.12 4.85 12.67
C ASP A 92 -6.07 3.89 13.36
N ARG A 93 -6.02 3.85 14.68
CA ARG A 93 -6.89 2.97 15.46
C ARG A 93 -8.19 3.69 15.84
N GLN A 94 -9.28 2.93 15.91
CA GLN A 94 -10.58 3.49 16.26
C GLN A 94 -11.53 2.39 16.74
N ASP A 95 -12.49 2.78 17.57
CA ASP A 95 -13.47 1.84 18.09
C ASP A 95 -14.69 2.57 18.67
N HIS A 96 -15.75 1.83 18.93
CA HIS A 96 -16.97 2.41 19.49
C HIS A 96 -17.02 2.22 21.00
N HIS A 97 -16.69 1.01 21.45
CA HIS A 97 -16.69 0.70 22.88
C HIS A 97 -18.07 0.97 23.48
N PRO A 98 -19.05 0.13 23.14
CA PRO A 98 -20.42 0.26 23.64
C PRO A 98 -20.53 -0.07 25.13
N GLY A 99 -20.41 0.96 25.97
CA GLY A 99 -20.49 0.76 27.40
C GLY A 99 -21.34 1.82 28.08
N SER A 100 -22.49 1.40 28.61
CA SER A 100 -23.40 2.33 29.29
C SER A 100 -23.76 3.49 28.38
N GLY A 101 -23.70 3.26 27.07
CA GLY A 101 -24.04 4.30 26.11
C GLY A 101 -25.28 3.99 25.31
N ALA A 102 -25.09 3.40 24.14
CA ALA A 102 -26.21 3.04 23.27
C ALA A 102 -25.78 2.09 22.18
N GLN A 103 -26.50 0.98 22.04
CA GLN A 103 -26.19 -0.03 21.02
C GLN A 103 -26.06 0.62 19.64
N GLY A 1 -19.09 4.14 2.37
CA GLY A 1 -18.51 4.42 1.07
C GLY A 1 -16.99 4.41 1.11
N SER A 2 -16.42 5.28 1.94
CA SER A 2 -14.96 5.36 2.05
C SER A 2 -14.44 4.41 3.13
N LEU A 3 -15.20 4.30 4.22
CA LEU A 3 -14.82 3.43 5.33
C LEU A 3 -15.98 2.54 5.75
N VAL A 4 -15.71 1.25 5.92
CA VAL A 4 -16.73 0.30 6.32
C VAL A 4 -16.34 -0.41 7.61
N PRO A 5 -17.36 -0.92 8.33
CA PRO A 5 -17.15 -1.64 9.59
C PRO A 5 -16.49 -3.00 9.39
N ARG A 6 -16.95 -3.73 8.38
CA ARG A 6 -16.40 -5.05 8.08
C ARG A 6 -15.66 -5.03 6.74
N GLY A 7 -14.90 -6.09 6.49
CA GLY A 7 -14.14 -6.18 5.25
C GLY A 7 -12.77 -5.54 5.35
N SER A 8 -12.06 -5.86 6.42
CA SER A 8 -10.72 -5.32 6.64
C SER A 8 -9.92 -6.17 7.61
N MET A 9 -8.60 -6.07 7.54
CA MET A 9 -7.73 -6.84 8.42
C MET A 9 -6.40 -6.12 8.64
N GLN A 10 -5.75 -6.41 9.76
CA GLN A 10 -4.48 -5.78 10.08
C GLN A 10 -3.31 -6.67 9.64
N ILE A 11 -2.32 -6.06 9.00
CA ILE A 11 -1.16 -6.79 8.53
C ILE A 11 0.13 -6.16 9.05
N PHE A 12 1.24 -6.88 8.89
CA PHE A 12 2.54 -6.40 9.35
C PHE A 12 3.46 -6.11 8.17
N VAL A 13 4.02 -4.90 8.15
CA VAL A 13 4.91 -4.49 7.08
C VAL A 13 6.25 -3.99 7.64
N LYS A 14 7.34 -4.49 7.07
CA LYS A 14 8.68 -4.10 7.51
C LYS A 14 9.24 -3.00 6.61
N THR A 15 9.85 -1.99 7.22
CA THR A 15 10.42 -0.88 6.47
C THR A 15 11.91 -1.09 6.24
N LEU A 16 12.54 -0.13 5.56
CA LEU A 16 13.98 -0.22 5.28
C LEU A 16 14.79 0.07 6.53
N THR A 17 14.18 0.73 7.50
CA THR A 17 14.85 1.08 8.75
C THR A 17 14.59 0.02 9.81
N GLY A 18 14.24 -1.19 9.38
CA GLY A 18 13.97 -2.27 10.31
C GLY A 18 12.82 -1.95 11.25
N LYS A 19 11.95 -1.06 10.82
CA LYS A 19 10.79 -0.67 11.63
C LYS A 19 9.51 -1.32 11.12
N THR A 20 8.71 -1.84 12.04
CA THR A 20 7.46 -2.50 11.68
C THR A 20 6.28 -1.52 11.79
N ILE A 21 5.55 -1.35 10.69
CA ILE A 21 4.40 -0.46 10.66
C ILE A 21 3.11 -1.24 10.45
N THR A 22 2.09 -0.91 11.23
CA THR A 22 0.80 -1.57 11.12
C THR A 22 -0.03 -0.98 10.00
N LEU A 23 -0.60 -1.85 9.16
CA LEU A 23 -1.43 -1.40 8.05
C LEU A 23 -2.70 -2.23 7.95
N GLU A 24 -3.79 -1.59 7.54
CA GLU A 24 -5.07 -2.26 7.40
C GLU A 24 -5.50 -2.35 5.94
N VAL A 25 -5.85 -3.55 5.49
CA VAL A 25 -6.27 -3.77 4.12
C VAL A 25 -7.40 -4.79 4.05
N GLU A 26 -7.96 -4.97 2.85
CA GLU A 26 -9.05 -5.91 2.64
C GLU A 26 -8.56 -7.17 1.95
N PRO A 27 -9.28 -8.28 2.15
CA PRO A 27 -8.93 -9.57 1.55
C PRO A 27 -9.14 -9.58 0.04
N SER A 28 -9.94 -8.64 -0.45
CA SER A 28 -10.23 -8.55 -1.88
C SER A 28 -9.57 -7.31 -2.48
N ASP A 29 -8.78 -6.62 -1.68
CA ASP A 29 -8.09 -5.42 -2.13
C ASP A 29 -6.86 -5.78 -2.96
N THR A 30 -6.53 -4.92 -3.92
CA THR A 30 -5.38 -5.15 -4.79
C THR A 30 -4.14 -4.45 -4.24
N ILE A 31 -3.00 -4.72 -4.87
CA ILE A 31 -1.74 -4.11 -4.45
C ILE A 31 -1.85 -2.59 -4.38
N GLU A 32 -2.74 -2.04 -5.20
CA GLU A 32 -2.95 -0.59 -5.23
C GLU A 32 -3.50 -0.10 -3.90
N ASN A 33 -4.32 -0.93 -3.26
CA ASN A 33 -4.93 -0.57 -1.99
C ASN A 33 -3.88 -0.57 -0.87
N VAL A 34 -3.05 -1.61 -0.85
CA VAL A 34 -2.01 -1.72 0.16
C VAL A 34 -1.14 -0.47 0.21
N LYS A 35 -0.68 -0.04 -0.97
CA LYS A 35 0.16 1.15 -1.06
C LYS A 35 -0.62 2.40 -0.67
N ALA A 36 -1.93 2.36 -0.88
CA ALA A 36 -2.80 3.49 -0.54
C ALA A 36 -2.63 3.89 0.93
N LYS A 37 -2.56 2.90 1.80
CA LYS A 37 -2.40 3.14 3.23
C LYS A 37 -0.96 3.53 3.56
N ILE A 38 -0.02 3.01 2.77
CA ILE A 38 1.39 3.30 2.97
C ILE A 38 1.68 4.79 2.74
N GLN A 39 0.91 5.41 1.86
CA GLN A 39 1.08 6.82 1.55
C GLN A 39 1.04 7.66 2.81
N ASP A 40 0.23 7.24 3.78
CA ASP A 40 0.09 7.96 5.03
C ASP A 40 1.27 7.67 5.95
N LYS A 41 1.93 6.54 5.73
CA LYS A 41 3.09 6.15 6.53
C LYS A 41 4.34 6.86 6.06
N GLU A 42 4.61 6.78 4.76
CA GLU A 42 5.78 7.41 4.17
C GLU A 42 5.37 8.41 3.08
N GLY A 43 4.32 8.08 2.35
CA GLY A 43 3.86 8.95 1.28
C GLY A 43 4.77 8.93 0.07
N ILE A 44 4.77 7.82 -0.65
CA ILE A 44 5.60 7.67 -1.83
C ILE A 44 4.76 7.28 -3.06
N PRO A 45 5.23 7.67 -4.24
CA PRO A 45 4.55 7.38 -5.50
C PRO A 45 4.59 5.90 -5.86
N PRO A 46 3.78 5.49 -6.84
CA PRO A 46 3.72 4.10 -7.30
C PRO A 46 4.98 3.67 -8.03
N ASP A 47 5.73 4.64 -8.54
CA ASP A 47 6.96 4.35 -9.27
C ASP A 47 8.09 4.02 -8.29
N GLN A 48 8.07 4.66 -7.13
CA GLN A 48 9.09 4.43 -6.11
C GLN A 48 8.66 3.35 -5.13
N GLN A 49 7.35 3.17 -5.00
CA GLN A 49 6.80 2.16 -4.09
C GLN A 49 6.85 0.78 -4.72
N ARG A 50 7.31 -0.20 -3.95
CA ARG A 50 7.41 -1.57 -4.42
C ARG A 50 7.30 -2.56 -3.27
N LEU A 51 6.29 -3.43 -3.33
CA LEU A 51 6.07 -4.42 -2.29
C LEU A 51 6.73 -5.75 -2.67
N ILE A 52 7.35 -6.40 -1.69
CA ILE A 52 8.01 -7.68 -1.91
C ILE A 52 7.41 -8.76 -1.03
N PHE A 53 6.99 -9.86 -1.66
CA PHE A 53 6.39 -10.97 -0.93
C PHE A 53 7.08 -12.30 -1.31
N ALA A 54 7.61 -12.98 -0.31
CA ALA A 54 8.29 -14.25 -0.54
C ALA A 54 9.36 -14.12 -1.61
N GLY A 55 10.16 -13.07 -1.51
CA GLY A 55 11.22 -12.83 -2.48
C GLY A 55 10.68 -12.59 -3.88
N LYS A 56 9.41 -12.24 -3.97
CA LYS A 56 8.77 -11.97 -5.26
C LYS A 56 8.08 -10.62 -5.25
N GLN A 57 8.44 -9.78 -6.22
CA GLN A 57 7.84 -8.45 -6.33
C GLN A 57 6.34 -8.54 -6.58
N LEU A 58 5.58 -7.72 -5.85
CA LEU A 58 4.13 -7.70 -5.99
C LEU A 58 3.69 -6.70 -7.05
N GLU A 59 2.58 -7.00 -7.73
CA GLU A 59 2.06 -6.12 -8.77
C GLU A 59 0.53 -6.09 -8.74
N ASP A 60 -0.04 -5.02 -9.26
CA ASP A 60 -1.49 -4.87 -9.30
C ASP A 60 -2.14 -6.03 -10.06
N GLY A 61 -3.46 -5.97 -10.19
CA GLY A 61 -4.18 -7.02 -10.91
C GLY A 61 -4.81 -8.02 -9.96
N ARG A 62 -4.00 -8.62 -9.10
CA ARG A 62 -4.50 -9.60 -8.15
C ARG A 62 -4.75 -8.96 -6.78
N THR A 63 -5.43 -9.69 -5.91
CA THR A 63 -5.75 -9.19 -4.57
C THR A 63 -4.80 -9.79 -3.53
N LEU A 64 -4.76 -9.16 -2.36
CA LEU A 64 -3.89 -9.63 -1.28
C LEU A 64 -4.12 -11.11 -1.00
N SER A 65 -5.39 -11.51 -0.96
CA SER A 65 -5.74 -12.90 -0.71
C SER A 65 -5.12 -13.83 -1.75
N GLU A 66 -5.01 -13.33 -2.98
CA GLU A 66 -4.44 -14.10 -4.08
C GLU A 66 -2.92 -14.19 -3.94
N TYR A 67 -2.34 -13.22 -3.26
CA TYR A 67 -0.89 -13.19 -3.06
C TYR A 67 -0.50 -13.89 -1.76
N ASN A 68 -1.45 -14.62 -1.20
CA ASN A 68 -1.21 -15.35 0.05
C ASN A 68 -0.92 -14.38 1.20
N ILE A 69 -1.37 -13.14 1.04
CA ILE A 69 -1.16 -12.12 2.06
C ILE A 69 -2.34 -12.05 3.00
N GLN A 70 -2.12 -12.45 4.25
CA GLN A 70 -3.18 -12.43 5.27
C GLN A 70 -2.89 -11.37 6.33
N LYS A 71 -3.65 -11.42 7.42
CA LYS A 71 -3.48 -10.47 8.51
C LYS A 71 -2.15 -10.69 9.22
N GLU A 72 -1.50 -11.82 8.91
CA GLU A 72 -0.22 -12.15 9.52
C GLU A 72 0.87 -12.31 8.46
N SER A 73 0.72 -11.58 7.36
CA SER A 73 1.68 -11.64 6.27
C SER A 73 2.78 -10.61 6.46
N THR A 74 3.96 -10.90 5.92
CA THR A 74 5.11 -10.01 6.02
C THR A 74 5.32 -9.24 4.73
N LEU A 75 5.13 -7.93 4.79
CA LEU A 75 5.31 -7.07 3.61
C LEU A 75 6.64 -6.32 3.68
N HIS A 76 7.19 -6.00 2.52
CA HIS A 76 8.46 -5.28 2.45
C HIS A 76 8.38 -4.14 1.43
N LEU A 77 8.65 -2.92 1.89
CA LEU A 77 8.61 -1.76 1.02
C LEU A 77 10.01 -1.36 0.57
N VAL A 78 10.26 -1.47 -0.73
CA VAL A 78 11.57 -1.12 -1.28
C VAL A 78 11.46 0.09 -2.21
N LEU A 79 12.36 1.05 -2.03
CA LEU A 79 12.37 2.25 -2.84
C LEU A 79 13.58 2.28 -3.77
N ARG A 80 13.37 2.71 -5.01
CA ARG A 80 14.44 2.77 -5.99
C ARG A 80 15.17 4.12 -5.91
N LEU A 81 14.41 5.19 -5.81
CA LEU A 81 14.97 6.53 -5.72
C LEU A 81 15.26 6.90 -4.27
N ARG A 82 15.73 8.13 -4.06
CA ARG A 82 16.06 8.62 -2.72
C ARG A 82 15.23 9.84 -2.37
N GLY A 83 14.04 9.94 -2.97
CA GLY A 83 13.18 11.08 -2.71
C GLY A 83 12.46 10.96 -1.38
N TYR A 84 12.74 11.89 -0.47
CA TYR A 84 12.12 11.89 0.85
C TYR A 84 11.42 13.21 1.12
N ALA A 85 10.56 13.22 2.13
CA ALA A 85 9.83 14.42 2.50
C ALA A 85 8.98 14.93 1.34
N ASP A 86 8.30 14.00 0.66
CA ASP A 86 7.46 14.36 -0.47
C ASP A 86 6.05 13.78 -0.30
N LEU A 87 5.04 14.62 -0.54
CA LEU A 87 3.66 14.19 -0.41
C LEU A 87 2.87 14.49 -1.68
N ARG A 88 2.04 13.55 -2.10
CA ARG A 88 1.23 13.71 -3.29
C ARG A 88 0.02 14.58 -3.03
N GLU A 89 -0.62 14.36 -1.88
CA GLU A 89 -1.80 15.13 -1.49
C GLU A 89 -1.52 15.97 -0.25
N ASP A 90 -2.53 16.71 0.19
CA ASP A 90 -2.40 17.56 1.37
C ASP A 90 -3.37 17.14 2.47
N PRO A 91 -3.07 17.54 3.70
CA PRO A 91 -3.91 17.21 4.86
C PRO A 91 -5.24 17.93 4.84
N ASP A 92 -5.99 17.81 5.93
CA ASP A 92 -7.31 18.46 6.03
C ASP A 92 -8.25 17.93 4.97
N ARG A 93 -8.99 16.87 5.30
CA ARG A 93 -9.93 16.26 4.37
C ARG A 93 -11.22 15.86 5.08
N GLN A 94 -12.35 16.10 4.44
CA GLN A 94 -13.65 15.76 5.02
C GLN A 94 -14.04 14.33 4.66
N ASP A 95 -14.94 13.75 5.45
CA ASP A 95 -15.41 12.39 5.21
C ASP A 95 -16.70 12.12 5.95
N HIS A 96 -17.44 11.11 5.50
CA HIS A 96 -18.71 10.76 6.13
C HIS A 96 -18.52 9.62 7.13
N HIS A 97 -18.99 9.84 8.36
CA HIS A 97 -18.87 8.83 9.41
C HIS A 97 -20.18 8.68 10.16
N PRO A 98 -21.18 8.09 9.50
CA PRO A 98 -22.50 7.86 10.10
C PRO A 98 -22.48 6.81 11.20
N GLY A 99 -23.57 6.71 11.95
CA GLY A 99 -23.66 5.75 13.02
C GLY A 99 -24.28 4.43 12.58
N SER A 100 -24.54 3.56 13.54
CA SER A 100 -25.13 2.25 13.24
C SER A 100 -26.44 2.07 14.01
N GLY A 101 -27.06 0.91 13.84
CA GLY A 101 -28.31 0.62 14.52
C GLY A 101 -28.53 -0.86 14.75
N ALA A 102 -29.69 -1.21 15.30
CA ALA A 102 -30.01 -2.60 15.56
C ALA A 102 -31.51 -2.79 15.78
N GLN A 103 -31.95 -4.03 15.88
CA GLN A 103 -33.36 -4.34 16.09
C GLN A 103 -33.54 -5.79 16.56
N GLY A 1 -7.24 6.44 6.94
CA GLY A 1 -7.41 7.86 6.70
C GLY A 1 -8.57 8.44 7.48
N SER A 2 -9.52 9.04 6.78
CA SER A 2 -10.68 9.64 7.41
C SER A 2 -11.92 8.76 7.24
N LEU A 3 -11.99 8.08 6.10
CA LEU A 3 -13.12 7.20 5.81
C LEU A 3 -12.69 5.74 5.82
N VAL A 4 -13.44 4.91 6.53
CA VAL A 4 -13.14 3.49 6.63
C VAL A 4 -14.32 2.64 6.17
N PRO A 5 -14.04 1.64 5.31
CA PRO A 5 -15.07 0.74 4.78
C PRO A 5 -15.63 -0.19 5.85
N ARG A 6 -16.43 -1.16 5.42
CA ARG A 6 -17.03 -2.12 6.33
C ARG A 6 -16.02 -3.18 6.75
N GLY A 7 -15.66 -4.06 5.82
CA GLY A 7 -14.71 -5.11 6.11
C GLY A 7 -13.28 -4.68 5.84
N SER A 8 -12.33 -5.38 6.45
CA SER A 8 -10.91 -5.07 6.26
C SER A 8 -10.03 -6.06 7.03
N MET A 9 -8.73 -6.02 6.75
CA MET A 9 -7.79 -6.91 7.41
C MET A 9 -6.50 -6.18 7.76
N GLN A 10 -5.96 -6.45 8.94
CA GLN A 10 -4.74 -5.81 9.39
C GLN A 10 -3.52 -6.70 9.09
N ILE A 11 -2.51 -6.11 8.47
CA ILE A 11 -1.30 -6.84 8.13
C ILE A 11 -0.06 -6.15 8.70
N PHE A 12 1.08 -6.83 8.62
CA PHE A 12 2.34 -6.28 9.11
C PHE A 12 3.37 -6.20 8.00
N VAL A 13 3.99 -5.03 7.86
CA VAL A 13 5.01 -4.82 6.84
C VAL A 13 6.29 -4.25 7.44
N LYS A 14 7.43 -4.68 6.90
CA LYS A 14 8.73 -4.21 7.38
C LYS A 14 9.25 -3.07 6.51
N THR A 15 9.68 -2.00 7.14
CA THR A 15 10.21 -0.84 6.43
C THR A 15 11.69 -1.02 6.11
N LEU A 16 12.21 -0.16 5.23
CA LEU A 16 13.61 -0.23 4.85
C LEU A 16 14.52 0.15 6.00
N THR A 17 13.99 0.96 6.92
CA THR A 17 14.75 1.41 8.08
C THR A 17 14.90 0.29 9.11
N GLY A 18 13.93 -0.62 9.12
CA GLY A 18 13.97 -1.73 10.05
C GLY A 18 12.88 -1.65 11.10
N LYS A 19 11.80 -0.95 10.77
CA LYS A 19 10.67 -0.79 11.68
C LYS A 19 9.43 -1.48 11.14
N THR A 20 8.60 -1.99 12.04
CA THR A 20 7.37 -2.67 11.65
C THR A 20 6.16 -1.77 11.82
N ILE A 21 5.48 -1.47 10.73
CA ILE A 21 4.29 -0.62 10.77
C ILE A 21 3.03 -1.41 10.44
N THR A 22 1.98 -1.20 11.23
CA THR A 22 0.71 -1.89 11.03
C THR A 22 -0.12 -1.20 9.95
N LEU A 23 -0.47 -1.94 8.91
CA LEU A 23 -1.27 -1.40 7.82
C LEU A 23 -2.64 -2.09 7.76
N GLU A 24 -3.60 -1.41 7.13
CA GLU A 24 -4.95 -1.95 7.00
C GLU A 24 -5.32 -2.13 5.54
N VAL A 25 -5.56 -3.37 5.14
CA VAL A 25 -5.92 -3.68 3.76
C VAL A 25 -6.98 -4.79 3.70
N GLU A 26 -7.87 -4.69 2.73
CA GLU A 26 -8.93 -5.69 2.57
C GLU A 26 -8.40 -6.93 1.85
N PRO A 27 -9.04 -8.08 2.11
CA PRO A 27 -8.66 -9.35 1.49
C PRO A 27 -8.97 -9.40 0.01
N SER A 28 -9.83 -8.48 -0.44
CA SER A 28 -10.21 -8.42 -1.85
C SER A 28 -9.48 -7.29 -2.57
N ASP A 29 -8.87 -6.39 -1.79
CA ASP A 29 -8.13 -5.28 -2.35
C ASP A 29 -6.85 -5.75 -3.04
N THR A 30 -6.23 -4.86 -3.81
CA THR A 30 -5.01 -5.19 -4.53
C THR A 30 -3.83 -4.39 -3.99
N ILE A 31 -2.63 -4.72 -4.46
CA ILE A 31 -1.42 -4.02 -4.02
C ILE A 31 -1.57 -2.52 -4.18
N GLU A 32 -2.39 -2.10 -5.14
CA GLU A 32 -2.62 -0.68 -5.38
C GLU A 32 -3.27 -0.02 -4.18
N ASN A 33 -4.13 -0.77 -3.50
CA ASN A 33 -4.83 -0.26 -2.33
C ASN A 33 -3.91 -0.22 -1.11
N VAL A 34 -2.95 -1.13 -1.08
CA VAL A 34 -2.00 -1.21 0.02
C VAL A 34 -1.14 0.06 0.10
N LYS A 35 -0.52 0.40 -1.02
CA LYS A 35 0.33 1.59 -1.10
C LYS A 35 -0.44 2.84 -0.68
N ALA A 36 -1.76 2.81 -0.88
CA ALA A 36 -2.62 3.93 -0.52
C ALA A 36 -2.44 4.31 0.94
N LYS A 37 -2.43 3.30 1.81
CA LYS A 37 -2.26 3.51 3.25
C LYS A 37 -0.82 3.85 3.58
N ILE A 38 0.11 3.32 2.79
CA ILE A 38 1.53 3.56 3.01
C ILE A 38 1.88 5.03 2.81
N GLN A 39 1.13 5.69 1.93
CA GLN A 39 1.36 7.10 1.65
C GLN A 39 1.33 7.93 2.93
N ASP A 40 0.47 7.54 3.86
CA ASP A 40 0.34 8.23 5.13
C ASP A 40 1.49 7.87 6.07
N LYS A 41 2.09 6.71 5.84
CA LYS A 41 3.20 6.24 6.66
C LYS A 41 4.51 6.90 6.22
N GLU A 42 4.79 6.82 4.94
CA GLU A 42 6.02 7.41 4.39
C GLU A 42 5.70 8.43 3.30
N GLY A 43 4.65 8.17 2.53
CA GLY A 43 4.26 9.07 1.47
C GLY A 43 5.13 8.92 0.23
N ILE A 44 4.95 7.84 -0.50
CA ILE A 44 5.73 7.58 -1.70
C ILE A 44 4.81 7.35 -2.91
N PRO A 45 5.32 7.68 -4.11
CA PRO A 45 4.57 7.51 -5.35
C PRO A 45 4.37 6.05 -5.73
N PRO A 46 3.44 5.78 -6.64
CA PRO A 46 3.13 4.43 -7.10
C PRO A 46 4.25 3.83 -7.94
N ASP A 47 4.99 4.69 -8.63
CA ASP A 47 6.10 4.26 -9.48
C ASP A 47 7.22 3.65 -8.63
N GLN A 48 7.46 4.24 -7.47
CA GLN A 48 8.50 3.76 -6.57
C GLN A 48 7.94 2.72 -5.60
N GLN A 49 6.63 2.79 -5.35
CA GLN A 49 5.99 1.86 -4.45
C GLN A 49 6.06 0.43 -4.97
N ARG A 50 6.94 -0.37 -4.39
CA ARG A 50 7.11 -1.76 -4.80
C ARG A 50 7.06 -2.69 -3.60
N LEU A 51 6.09 -3.59 -3.59
CA LEU A 51 5.92 -4.55 -2.50
C LEU A 51 6.61 -5.87 -2.83
N ILE A 52 7.24 -6.47 -1.82
CA ILE A 52 7.92 -7.74 -2.01
C ILE A 52 7.34 -8.81 -1.10
N PHE A 53 7.16 -10.01 -1.65
CA PHE A 53 6.62 -11.12 -0.90
C PHE A 53 7.30 -12.43 -1.26
N ALA A 54 7.98 -13.04 -0.30
CA ALA A 54 8.69 -14.29 -0.52
C ALA A 54 9.71 -14.15 -1.64
N GLY A 55 10.27 -12.96 -1.78
CA GLY A 55 11.25 -12.71 -2.82
C GLY A 55 10.62 -12.37 -4.16
N LYS A 56 9.30 -12.46 -4.22
CA LYS A 56 8.56 -12.16 -5.44
C LYS A 56 7.97 -10.76 -5.38
N GLN A 57 8.28 -9.94 -6.38
CA GLN A 57 7.77 -8.58 -6.44
C GLN A 57 6.28 -8.57 -6.76
N LEU A 58 5.49 -8.06 -5.82
CA LEU A 58 4.05 -8.00 -5.98
C LEU A 58 3.66 -6.84 -6.90
N GLU A 59 2.57 -7.01 -7.65
CA GLU A 59 2.10 -5.99 -8.56
C GLU A 59 0.57 -5.95 -8.60
N ASP A 60 0.02 -4.92 -9.22
CA ASP A 60 -1.43 -4.77 -9.34
C ASP A 60 -2.04 -5.96 -10.05
N GLY A 61 -3.36 -5.95 -10.20
CA GLY A 61 -4.05 -7.04 -10.87
C GLY A 61 -4.53 -8.10 -9.90
N ARG A 62 -3.65 -8.50 -8.98
CA ARG A 62 -4.00 -9.52 -7.99
C ARG A 62 -4.44 -8.87 -6.68
N THR A 63 -5.00 -9.68 -5.78
CA THR A 63 -5.46 -9.19 -4.49
C THR A 63 -4.59 -9.73 -3.36
N LEU A 64 -4.61 -9.05 -2.22
CA LEU A 64 -3.83 -9.46 -1.07
C LEU A 64 -4.09 -10.92 -0.72
N SER A 65 -5.33 -11.37 -0.94
CA SER A 65 -5.71 -12.74 -0.65
C SER A 65 -5.07 -13.70 -1.65
N GLU A 66 -4.90 -13.24 -2.88
CA GLU A 66 -4.30 -14.06 -3.93
C GLU A 66 -2.79 -14.20 -3.72
N TYR A 67 -2.22 -13.24 -3.01
CA TYR A 67 -0.78 -13.25 -2.74
C TYR A 67 -0.47 -13.98 -1.43
N ASN A 68 -1.46 -14.69 -0.91
CA ASN A 68 -1.31 -15.44 0.33
C ASN A 68 -0.96 -14.50 1.48
N ILE A 69 -1.37 -13.24 1.35
CA ILE A 69 -1.11 -12.24 2.38
C ILE A 69 -2.23 -12.21 3.41
N GLN A 70 -2.01 -12.88 4.54
CA GLN A 70 -3.01 -12.93 5.61
C GLN A 70 -2.87 -11.72 6.52
N LYS A 71 -3.57 -11.76 7.65
CA LYS A 71 -3.54 -10.68 8.62
C LYS A 71 -2.29 -10.77 9.49
N GLU A 72 -1.50 -11.81 9.27
CA GLU A 72 -0.28 -12.01 10.05
C GLU A 72 0.91 -12.29 9.12
N SER A 73 0.81 -11.82 7.88
CA SER A 73 1.87 -12.03 6.90
C SER A 73 2.93 -10.92 7.01
N THR A 74 4.13 -11.22 6.51
CA THR A 74 5.23 -10.26 6.55
C THR A 74 5.51 -9.70 5.16
N LEU A 75 5.26 -8.41 4.99
CA LEU A 75 5.50 -7.75 3.72
C LEU A 75 6.78 -6.93 3.75
N HIS A 76 7.38 -6.73 2.58
CA HIS A 76 8.62 -5.96 2.47
C HIS A 76 8.46 -4.80 1.49
N LEU A 77 8.59 -3.58 1.98
CA LEU A 77 8.46 -2.40 1.15
C LEU A 77 9.83 -1.87 0.73
N VAL A 78 10.07 -1.82 -0.58
CA VAL A 78 11.34 -1.34 -1.10
C VAL A 78 11.16 -0.03 -1.86
N LEU A 79 11.87 1.00 -1.42
CA LEU A 79 11.79 2.32 -2.05
C LEU A 79 13.06 2.62 -2.84
N ARG A 80 12.89 3.21 -4.01
CA ARG A 80 14.03 3.55 -4.87
C ARG A 80 14.42 5.01 -4.68
N LEU A 81 13.43 5.86 -4.41
CA LEU A 81 13.68 7.28 -4.20
C LEU A 81 13.54 7.65 -2.72
N ARG A 82 13.80 8.92 -2.41
CA ARG A 82 13.70 9.40 -1.04
C ARG A 82 14.00 10.89 -0.96
N GLY A 83 13.13 11.63 -0.30
CA GLY A 83 13.32 13.07 -0.16
C GLY A 83 14.69 13.43 0.38
N TYR A 84 14.97 12.95 1.59
CA TYR A 84 16.25 13.23 2.24
C TYR A 84 16.36 12.50 3.58
N ALA A 85 15.25 12.47 4.32
CA ALA A 85 15.23 11.80 5.61
C ALA A 85 13.84 11.88 6.24
N ASP A 86 12.95 10.98 5.82
CA ASP A 86 11.59 10.94 6.34
C ASP A 86 11.59 10.91 7.87
N LEU A 87 10.49 11.36 8.46
CA LEU A 87 10.36 11.39 9.91
C LEU A 87 10.01 10.01 10.46
N ARG A 88 9.74 9.07 9.54
CA ARG A 88 9.39 7.71 9.93
C ARG A 88 8.16 7.70 10.84
N GLU A 89 7.15 8.47 10.46
CA GLU A 89 5.93 8.55 11.25
C GLU A 89 5.29 7.18 11.42
N ASP A 90 4.36 7.07 12.35
CA ASP A 90 3.67 5.82 12.61
C ASP A 90 2.16 6.02 12.73
N PRO A 91 1.40 4.93 12.56
CA PRO A 91 -0.06 4.98 12.65
C PRO A 91 -0.56 5.22 14.06
N ASP A 92 -1.18 6.38 14.28
CA ASP A 92 -1.69 6.72 15.59
C ASP A 92 -3.22 6.83 15.57
N ARG A 93 -3.77 7.15 14.40
CA ARG A 93 -5.20 7.28 14.24
C ARG A 93 -5.89 5.92 14.36
N GLN A 94 -7.22 5.92 14.25
CA GLN A 94 -7.99 4.68 14.35
C GLN A 94 -9.23 4.75 13.47
N ASP A 95 -9.98 3.65 13.43
CA ASP A 95 -11.18 3.59 12.61
C ASP A 95 -12.31 2.91 13.38
N HIS A 96 -13.46 2.75 12.73
CA HIS A 96 -14.62 2.12 13.34
C HIS A 96 -15.39 1.28 12.33
N HIS A 97 -16.52 0.72 12.76
CA HIS A 97 -17.34 -0.11 11.89
C HIS A 97 -18.68 0.56 11.61
N PRO A 98 -18.65 1.60 10.75
CA PRO A 98 -19.86 2.35 10.38
C PRO A 98 -20.81 1.53 9.51
N GLY A 99 -21.98 2.09 9.23
CA GLY A 99 -22.96 1.39 8.41
C GLY A 99 -24.22 2.20 8.20
N SER A 100 -25.37 1.55 8.24
CA SER A 100 -26.65 2.21 8.04
C SER A 100 -26.67 2.94 6.70
N GLY A 101 -25.93 2.41 5.73
CA GLY A 101 -25.88 3.02 4.42
C GLY A 101 -26.99 2.53 3.51
N ALA A 102 -27.41 3.38 2.57
CA ALA A 102 -28.47 3.03 1.64
C ALA A 102 -28.29 3.74 0.31
N GLN A 103 -29.22 3.51 -0.61
CA GLN A 103 -29.16 4.13 -1.93
C GLN A 103 -30.15 5.29 -2.04
N GLY A 1 -6.92 4.76 15.84
CA GLY A 1 -7.24 4.59 14.43
C GLY A 1 -8.74 4.61 14.17
N SER A 2 -9.19 3.72 13.28
CA SER A 2 -10.61 3.66 12.94
C SER A 2 -10.97 2.28 12.40
N LEU A 3 -12.26 2.04 12.20
CA LEU A 3 -12.74 0.76 11.68
C LEU A 3 -13.38 0.94 10.30
N VAL A 4 -13.00 0.08 9.37
CA VAL A 4 -13.55 0.14 8.02
C VAL A 4 -14.66 -0.88 7.83
N PRO A 5 -15.78 -0.43 7.24
CA PRO A 5 -16.95 -1.29 6.99
C PRO A 5 -16.68 -2.33 5.91
N ARG A 6 -17.68 -3.15 5.62
CA ARG A 6 -17.55 -4.20 4.61
C ARG A 6 -16.32 -5.05 4.86
N GLY A 7 -16.21 -5.58 6.08
CA GLY A 7 -15.07 -6.42 6.43
C GLY A 7 -13.78 -5.62 6.52
N SER A 8 -12.74 -6.25 7.04
CA SER A 8 -11.44 -5.60 7.21
C SER A 8 -10.40 -6.57 7.73
N MET A 9 -9.16 -6.40 7.29
CA MET A 9 -8.07 -7.25 7.72
C MET A 9 -6.78 -6.46 7.90
N GLN A 10 -6.06 -6.75 8.98
CA GLN A 10 -4.81 -6.06 9.27
C GLN A 10 -3.60 -6.89 8.85
N ILE A 11 -2.60 -6.24 8.29
CA ILE A 11 -1.39 -6.93 7.86
C ILE A 11 -0.14 -6.31 8.47
N PHE A 12 0.98 -7.02 8.39
CA PHE A 12 2.24 -6.55 8.95
C PHE A 12 3.23 -6.24 7.84
N VAL A 13 3.79 -5.03 7.87
CA VAL A 13 4.76 -4.61 6.87
C VAL A 13 6.03 -4.06 7.52
N LYS A 14 7.17 -4.35 6.91
CA LYS A 14 8.46 -3.88 7.43
C LYS A 14 8.99 -2.72 6.60
N THR A 15 9.63 -1.77 7.28
CA THR A 15 10.20 -0.60 6.61
C THR A 15 11.69 -0.75 6.42
N LEU A 16 12.26 0.10 5.56
CA LEU A 16 13.70 0.07 5.30
C LEU A 16 14.49 0.42 6.55
N THR A 17 13.91 1.25 7.40
CA THR A 17 14.57 1.67 8.64
C THR A 17 14.61 0.52 9.64
N GLY A 18 13.68 -0.41 9.51
CA GLY A 18 13.64 -1.54 10.41
C GLY A 18 12.47 -1.48 11.37
N LYS A 19 11.46 -0.69 11.02
CA LYS A 19 10.28 -0.54 11.85
C LYS A 19 9.09 -1.32 11.28
N THR A 20 8.35 -1.98 12.15
CA THR A 20 7.19 -2.76 11.73
C THR A 20 5.92 -1.93 11.78
N ILE A 21 5.30 -1.73 10.62
CA ILE A 21 4.07 -0.95 10.54
C ILE A 21 2.89 -1.83 10.14
N THR A 22 1.78 -1.67 10.85
CA THR A 22 0.58 -2.44 10.57
C THR A 22 -0.38 -1.67 9.67
N LEU A 23 -0.71 -2.26 8.53
CA LEU A 23 -1.62 -1.64 7.58
C LEU A 23 -2.97 -2.37 7.54
N GLU A 24 -4.04 -1.60 7.39
CA GLU A 24 -5.39 -2.18 7.33
C GLU A 24 -5.89 -2.23 5.90
N VAL A 25 -6.14 -3.44 5.41
CA VAL A 25 -6.64 -3.62 4.05
C VAL A 25 -7.59 -4.81 3.97
N GLU A 26 -8.58 -4.71 3.09
CA GLU A 26 -9.55 -5.78 2.92
C GLU A 26 -8.94 -6.98 2.21
N PRO A 27 -9.50 -8.17 2.46
CA PRO A 27 -9.02 -9.42 1.86
C PRO A 27 -9.29 -9.49 0.36
N SER A 28 -10.06 -8.53 -0.13
CA SER A 28 -10.39 -8.48 -1.55
C SER A 28 -9.68 -7.32 -2.25
N ASP A 29 -9.13 -6.41 -1.46
CA ASP A 29 -8.41 -5.27 -1.99
C ASP A 29 -7.22 -5.72 -2.83
N THR A 30 -6.57 -4.76 -3.48
CA THR A 30 -5.41 -5.06 -4.32
C THR A 30 -4.19 -4.25 -3.88
N ILE A 31 -3.04 -4.54 -4.47
CA ILE A 31 -1.80 -3.84 -4.15
C ILE A 31 -1.99 -2.33 -4.24
N GLU A 32 -2.64 -1.88 -5.31
CA GLU A 32 -2.87 -0.46 -5.50
C GLU A 32 -3.55 0.16 -4.28
N ASN A 33 -4.39 -0.64 -3.62
CA ASN A 33 -5.09 -0.16 -2.43
C ASN A 33 -4.17 -0.13 -1.22
N VAL A 34 -3.34 -1.16 -1.09
CA VAL A 34 -2.40 -1.25 0.03
C VAL A 34 -1.47 -0.05 0.05
N LYS A 35 -0.84 0.24 -1.08
CA LYS A 35 0.08 1.36 -1.19
C LYS A 35 -0.61 2.67 -0.80
N ALA A 36 -1.92 2.71 -1.00
CA ALA A 36 -2.71 3.90 -0.67
C ALA A 36 -2.49 4.32 0.78
N LYS A 37 -2.54 3.34 1.68
CA LYS A 37 -2.35 3.60 3.10
C LYS A 37 -0.88 3.84 3.43
N ILE A 38 0.00 3.21 2.64
CA ILE A 38 1.44 3.36 2.84
C ILE A 38 1.87 4.81 2.70
N GLN A 39 1.15 5.55 1.86
CA GLN A 39 1.46 6.96 1.63
C GLN A 39 1.50 7.73 2.95
N ASP A 40 0.66 7.33 3.90
CA ASP A 40 0.61 7.98 5.20
C ASP A 40 1.77 7.53 6.08
N LYS A 41 2.31 6.36 5.77
CA LYS A 41 3.43 5.80 6.54
C LYS A 41 4.74 6.41 6.08
N GLU A 42 4.98 6.38 4.78
CA GLU A 42 6.21 6.94 4.21
C GLU A 42 5.90 8.03 3.19
N GLY A 43 4.81 7.85 2.45
CA GLY A 43 4.42 8.83 1.45
C GLY A 43 5.31 8.80 0.23
N ILE A 44 5.18 7.73 -0.56
CA ILE A 44 5.98 7.57 -1.77
C ILE A 44 5.10 7.34 -2.99
N PRO A 45 5.59 7.76 -4.16
CA PRO A 45 4.87 7.60 -5.42
C PRO A 45 4.76 6.15 -5.87
N PRO A 46 3.88 5.88 -6.85
CA PRO A 46 3.67 4.54 -7.38
C PRO A 46 4.87 4.03 -8.18
N ASP A 47 5.57 4.95 -8.83
CA ASP A 47 6.75 4.60 -9.62
C ASP A 47 7.86 4.05 -8.74
N GLN A 48 8.00 4.62 -7.55
CA GLN A 48 9.03 4.19 -6.61
C GLN A 48 8.49 3.10 -5.68
N GLN A 49 7.18 3.09 -5.49
CA GLN A 49 6.54 2.10 -4.63
C GLN A 49 6.74 0.69 -5.18
N ARG A 50 7.21 -0.21 -4.33
CA ARG A 50 7.44 -1.60 -4.72
C ARG A 50 7.33 -2.54 -3.53
N LEU A 51 6.31 -3.40 -3.55
CA LEU A 51 6.09 -4.35 -2.47
C LEU A 51 6.74 -5.69 -2.78
N ILE A 52 7.33 -6.32 -1.77
CA ILE A 52 7.99 -7.60 -1.93
C ILE A 52 7.31 -8.68 -1.08
N PHE A 53 7.23 -9.88 -1.62
CA PHE A 53 6.62 -11.00 -0.91
C PHE A 53 7.37 -12.30 -1.17
N ALA A 54 8.01 -12.82 -0.12
CA ALA A 54 8.78 -14.06 -0.24
C ALA A 54 9.83 -13.96 -1.34
N GLY A 55 10.36 -12.75 -1.53
CA GLY A 55 11.37 -12.55 -2.55
C GLY A 55 10.78 -12.21 -3.90
N LYS A 56 9.47 -12.39 -4.02
CA LYS A 56 8.77 -12.10 -5.28
C LYS A 56 8.07 -10.75 -5.21
N GLN A 57 8.38 -9.88 -6.17
CA GLN A 57 7.78 -8.56 -6.22
C GLN A 57 6.26 -8.65 -6.43
N LEU A 58 5.54 -7.66 -5.94
CA LEU A 58 4.09 -7.62 -6.07
C LEU A 58 3.65 -6.50 -7.02
N GLU A 59 2.44 -6.62 -7.54
CA GLU A 59 1.90 -5.62 -8.45
C GLU A 59 0.37 -5.61 -8.41
N ASP A 60 -0.22 -4.56 -8.97
CA ASP A 60 -1.67 -4.43 -9.00
C ASP A 60 -2.31 -5.57 -9.80
N GLY A 61 -3.64 -5.61 -9.81
CA GLY A 61 -4.35 -6.64 -10.53
C GLY A 61 -4.88 -7.73 -9.62
N ARG A 62 -3.99 -8.32 -8.82
CA ARG A 62 -4.38 -9.38 -7.89
C ARG A 62 -4.65 -8.81 -6.51
N THR A 63 -5.24 -9.63 -5.64
CA THR A 63 -5.56 -9.21 -4.28
C THR A 63 -4.56 -9.80 -3.29
N LEU A 64 -4.46 -9.17 -2.13
CA LEU A 64 -3.55 -9.63 -1.08
C LEU A 64 -3.85 -11.08 -0.70
N SER A 65 -5.14 -11.42 -0.68
CA SER A 65 -5.55 -12.78 -0.34
C SER A 65 -5.04 -13.79 -1.35
N GLU A 66 -5.02 -13.39 -2.62
CA GLU A 66 -4.54 -14.26 -3.69
C GLU A 66 -3.02 -14.37 -3.66
N TYR A 67 -2.37 -13.42 -3.01
CA TYR A 67 -0.92 -13.40 -2.92
C TYR A 67 -0.44 -14.17 -1.68
N ASN A 68 -1.36 -14.92 -1.07
CA ASN A 68 -1.04 -15.70 0.12
C ASN A 68 -0.69 -14.78 1.28
N ILE A 69 -1.17 -13.54 1.23
CA ILE A 69 -0.90 -12.58 2.29
C ILE A 69 -2.00 -12.59 3.34
N GLN A 70 -1.71 -13.24 4.46
CA GLN A 70 -2.67 -13.33 5.56
C GLN A 70 -2.67 -12.07 6.39
N LYS A 71 -3.35 -12.11 7.54
CA LYS A 71 -3.41 -10.96 8.44
C LYS A 71 -2.15 -10.84 9.27
N GLU A 72 -1.26 -11.83 9.15
CA GLU A 72 -0.01 -11.83 9.88
C GLU A 72 1.18 -12.05 8.95
N SER A 73 0.98 -11.74 7.67
CA SER A 73 2.04 -11.91 6.68
C SER A 73 3.10 -10.83 6.83
N THR A 74 4.28 -11.10 6.29
CA THR A 74 5.39 -10.15 6.37
C THR A 74 5.65 -9.50 5.01
N LEU A 75 5.50 -8.18 4.96
CA LEU A 75 5.70 -7.42 3.73
C LEU A 75 6.97 -6.58 3.81
N HIS A 76 7.56 -6.29 2.66
CA HIS A 76 8.78 -5.50 2.59
C HIS A 76 8.66 -4.38 1.57
N LEU A 77 9.05 -3.17 1.96
CA LEU A 77 8.98 -2.02 1.08
C LEU A 77 10.35 -1.67 0.52
N VAL A 78 10.50 -1.80 -0.80
CA VAL A 78 11.77 -1.50 -1.45
C VAL A 78 11.64 -0.30 -2.38
N LEU A 79 12.43 0.74 -2.12
CA LEU A 79 12.40 1.95 -2.93
C LEU A 79 13.66 2.07 -3.79
N ARG A 80 13.47 2.48 -5.04
CA ARG A 80 14.60 2.63 -5.96
C ARG A 80 15.08 4.08 -5.99
N LEU A 81 14.22 4.97 -6.50
CA LEU A 81 14.56 6.38 -6.60
C LEU A 81 13.85 7.18 -5.51
N ARG A 82 14.04 8.50 -5.53
CA ARG A 82 13.41 9.38 -4.55
C ARG A 82 11.91 9.46 -4.78
N GLY A 83 11.17 9.74 -3.70
CA GLY A 83 9.72 9.85 -3.80
C GLY A 83 9.24 11.28 -3.66
N TYR A 84 8.15 11.60 -4.35
CA TYR A 84 7.59 12.95 -4.30
C TYR A 84 6.27 13.02 -5.07
N ALA A 85 5.33 13.78 -4.53
CA ALA A 85 4.02 13.93 -5.16
C ALA A 85 3.23 15.06 -4.51
N ASP A 86 2.20 15.54 -5.22
CA ASP A 86 1.36 16.62 -4.71
C ASP A 86 -0.12 16.29 -4.88
N LEU A 87 -0.97 17.25 -4.56
CA LEU A 87 -2.41 17.05 -4.67
C LEU A 87 -2.88 17.26 -6.11
N ARG A 88 -4.18 17.11 -6.33
CA ARG A 88 -4.75 17.29 -7.67
C ARG A 88 -6.27 17.20 -7.62
N GLU A 89 -6.93 18.17 -8.26
CA GLU A 89 -8.39 18.20 -8.30
C GLU A 89 -8.93 17.57 -9.58
N ASP A 90 -10.11 16.99 -9.49
CA ASP A 90 -10.73 16.34 -10.65
C ASP A 90 -12.23 16.60 -10.66
N PRO A 91 -12.84 16.53 -11.86
CA PRO A 91 -14.28 16.74 -12.03
C PRO A 91 -15.11 15.60 -11.43
N ASP A 92 -15.78 15.89 -10.32
CA ASP A 92 -16.61 14.90 -9.65
C ASP A 92 -17.97 14.79 -10.33
N ARG A 93 -18.75 15.86 -10.26
CA ARG A 93 -20.08 15.88 -10.86
C ARG A 93 -20.64 17.30 -10.91
N GLN A 94 -21.50 17.56 -11.88
CA GLN A 94 -22.11 18.88 -12.03
C GLN A 94 -23.52 18.77 -12.59
N ASP A 95 -24.31 19.82 -12.39
CA ASP A 95 -25.69 19.84 -12.88
C ASP A 95 -25.81 20.73 -14.11
N HIS A 96 -26.62 20.27 -15.07
CA HIS A 96 -26.82 21.03 -16.31
C HIS A 96 -28.03 20.48 -17.07
N HIS A 97 -28.58 21.31 -17.96
CA HIS A 97 -29.74 20.92 -18.75
C HIS A 97 -30.02 21.94 -19.86
N PRO A 98 -29.11 22.00 -20.84
CA PRO A 98 -29.23 22.93 -21.97
C PRO A 98 -30.38 22.56 -22.91
N GLY A 99 -30.97 23.56 -23.55
CA GLY A 99 -32.06 23.32 -24.46
C GLY A 99 -31.70 23.60 -25.90
N SER A 100 -32.67 23.50 -26.80
CA SER A 100 -32.45 23.73 -28.22
C SER A 100 -33.36 24.84 -28.74
N GLY A 101 -33.23 25.13 -30.03
CA GLY A 101 -34.06 26.16 -30.64
C GLY A 101 -34.10 26.05 -32.15
N ALA A 102 -34.19 27.20 -32.82
CA ALA A 102 -34.24 27.23 -34.27
C ALA A 102 -33.91 28.63 -34.80
N GLN A 103 -33.56 28.70 -36.08
CA GLN A 103 -33.22 29.98 -36.71
C GLN A 103 -34.46 30.86 -36.85
N GLY A 1 -15.98 11.37 11.03
CA GLY A 1 -16.07 10.63 9.79
C GLY A 1 -17.27 9.69 9.75
N SER A 2 -17.04 8.46 9.30
CA SER A 2 -18.11 7.48 9.20
C SER A 2 -17.54 6.07 9.13
N LEU A 3 -18.42 5.09 8.97
CA LEU A 3 -18.01 3.69 8.88
C LEU A 3 -18.67 3.00 7.70
N VAL A 4 -17.98 2.02 7.13
CA VAL A 4 -18.52 1.27 5.99
C VAL A 4 -18.61 -0.21 6.30
N PRO A 5 -19.50 -0.91 5.58
CA PRO A 5 -19.71 -2.35 5.77
C PRO A 5 -18.52 -3.18 5.28
N ARG A 6 -17.67 -2.56 4.47
CA ARG A 6 -16.50 -3.24 3.93
C ARG A 6 -15.67 -3.87 5.05
N GLY A 7 -15.17 -5.08 4.80
CA GLY A 7 -14.38 -5.77 5.80
C GLY A 7 -13.08 -5.06 6.10
N SER A 8 -12.09 -5.82 6.56
CA SER A 8 -10.78 -5.25 6.90
C SER A 8 -9.83 -6.33 7.39
N MET A 9 -8.54 -6.07 7.26
CA MET A 9 -7.52 -7.03 7.70
C MET A 9 -6.20 -6.32 7.97
N GLN A 10 -5.58 -6.66 9.10
CA GLN A 10 -4.31 -6.05 9.48
C GLN A 10 -3.14 -6.93 9.05
N ILE A 11 -2.03 -6.29 8.71
CA ILE A 11 -0.83 -7.01 8.28
C ILE A 11 0.43 -6.40 8.87
N PHE A 12 1.56 -7.09 8.71
CA PHE A 12 2.83 -6.60 9.22
C PHE A 12 3.77 -6.23 8.07
N VAL A 13 4.30 -5.02 8.12
CA VAL A 13 5.21 -4.54 7.09
C VAL A 13 6.50 -3.99 7.70
N LYS A 14 7.62 -4.23 7.02
CA LYS A 14 8.92 -3.77 7.49
C LYS A 14 9.43 -2.62 6.63
N THR A 15 9.67 -1.47 7.26
CA THR A 15 10.17 -0.31 6.55
C THR A 15 11.67 -0.43 6.25
N LEU A 16 12.20 0.55 5.53
CA LEU A 16 13.62 0.56 5.19
C LEU A 16 14.47 0.85 6.41
N THR A 17 13.94 1.67 7.32
CA THR A 17 14.66 2.04 8.53
C THR A 17 14.76 0.86 9.49
N GLY A 18 13.86 -0.10 9.34
CA GLY A 18 13.87 -1.28 10.19
C GLY A 18 12.75 -1.26 11.21
N LYS A 19 11.73 -0.48 10.95
CA LYS A 19 10.59 -0.37 11.85
C LYS A 19 9.38 -1.10 11.29
N THR A 20 8.63 -1.76 12.18
CA THR A 20 7.44 -2.50 11.77
C THR A 20 6.18 -1.65 11.93
N ILE A 21 5.35 -1.63 10.89
CA ILE A 21 4.10 -0.86 10.93
C ILE A 21 2.93 -1.71 10.46
N THR A 22 1.83 -1.64 11.21
CA THR A 22 0.63 -2.39 10.87
C THR A 22 -0.23 -1.64 9.85
N LEU A 23 -0.65 -2.34 8.81
CA LEU A 23 -1.47 -1.74 7.77
C LEU A 23 -2.80 -2.48 7.63
N GLU A 24 -3.86 -1.72 7.36
CA GLU A 24 -5.20 -2.30 7.21
C GLU A 24 -5.60 -2.34 5.74
N VAL A 25 -5.91 -3.54 5.25
CA VAL A 25 -6.31 -3.73 3.86
C VAL A 25 -7.40 -4.79 3.73
N GLU A 26 -8.31 -4.58 2.79
CA GLU A 26 -9.41 -5.51 2.57
C GLU A 26 -8.91 -6.79 1.90
N PRO A 27 -9.66 -7.89 2.07
CA PRO A 27 -9.32 -9.18 1.49
C PRO A 27 -9.46 -9.20 -0.03
N SER A 28 -10.16 -8.20 -0.56
CA SER A 28 -10.37 -8.11 -2.00
C SER A 28 -9.57 -6.94 -2.58
N ASP A 29 -9.08 -6.07 -1.72
CA ASP A 29 -8.30 -4.92 -2.15
C ASP A 29 -7.08 -5.36 -2.95
N THR A 30 -6.80 -4.63 -4.02
CA THR A 30 -5.66 -4.96 -4.88
C THR A 30 -4.37 -4.31 -4.34
N ILE A 31 -3.24 -4.66 -4.95
CA ILE A 31 -1.96 -4.13 -4.54
C ILE A 31 -1.98 -2.60 -4.50
N GLU A 32 -2.83 -2.01 -5.33
CA GLU A 32 -2.96 -0.56 -5.38
C GLU A 32 -3.48 -0.01 -4.06
N ASN A 33 -4.32 -0.77 -3.39
CA ASN A 33 -4.89 -0.36 -2.11
C ASN A 33 -3.87 -0.54 -0.99
N VAL A 34 -3.13 -1.64 -1.03
CA VAL A 34 -2.12 -1.91 -0.02
C VAL A 34 -1.14 -0.75 0.12
N LYS A 35 -0.58 -0.32 -1.02
CA LYS A 35 0.38 0.78 -1.03
C LYS A 35 -0.32 2.10 -0.70
N ALA A 36 -1.60 2.19 -1.02
CA ALA A 36 -2.38 3.39 -0.76
C ALA A 36 -2.31 3.79 0.71
N LYS A 37 -2.46 2.81 1.59
CA LYS A 37 -2.40 3.06 3.03
C LYS A 37 -0.99 3.46 3.46
N ILE A 38 0.01 2.96 2.73
CA ILE A 38 1.40 3.26 3.04
C ILE A 38 1.70 4.74 2.82
N GLN A 39 0.98 5.36 1.89
CA GLN A 39 1.17 6.77 1.59
C GLN A 39 1.00 7.61 2.85
N ASP A 40 0.19 7.13 3.78
CA ASP A 40 -0.05 7.84 5.03
C ASP A 40 1.12 7.68 5.99
N LYS A 41 1.90 6.63 5.78
CA LYS A 41 3.06 6.35 6.62
C LYS A 41 4.32 6.97 6.03
N GLU A 42 4.55 6.75 4.74
CA GLU A 42 5.71 7.28 4.06
C GLU A 42 5.31 8.33 3.01
N GLY A 43 4.17 8.10 2.37
CA GLY A 43 3.69 9.02 1.36
C GLY A 43 4.60 9.08 0.14
N ILE A 44 4.79 7.92 -0.49
CA ILE A 44 5.65 7.85 -1.68
C ILE A 44 4.90 7.22 -2.85
N PRO A 45 5.29 7.60 -4.07
CA PRO A 45 4.68 7.09 -5.30
C PRO A 45 4.99 5.61 -5.54
N PRO A 46 4.27 5.00 -6.49
CA PRO A 46 4.47 3.58 -6.84
C PRO A 46 5.78 3.34 -7.54
N ASP A 47 6.35 4.39 -8.11
CA ASP A 47 7.63 4.28 -8.82
C ASP A 47 8.79 4.29 -7.84
N GLN A 48 8.57 4.85 -6.66
CA GLN A 48 9.60 4.92 -5.64
C GLN A 48 9.32 3.95 -4.50
N GLN A 49 8.29 3.13 -4.68
CA GLN A 49 7.90 2.15 -3.67
C GLN A 49 7.40 0.86 -4.32
N ARG A 50 7.62 -0.26 -3.65
CA ARG A 50 7.20 -1.56 -4.16
C ARG A 50 7.03 -2.56 -3.04
N LEU A 51 5.97 -3.35 -3.09
CA LEU A 51 5.69 -4.36 -2.08
C LEU A 51 6.23 -5.72 -2.49
N ILE A 52 6.94 -6.37 -1.58
CA ILE A 52 7.51 -7.68 -1.85
C ILE A 52 6.85 -8.76 -0.99
N PHE A 53 6.69 -9.95 -1.56
CA PHE A 53 6.08 -11.06 -0.85
C PHE A 53 6.78 -12.38 -1.19
N ALA A 54 7.23 -13.08 -0.16
CA ALA A 54 7.93 -14.35 -0.34
C ALA A 54 9.10 -14.21 -1.31
N GLY A 55 9.72 -13.04 -1.30
CA GLY A 55 10.85 -12.79 -2.17
C GLY A 55 10.43 -12.50 -3.60
N LYS A 56 9.17 -12.09 -3.77
CA LYS A 56 8.65 -11.78 -5.10
C LYS A 56 7.85 -10.48 -5.06
N GLN A 57 8.22 -9.54 -5.93
CA GLN A 57 7.53 -8.26 -6.00
C GLN A 57 6.06 -8.44 -6.33
N LEU A 58 5.24 -7.48 -5.93
CA LEU A 58 3.81 -7.53 -6.17
C LEU A 58 3.37 -6.43 -7.14
N GLU A 59 2.25 -6.65 -7.81
CA GLU A 59 1.73 -5.67 -8.77
C GLU A 59 0.21 -5.74 -8.84
N ASP A 60 -0.40 -4.71 -9.41
CA ASP A 60 -1.85 -4.66 -9.55
C ASP A 60 -2.38 -5.87 -10.30
N GLY A 61 -3.70 -5.96 -10.44
CA GLY A 61 -4.30 -7.08 -11.14
C GLY A 61 -4.81 -8.14 -10.19
N ARG A 62 -4.06 -8.38 -9.12
CA ARG A 62 -4.45 -9.39 -8.14
C ARG A 62 -4.69 -8.75 -6.77
N THR A 63 -5.28 -9.52 -5.86
CA THR A 63 -5.58 -9.02 -4.52
C THR A 63 -4.73 -9.74 -3.48
N LEU A 64 -4.65 -9.16 -2.29
CA LEU A 64 -3.88 -9.75 -1.19
C LEU A 64 -4.28 -11.20 -0.96
N SER A 65 -5.58 -11.45 -0.95
CA SER A 65 -6.10 -12.80 -0.73
C SER A 65 -5.50 -13.78 -1.74
N GLU A 66 -5.38 -13.34 -2.99
CA GLU A 66 -4.82 -14.19 -4.04
C GLU A 66 -3.31 -14.29 -3.90
N TYR A 67 -2.72 -13.34 -3.19
CA TYR A 67 -1.27 -13.32 -2.98
C TYR A 67 -0.89 -14.11 -1.73
N ASN A 68 -1.86 -14.83 -1.18
CA ASN A 68 -1.63 -15.62 0.02
C ASN A 68 -1.17 -14.75 1.17
N ILE A 69 -1.46 -13.45 1.08
CA ILE A 69 -1.07 -12.51 2.12
C ILE A 69 -2.03 -12.57 3.30
N GLN A 70 -1.59 -13.24 4.37
CA GLN A 70 -2.41 -13.36 5.57
C GLN A 70 -2.40 -12.07 6.38
N LYS A 71 -2.93 -12.13 7.60
CA LYS A 71 -2.99 -10.97 8.47
C LYS A 71 -1.72 -10.85 9.31
N GLU A 72 -0.92 -11.90 9.30
CA GLU A 72 0.33 -11.92 10.06
C GLU A 72 1.53 -12.09 9.14
N SER A 73 1.29 -11.94 7.83
CA SER A 73 2.36 -12.08 6.84
C SER A 73 3.43 -11.01 7.04
N THR A 74 4.41 -11.00 6.14
CA THR A 74 5.50 -10.04 6.22
C THR A 74 5.72 -9.34 4.89
N LEU A 75 5.45 -8.04 4.84
CA LEU A 75 5.61 -7.27 3.63
C LEU A 75 6.85 -6.38 3.71
N HIS A 76 7.53 -6.20 2.57
CA HIS A 76 8.72 -5.38 2.51
C HIS A 76 8.57 -4.26 1.49
N LEU A 77 9.06 -3.07 1.83
CA LEU A 77 8.98 -1.92 0.94
C LEU A 77 10.33 -1.62 0.30
N VAL A 78 10.41 -1.76 -1.02
CA VAL A 78 11.65 -1.50 -1.73
C VAL A 78 11.52 -0.27 -2.62
N LEU A 79 12.38 0.72 -2.39
CA LEU A 79 12.36 1.96 -3.17
C LEU A 79 13.36 1.88 -4.32
N ARG A 80 12.95 2.39 -5.49
CA ARG A 80 13.81 2.38 -6.66
C ARG A 80 14.74 3.60 -6.66
N LEU A 81 14.23 4.72 -6.18
CA LEU A 81 15.00 5.95 -6.13
C LEU A 81 15.70 6.10 -4.77
N ARG A 82 16.54 7.12 -4.65
CA ARG A 82 17.27 7.37 -3.41
C ARG A 82 16.34 7.99 -2.37
N GLY A 83 15.31 8.69 -2.83
CA GLY A 83 14.37 9.32 -1.92
C GLY A 83 14.30 10.81 -2.10
N TYR A 84 13.56 11.25 -3.12
CA TYR A 84 13.42 12.68 -3.40
C TYR A 84 11.95 13.07 -3.47
N ALA A 85 11.26 12.55 -4.48
CA ALA A 85 9.84 12.85 -4.67
C ALA A 85 9.03 12.47 -3.44
N ASP A 86 8.23 13.41 -2.95
CA ASP A 86 7.40 13.17 -1.77
C ASP A 86 6.07 13.91 -1.88
N LEU A 87 5.02 13.28 -1.38
CA LEU A 87 3.68 13.88 -1.42
C LEU A 87 3.07 13.97 -0.02
N ARG A 88 1.89 14.56 0.07
CA ARG A 88 1.21 14.72 1.34
C ARG A 88 -0.22 15.23 1.14
N GLU A 89 -1.13 14.78 1.99
CA GLU A 89 -2.52 15.19 1.91
C GLU A 89 -3.05 15.62 3.28
N ASP A 90 -2.15 16.12 4.12
CA ASP A 90 -2.53 16.57 5.45
C ASP A 90 -3.06 15.41 6.29
N PRO A 91 -3.07 15.59 7.62
CA PRO A 91 -3.56 14.57 8.55
C PRO A 91 -5.07 14.37 8.46
N ASP A 92 -5.48 13.32 7.75
CA ASP A 92 -6.90 13.02 7.60
C ASP A 92 -7.25 11.71 8.28
N ARG A 93 -6.90 11.59 9.55
CA ARG A 93 -7.18 10.37 10.31
C ARG A 93 -8.04 10.69 11.54
N GLN A 94 -8.50 9.63 12.21
CA GLN A 94 -9.33 9.80 13.39
C GLN A 94 -9.29 8.54 14.26
N ASP A 95 -9.83 8.65 15.47
CA ASP A 95 -9.86 7.51 16.40
C ASP A 95 -11.28 6.97 16.52
N HIS A 96 -12.25 7.86 16.71
CA HIS A 96 -13.65 7.46 16.85
C HIS A 96 -14.07 6.57 15.69
N HIS A 97 -14.71 5.45 16.00
CA HIS A 97 -15.16 4.51 14.99
C HIS A 97 -15.99 3.39 15.62
N PRO A 98 -17.20 3.73 16.07
CA PRO A 98 -18.11 2.77 16.70
C PRO A 98 -18.67 1.75 15.71
N GLY A 99 -19.64 0.96 16.15
CA GLY A 99 -20.24 -0.04 15.28
C GLY A 99 -21.57 -0.52 15.79
N SER A 100 -22.12 -1.53 15.13
CA SER A 100 -23.41 -2.09 15.53
C SER A 100 -23.23 -3.21 16.55
N GLY A 101 -23.92 -3.08 17.68
CA GLY A 101 -23.83 -4.09 18.73
C GLY A 101 -25.12 -4.85 18.92
N ALA A 102 -26.08 -4.21 19.59
CA ALA A 102 -27.37 -4.84 19.84
C ALA A 102 -27.98 -5.38 18.55
N GLN A 103 -28.24 -6.68 18.53
CA GLN A 103 -28.82 -7.32 17.36
C GLN A 103 -29.99 -8.24 17.76
N GLY A 1 -18.24 10.47 8.98
CA GLY A 1 -18.44 9.42 8.00
C GLY A 1 -19.86 8.89 8.00
N SER A 2 -20.48 8.88 6.82
CA SER A 2 -21.85 8.40 6.67
C SER A 2 -21.90 6.88 6.70
N LEU A 3 -21.02 6.25 5.91
CA LEU A 3 -20.97 4.79 5.84
C LEU A 3 -19.55 4.29 6.09
N VAL A 4 -19.44 3.25 6.90
CA VAL A 4 -18.14 2.67 7.22
C VAL A 4 -18.01 1.25 6.68
N PRO A 5 -16.77 0.80 6.47
CA PRO A 5 -16.49 -0.55 5.94
C PRO A 5 -16.82 -1.64 6.96
N ARG A 6 -17.42 -2.72 6.48
CA ARG A 6 -17.78 -3.84 7.34
C ARG A 6 -16.61 -4.81 7.51
N GLY A 7 -15.87 -5.01 6.43
CA GLY A 7 -14.73 -5.91 6.47
C GLY A 7 -13.41 -5.17 6.58
N SER A 8 -12.40 -5.85 7.13
CA SER A 8 -11.09 -5.26 7.30
C SER A 8 -10.09 -6.27 7.85
N MET A 9 -8.81 -6.04 7.58
CA MET A 9 -7.76 -6.94 8.05
C MET A 9 -6.43 -6.20 8.19
N GLN A 10 -5.74 -6.43 9.30
CA GLN A 10 -4.46 -5.79 9.55
C GLN A 10 -3.31 -6.72 9.18
N ILE A 11 -2.26 -6.15 8.59
CA ILE A 11 -1.09 -6.92 8.19
C ILE A 11 0.18 -6.33 8.77
N PHE A 12 1.29 -7.05 8.63
CA PHE A 12 2.58 -6.59 9.13
C PHE A 12 3.52 -6.27 7.98
N VAL A 13 4.10 -5.06 8.03
CA VAL A 13 5.02 -4.63 6.99
C VAL A 13 6.33 -4.12 7.60
N LYS A 14 7.45 -4.57 7.04
CA LYS A 14 8.76 -4.18 7.53
C LYS A 14 9.35 -3.08 6.65
N THR A 15 9.83 -2.00 7.28
CA THR A 15 10.42 -0.88 6.57
C THR A 15 11.92 -1.02 6.48
N LEU A 16 12.55 -0.15 5.70
CA LEU A 16 14.00 -0.18 5.53
C LEU A 16 14.71 0.26 6.81
N THR A 17 13.97 0.94 7.68
CA THR A 17 14.51 1.41 8.95
C THR A 17 14.28 0.40 10.06
N GLY A 18 13.98 -0.84 9.68
CA GLY A 18 13.74 -1.88 10.66
C GLY A 18 12.53 -1.59 11.52
N LYS A 19 11.63 -0.73 11.03
CA LYS A 19 10.43 -0.37 11.77
C LYS A 19 9.22 -1.13 11.25
N THR A 20 8.55 -1.87 12.14
CA THR A 20 7.38 -2.64 11.76
C THR A 20 6.12 -1.80 11.87
N ILE A 21 5.42 -1.65 10.75
CA ILE A 21 4.18 -0.87 10.72
C ILE A 21 3.00 -1.74 10.31
N THR A 22 1.90 -1.61 11.03
CA THR A 22 0.70 -2.38 10.73
C THR A 22 -0.21 -1.63 9.76
N LEU A 23 -0.52 -2.28 8.64
CA LEU A 23 -1.38 -1.67 7.63
C LEU A 23 -2.74 -2.37 7.59
N GLU A 24 -3.76 -1.63 7.17
CA GLU A 24 -5.11 -2.17 7.07
C GLU A 24 -5.53 -2.34 5.62
N VAL A 25 -5.78 -3.59 5.22
CA VAL A 25 -6.20 -3.89 3.85
C VAL A 25 -7.22 -5.03 3.82
N GLU A 26 -8.16 -4.94 2.89
CA GLU A 26 -9.19 -5.97 2.76
C GLU A 26 -8.65 -7.19 2.01
N PRO A 27 -9.26 -8.36 2.28
CA PRO A 27 -8.85 -9.62 1.65
C PRO A 27 -9.20 -9.66 0.17
N SER A 28 -10.05 -8.74 -0.27
CA SER A 28 -10.46 -8.68 -1.67
C SER A 28 -9.76 -7.53 -2.39
N ASP A 29 -9.17 -6.62 -1.61
CA ASP A 29 -8.46 -5.48 -2.17
C ASP A 29 -7.23 -5.93 -2.95
N THR A 30 -6.62 -5.01 -3.69
CA THR A 30 -5.43 -5.30 -4.48
C THR A 30 -4.22 -4.54 -3.96
N ILE A 31 -3.05 -4.87 -4.49
CA ILE A 31 -1.82 -4.21 -4.08
C ILE A 31 -1.94 -2.70 -4.18
N GLU A 32 -2.51 -2.23 -5.29
CA GLU A 32 -2.68 -0.79 -5.51
C GLU A 32 -3.39 -0.15 -4.32
N ASN A 33 -4.29 -0.91 -3.70
CA ASN A 33 -5.04 -0.41 -2.55
C ASN A 33 -4.18 -0.38 -1.30
N VAL A 34 -3.22 -1.30 -1.22
CA VAL A 34 -2.33 -1.37 -0.08
C VAL A 34 -1.42 -0.16 -0.01
N LYS A 35 -0.88 0.24 -1.16
CA LYS A 35 0.00 1.40 -1.24
C LYS A 35 -0.71 2.67 -0.77
N ALA A 36 -2.03 2.69 -0.95
CA ALA A 36 -2.84 3.83 -0.55
C ALA A 36 -2.63 4.16 0.92
N LYS A 37 -2.60 3.13 1.77
CA LYS A 37 -2.41 3.32 3.20
C LYS A 37 -0.94 3.62 3.51
N ILE A 38 -0.04 3.10 2.69
CA ILE A 38 1.38 3.31 2.88
C ILE A 38 1.74 4.77 2.70
N GLN A 39 0.99 5.47 1.85
CA GLN A 39 1.23 6.88 1.59
C GLN A 39 1.25 7.68 2.89
N ASP A 40 0.43 7.26 3.85
CA ASP A 40 0.34 7.93 5.14
C ASP A 40 1.52 7.54 6.03
N LYS A 41 2.10 6.38 5.75
CA LYS A 41 3.24 5.89 6.53
C LYS A 41 4.54 6.55 6.07
N GLU A 42 4.78 6.52 4.76
CA GLU A 42 5.99 7.11 4.20
C GLU A 42 5.63 8.18 3.16
N GLY A 43 4.55 7.94 2.42
CA GLY A 43 4.13 8.88 1.41
C GLY A 43 5.04 8.88 0.19
N ILE A 44 5.01 7.80 -0.57
CA ILE A 44 5.84 7.68 -1.76
C ILE A 44 5.00 7.37 -2.99
N PRO A 45 5.48 7.79 -4.16
CA PRO A 45 4.79 7.58 -5.44
C PRO A 45 4.81 6.11 -5.86
N PRO A 46 3.90 5.75 -6.79
CA PRO A 46 3.79 4.38 -7.28
C PRO A 46 4.98 3.98 -8.15
N ASP A 47 5.68 4.97 -8.67
CA ASP A 47 6.85 4.72 -9.51
C ASP A 47 8.03 4.24 -8.68
N GLN A 48 8.17 4.80 -7.48
CA GLN A 48 9.26 4.43 -6.60
C GLN A 48 8.81 3.38 -5.59
N GLN A 49 7.50 3.34 -5.33
CA GLN A 49 6.95 2.37 -4.38
C GLN A 49 6.98 0.96 -4.97
N ARG A 50 7.28 -0.02 -4.12
CA ARG A 50 7.33 -1.40 -4.55
C ARG A 50 7.24 -2.35 -3.36
N LEU A 51 6.19 -3.15 -3.32
CA LEU A 51 5.97 -4.10 -2.23
C LEU A 51 6.52 -5.48 -2.60
N ILE A 52 7.14 -6.14 -1.63
CA ILE A 52 7.69 -7.47 -1.84
C ILE A 52 7.03 -8.50 -0.94
N PHE A 53 6.89 -9.73 -1.44
CA PHE A 53 6.28 -10.80 -0.68
C PHE A 53 7.00 -12.13 -0.93
N ALA A 54 7.63 -12.66 0.11
CA ALA A 54 8.36 -13.92 0.01
C ALA A 54 9.42 -13.85 -1.07
N GLY A 55 9.99 -12.66 -1.27
CA GLY A 55 11.01 -12.49 -2.28
C GLY A 55 10.45 -12.14 -3.64
N LYS A 56 9.13 -12.30 -3.79
CA LYS A 56 8.46 -12.01 -5.04
C LYS A 56 7.81 -10.63 -5.01
N GLN A 57 8.14 -9.80 -5.99
CA GLN A 57 7.58 -8.45 -6.06
C GLN A 57 6.09 -8.50 -6.33
N LEU A 58 5.37 -7.49 -5.84
CA LEU A 58 3.92 -7.42 -6.03
C LEU A 58 3.54 -6.26 -6.94
N GLU A 59 2.42 -6.40 -7.64
CA GLU A 59 1.95 -5.36 -8.55
C GLU A 59 0.44 -5.29 -8.56
N ASP A 60 -0.11 -4.45 -9.43
CA ASP A 60 -1.56 -4.28 -9.54
C ASP A 60 -2.17 -5.39 -10.39
N GLY A 61 -3.29 -5.93 -9.93
CA GLY A 61 -3.96 -7.00 -10.66
C GLY A 61 -4.60 -8.01 -9.73
N ARG A 62 -3.78 -8.67 -8.93
CA ARG A 62 -4.27 -9.68 -8.00
C ARG A 62 -4.66 -9.05 -6.66
N THR A 63 -5.35 -9.83 -5.82
CA THR A 63 -5.79 -9.34 -4.53
C THR A 63 -4.89 -9.87 -3.41
N LEU A 64 -4.92 -9.19 -2.27
CA LEU A 64 -4.11 -9.59 -1.13
C LEU A 64 -4.33 -11.06 -0.78
N SER A 65 -5.55 -11.53 -0.99
CA SER A 65 -5.89 -12.92 -0.71
C SER A 65 -5.25 -13.85 -1.72
N GLU A 66 -5.11 -13.38 -2.95
CA GLU A 66 -4.52 -14.18 -4.02
C GLU A 66 -3.01 -14.27 -3.85
N TYR A 67 -2.44 -13.29 -3.16
CA TYR A 67 -0.99 -13.26 -2.93
C TYR A 67 -0.64 -13.96 -1.62
N ASN A 68 -1.60 -14.70 -1.07
CA ASN A 68 -1.39 -15.43 0.18
C ASN A 68 -1.02 -14.46 1.30
N ILE A 69 -1.41 -13.20 1.15
CA ILE A 69 -1.12 -12.19 2.16
C ILE A 69 -2.19 -12.17 3.25
N GLN A 70 -1.89 -12.82 4.37
CA GLN A 70 -2.83 -12.88 5.48
C GLN A 70 -2.64 -11.69 6.42
N LYS A 71 -3.29 -11.74 7.57
CA LYS A 71 -3.19 -10.67 8.56
C LYS A 71 -1.85 -10.75 9.30
N GLU A 72 -1.19 -11.89 9.22
CA GLU A 72 0.09 -12.08 9.88
C GLU A 72 1.21 -12.29 8.86
N SER A 73 0.99 -11.78 7.65
CA SER A 73 1.98 -11.91 6.59
C SER A 73 3.14 -10.94 6.82
N THR A 74 4.15 -11.02 5.94
CA THR A 74 5.31 -10.17 6.04
C THR A 74 5.57 -9.43 4.73
N LEU A 75 5.41 -8.11 4.76
CA LEU A 75 5.61 -7.29 3.57
C LEU A 75 6.92 -6.49 3.69
N HIS A 76 7.49 -6.14 2.54
CA HIS A 76 8.73 -5.38 2.51
C HIS A 76 8.65 -4.25 1.49
N LEU A 77 9.00 -3.04 1.93
CA LEU A 77 8.96 -1.87 1.06
C LEU A 77 10.35 -1.58 0.47
N VAL A 78 10.45 -1.69 -0.85
CA VAL A 78 11.72 -1.44 -1.53
C VAL A 78 11.62 -0.22 -2.43
N LEU A 79 12.49 0.77 -2.19
CA LEU A 79 12.50 1.99 -2.97
C LEU A 79 13.69 2.02 -3.92
N ARG A 80 13.45 2.35 -5.18
CA ARG A 80 14.50 2.42 -6.18
C ARG A 80 14.13 3.38 -7.30
N LEU A 81 15.14 3.91 -7.98
CA LEU A 81 14.92 4.85 -9.08
C LEU A 81 16.10 4.84 -10.04
N ARG A 82 16.83 3.72 -10.08
CA ARG A 82 17.98 3.59 -10.97
C ARG A 82 17.55 3.16 -12.36
N GLY A 83 16.79 2.07 -12.43
CA GLY A 83 16.33 1.58 -13.71
C GLY A 83 17.46 1.07 -14.58
N TYR A 84 18.53 0.62 -13.94
CA TYR A 84 19.69 0.11 -14.67
C TYR A 84 20.31 1.19 -15.56
N ALA A 85 20.47 2.38 -14.98
CA ALA A 85 21.04 3.50 -15.71
C ALA A 85 22.40 3.89 -15.14
N ASP A 86 23.46 3.40 -15.77
CA ASP A 86 24.82 3.69 -15.32
C ASP A 86 25.27 5.07 -15.80
N LEU A 87 26.47 5.47 -15.40
CA LEU A 87 27.01 6.77 -15.80
C LEU A 87 27.85 6.65 -17.06
N ARG A 88 28.54 7.72 -17.41
CA ARG A 88 29.39 7.74 -18.61
C ARG A 88 30.36 8.92 -18.57
N GLU A 89 31.60 8.66 -18.96
CA GLU A 89 32.62 9.70 -18.96
C GLU A 89 33.44 9.65 -20.26
N ASP A 90 33.35 10.70 -21.05
CA ASP A 90 34.09 10.78 -22.31
C ASP A 90 34.30 12.23 -22.72
N PRO A 91 35.30 12.45 -23.60
CA PRO A 91 35.64 13.79 -24.09
C PRO A 91 34.56 14.35 -25.02
N ASP A 92 33.75 13.47 -25.57
CA ASP A 92 32.68 13.88 -26.47
C ASP A 92 31.58 12.82 -26.54
N ARG A 93 31.87 11.72 -27.22
CA ARG A 93 30.91 10.63 -27.36
C ARG A 93 31.56 9.41 -28.02
N GLN A 94 32.44 9.67 -28.98
CA GLN A 94 33.12 8.60 -29.69
C GLN A 94 34.40 8.18 -28.95
N ASP A 95 34.86 6.97 -29.23
CA ASP A 95 36.06 6.45 -28.60
C ASP A 95 36.84 5.54 -29.55
N HIS A 96 37.80 6.11 -30.26
CA HIS A 96 38.60 5.35 -31.21
C HIS A 96 39.58 4.44 -30.48
N HIS A 97 40.16 3.49 -31.21
CA HIS A 97 41.11 2.55 -30.63
C HIS A 97 42.47 3.21 -30.44
N PRO A 98 43.30 2.62 -29.56
CA PRO A 98 44.64 3.13 -29.26
C PRO A 98 45.60 2.95 -30.44
N GLY A 99 46.11 4.07 -30.95
CA GLY A 99 47.03 4.03 -32.07
C GLY A 99 48.17 5.02 -31.92
N SER A 100 49.34 4.52 -31.56
CA SER A 100 50.52 5.37 -31.37
C SER A 100 51.76 4.72 -31.99
N GLY A 101 52.52 5.52 -32.72
CA GLY A 101 53.73 5.01 -33.36
C GLY A 101 54.90 4.95 -32.40
N ALA A 102 56.11 5.12 -32.94
CA ALA A 102 57.32 5.07 -32.13
C ALA A 102 58.41 5.96 -32.72
N GLN A 103 59.51 6.10 -31.99
CA GLN A 103 60.62 6.94 -32.44
C GLN A 103 61.45 6.21 -33.49
N GLY A 1 -11.73 3.90 -7.57
CA GLY A 1 -13.08 3.44 -7.32
C GLY A 1 -13.58 3.83 -5.94
N SER A 2 -14.23 2.89 -5.26
CA SER A 2 -14.76 3.15 -3.93
C SER A 2 -14.14 2.21 -2.90
N LEU A 3 -14.33 2.53 -1.62
CA LEU A 3 -13.79 1.71 -0.54
C LEU A 3 -14.89 1.29 0.43
N VAL A 4 -14.86 0.03 0.84
CA VAL A 4 -15.84 -0.49 1.77
C VAL A 4 -15.25 -0.71 3.15
N PRO A 5 -15.97 -0.26 4.19
CA PRO A 5 -15.52 -0.38 5.58
C PRO A 5 -15.56 -1.83 6.07
N ARG A 6 -16.63 -2.54 5.71
CA ARG A 6 -16.78 -3.93 6.11
C ARG A 6 -15.81 -4.83 5.35
N GLY A 7 -15.05 -5.62 6.09
CA GLY A 7 -14.09 -6.52 5.47
C GLY A 7 -12.69 -5.94 5.44
N SER A 8 -11.96 -6.12 6.54
CA SER A 8 -10.59 -5.61 6.64
C SER A 8 -9.79 -6.40 7.67
N MET A 9 -8.47 -6.38 7.52
CA MET A 9 -7.59 -7.09 8.44
C MET A 9 -6.29 -6.33 8.65
N GLN A 10 -5.62 -6.60 9.77
CA GLN A 10 -4.37 -5.92 10.09
C GLN A 10 -3.18 -6.77 9.65
N ILE A 11 -2.20 -6.13 9.00
CA ILE A 11 -1.01 -6.83 8.54
C ILE A 11 0.25 -6.17 9.07
N PHE A 12 1.37 -6.89 8.99
CA PHE A 12 2.65 -6.37 9.46
C PHE A 12 3.60 -6.14 8.30
N VAL A 13 4.16 -4.94 8.24
CA VAL A 13 5.10 -4.59 7.17
C VAL A 13 6.40 -4.07 7.74
N LYS A 14 7.52 -4.41 7.08
CA LYS A 14 8.83 -3.97 7.52
C LYS A 14 9.39 -2.91 6.59
N THR A 15 9.83 -1.79 7.17
CA THR A 15 10.38 -0.69 6.38
C THR A 15 11.89 -0.86 6.19
N LEU A 16 12.50 0.08 5.48
CA LEU A 16 13.94 0.03 5.22
C LEU A 16 14.72 0.41 6.47
N THR A 17 14.07 1.11 7.39
CA THR A 17 14.72 1.53 8.63
C THR A 17 14.44 0.53 9.75
N GLY A 18 14.25 -0.73 9.39
CA GLY A 18 13.98 -1.75 10.39
C GLY A 18 12.84 -1.38 11.31
N LYS A 19 11.85 -0.67 10.77
CA LYS A 19 10.70 -0.25 11.56
C LYS A 19 9.43 -0.93 11.06
N THR A 20 8.70 -1.57 11.97
CA THR A 20 7.47 -2.25 11.61
C THR A 20 6.28 -1.30 11.69
N ILE A 21 5.51 -1.22 10.60
CA ILE A 21 4.34 -0.35 10.55
C ILE A 21 3.07 -1.16 10.35
N THR A 22 2.04 -0.84 11.12
CA THR A 22 0.76 -1.52 11.02
C THR A 22 -0.08 -0.97 9.88
N LEU A 23 -0.61 -1.87 9.06
CA LEU A 23 -1.44 -1.46 7.92
C LEU A 23 -2.71 -2.30 7.86
N GLU A 24 -3.81 -1.67 7.44
CA GLU A 24 -5.09 -2.35 7.34
C GLU A 24 -5.55 -2.42 5.89
N VAL A 25 -5.92 -3.62 5.45
CA VAL A 25 -6.37 -3.83 4.08
C VAL A 25 -7.48 -4.88 4.02
N GLU A 26 -8.06 -5.05 2.84
CA GLU A 26 -9.13 -6.02 2.65
C GLU A 26 -8.63 -7.24 1.90
N PRO A 27 -9.31 -8.38 2.09
CA PRO A 27 -8.96 -9.64 1.44
C PRO A 27 -9.25 -9.62 -0.06
N SER A 28 -10.01 -8.62 -0.50
CA SER A 28 -10.36 -8.49 -1.90
C SER A 28 -9.65 -7.29 -2.53
N ASP A 29 -9.11 -6.42 -1.68
CA ASP A 29 -8.40 -5.24 -2.15
C ASP A 29 -7.18 -5.62 -2.98
N THR A 30 -6.82 -4.77 -3.92
CA THR A 30 -5.67 -5.02 -4.79
C THR A 30 -4.41 -4.36 -4.23
N ILE A 31 -3.28 -4.66 -4.85
CA ILE A 31 -2.00 -4.10 -4.41
C ILE A 31 -2.07 -2.59 -4.29
N GLU A 32 -2.70 -1.95 -5.28
CA GLU A 32 -2.84 -0.50 -5.28
C GLU A 32 -3.43 -0.01 -3.96
N ASN A 33 -4.30 -0.82 -3.37
CA ASN A 33 -4.93 -0.46 -2.11
C ASN A 33 -3.93 -0.54 -0.96
N VAL A 34 -3.17 -1.61 -0.91
CA VAL A 34 -2.18 -1.80 0.14
C VAL A 34 -1.24 -0.60 0.23
N LYS A 35 -0.81 -0.10 -0.92
CA LYS A 35 0.09 1.05 -0.97
C LYS A 35 -0.66 2.32 -0.63
N ALA A 36 -1.96 2.34 -0.90
CA ALA A 36 -2.78 3.51 -0.62
C ALA A 36 -2.67 3.91 0.84
N LYS A 37 -2.65 2.93 1.73
CA LYS A 37 -2.55 3.19 3.17
C LYS A 37 -1.12 3.58 3.54
N ILE A 38 -0.15 3.08 2.79
CA ILE A 38 1.25 3.38 3.05
C ILE A 38 1.55 4.85 2.82
N GLN A 39 0.80 5.46 1.89
CA GLN A 39 0.98 6.87 1.58
C GLN A 39 0.88 7.73 2.83
N ASP A 40 0.04 7.31 3.77
CA ASP A 40 -0.15 8.04 5.01
C ASP A 40 1.00 7.78 5.98
N LYS A 41 1.68 6.65 5.79
CA LYS A 41 2.81 6.29 6.64
C LYS A 41 4.09 7.00 6.19
N GLU A 42 4.38 6.91 4.89
CA GLU A 42 5.57 7.54 4.34
C GLU A 42 5.20 8.52 3.23
N GLY A 43 4.17 8.18 2.47
CA GLY A 43 3.73 9.04 1.38
C GLY A 43 4.68 9.01 0.20
N ILE A 44 4.76 7.86 -0.46
CA ILE A 44 5.65 7.70 -1.61
C ILE A 44 4.86 7.19 -2.82
N PRO A 45 5.35 7.54 -4.02
CA PRO A 45 4.73 7.13 -5.28
C PRO A 45 4.88 5.64 -5.55
N PRO A 46 4.11 5.12 -6.51
CA PRO A 46 4.14 3.70 -6.88
C PRO A 46 5.45 3.32 -7.58
N ASP A 47 6.03 4.27 -8.31
CA ASP A 47 7.27 4.03 -9.03
C ASP A 47 8.44 3.88 -8.04
N GLN A 48 8.29 4.47 -6.86
CA GLN A 48 9.33 4.41 -5.84
C GLN A 48 8.99 3.38 -4.77
N GLN A 49 7.69 3.09 -4.64
CA GLN A 49 7.23 2.12 -3.65
C GLN A 49 6.90 0.78 -4.31
N ARG A 50 7.41 -0.31 -3.73
CA ARG A 50 7.16 -1.64 -4.27
C ARG A 50 6.98 -2.65 -3.13
N LEU A 51 5.98 -3.51 -3.28
CA LEU A 51 5.70 -4.53 -2.26
C LEU A 51 6.37 -5.85 -2.63
N ILE A 52 6.98 -6.49 -1.64
CA ILE A 52 7.66 -7.77 -1.85
C ILE A 52 7.00 -8.88 -1.03
N PHE A 53 6.89 -10.06 -1.62
CA PHE A 53 6.29 -11.20 -0.95
C PHE A 53 7.03 -12.49 -1.30
N ALA A 54 7.64 -13.10 -0.29
CA ALA A 54 8.39 -14.34 -0.48
C ALA A 54 9.46 -14.18 -1.56
N GLY A 55 10.08 -13.00 -1.58
CA GLY A 55 11.11 -12.73 -2.56
C GLY A 55 10.56 -12.47 -3.95
N LYS A 56 9.28 -12.13 -4.01
CA LYS A 56 8.62 -11.85 -5.28
C LYS A 56 7.91 -10.50 -5.25
N GLN A 57 8.22 -9.65 -6.21
CA GLN A 57 7.61 -8.32 -6.29
C GLN A 57 6.11 -8.43 -6.56
N LEU A 58 5.35 -7.48 -6.05
CA LEU A 58 3.90 -7.46 -6.24
C LEU A 58 3.49 -6.33 -7.18
N GLU A 59 2.35 -6.50 -7.84
CA GLU A 59 1.84 -5.50 -8.77
C GLU A 59 0.32 -5.56 -8.86
N ASP A 60 -0.27 -4.51 -9.43
CA ASP A 60 -1.72 -4.45 -9.57
C ASP A 60 -2.24 -5.66 -10.34
N GLY A 61 -3.57 -5.75 -10.46
CA GLY A 61 -4.17 -6.86 -11.17
C GLY A 61 -4.67 -7.95 -10.23
N ARG A 62 -3.82 -8.36 -9.29
CA ARG A 62 -4.18 -9.40 -8.34
C ARG A 62 -4.56 -8.78 -6.99
N THR A 63 -5.14 -9.60 -6.12
CA THR A 63 -5.55 -9.14 -4.80
C THR A 63 -4.67 -9.73 -3.71
N LEU A 64 -4.71 -9.12 -2.53
CA LEU A 64 -3.91 -9.60 -1.41
C LEU A 64 -4.14 -11.08 -1.14
N SER A 65 -5.40 -11.49 -1.19
CA SER A 65 -5.76 -12.88 -0.97
C SER A 65 -5.08 -13.79 -1.97
N GLU A 66 -4.88 -13.27 -3.19
CA GLU A 66 -4.24 -14.04 -4.25
C GLU A 66 -2.74 -14.14 -4.01
N TYR A 67 -2.19 -13.17 -3.28
CA TYR A 67 -0.76 -13.15 -2.98
C TYR A 67 -0.47 -13.88 -1.67
N ASN A 68 -1.46 -14.62 -1.18
CA ASN A 68 -1.31 -15.36 0.07
C ASN A 68 -1.00 -14.43 1.23
N ILE A 69 -1.40 -13.17 1.09
CA ILE A 69 -1.17 -12.17 2.13
C ILE A 69 -2.32 -12.16 3.14
N GLN A 70 -2.01 -12.55 4.37
CA GLN A 70 -3.02 -12.59 5.43
C GLN A 70 -2.75 -11.49 6.46
N LYS A 71 -3.46 -11.57 7.59
CA LYS A 71 -3.30 -10.59 8.66
C LYS A 71 -2.00 -10.81 9.42
N GLU A 72 -1.30 -11.89 9.08
CA GLU A 72 -0.04 -12.22 9.73
C GLU A 72 1.08 -12.37 8.70
N SER A 73 0.90 -11.75 7.55
CA SER A 73 1.90 -11.81 6.49
C SER A 73 2.96 -10.73 6.65
N THR A 74 4.17 -11.01 6.16
CA THR A 74 5.27 -10.06 6.26
C THR A 74 5.50 -9.35 4.93
N LEU A 75 5.26 -8.05 4.91
CA LEU A 75 5.46 -7.26 3.71
C LEU A 75 6.75 -6.45 3.78
N HIS A 76 7.36 -6.22 2.63
CA HIS A 76 8.60 -5.47 2.56
C HIS A 76 8.53 -4.38 1.48
N LEU A 77 8.93 -3.17 1.84
CA LEU A 77 8.90 -2.05 0.90
C LEU A 77 10.32 -1.67 0.46
N VAL A 78 10.60 -1.83 -0.82
CA VAL A 78 11.91 -1.50 -1.37
C VAL A 78 11.83 -0.30 -2.31
N LEU A 79 12.83 0.57 -2.23
CA LEU A 79 12.87 1.77 -3.07
C LEU A 79 13.80 1.55 -4.27
N ARG A 80 13.35 1.98 -5.44
CA ARG A 80 14.13 1.84 -6.66
C ARG A 80 14.70 3.18 -7.10
N LEU A 81 13.96 4.26 -6.83
CA LEU A 81 14.39 5.60 -7.19
C LEU A 81 14.43 6.51 -5.97
N ARG A 82 15.20 7.59 -6.06
CA ARG A 82 15.32 8.55 -4.97
C ARG A 82 14.29 9.66 -5.11
N GLY A 83 13.58 9.95 -4.01
CA GLY A 83 12.58 10.99 -4.03
C GLY A 83 11.83 11.10 -2.72
N TYR A 84 12.52 11.53 -1.67
CA TYR A 84 11.92 11.66 -0.34
C TYR A 84 10.99 12.87 -0.30
N ALA A 85 9.83 12.69 0.32
CA ALA A 85 8.85 13.77 0.43
C ALA A 85 7.68 13.35 1.33
N ASP A 86 7.34 14.22 2.28
CA ASP A 86 6.25 13.94 3.20
C ASP A 86 5.12 14.96 3.03
N LEU A 87 3.91 14.57 3.43
CA LEU A 87 2.76 15.46 3.33
C LEU A 87 2.10 15.65 4.69
N ARG A 88 0.97 16.36 4.70
CA ARG A 88 0.24 16.62 5.93
C ARG A 88 -1.27 16.53 5.70
N GLU A 89 -1.96 15.86 6.60
CA GLU A 89 -3.41 15.71 6.50
C GLU A 89 -4.06 15.74 7.87
N ASP A 90 -5.38 15.56 7.90
CA ASP A 90 -6.13 15.57 9.15
C ASP A 90 -7.21 14.49 9.14
N PRO A 91 -6.79 13.23 9.22
CA PRO A 91 -7.71 12.08 9.21
C PRO A 91 -8.52 11.98 10.50
N ASP A 92 -9.36 10.96 10.60
CA ASP A 92 -10.19 10.77 11.78
C ASP A 92 -10.92 9.43 11.71
N ARG A 93 -10.27 8.38 12.23
CA ARG A 93 -10.86 7.05 12.22
C ARG A 93 -10.75 6.40 13.60
N GLN A 94 -11.61 5.41 13.86
CA GLN A 94 -11.60 4.72 15.14
C GLN A 94 -12.05 3.27 14.97
N ASP A 95 -11.39 2.37 15.68
CA ASP A 95 -11.71 0.94 15.62
C ASP A 95 -11.01 0.18 16.73
N HIS A 96 -11.78 -0.65 17.44
CA HIS A 96 -11.24 -1.45 18.53
C HIS A 96 -12.15 -2.61 18.87
N HIS A 97 -11.88 -3.77 18.27
CA HIS A 97 -12.69 -4.97 18.50
C HIS A 97 -11.96 -5.93 19.43
N PRO A 98 -12.73 -6.86 20.02
CA PRO A 98 -12.18 -7.86 20.95
C PRO A 98 -11.32 -8.89 20.23
N GLY A 99 -10.77 -9.83 21.01
CA GLY A 99 -9.92 -10.86 20.43
C GLY A 99 -10.70 -12.09 20.02
N SER A 100 -10.11 -13.26 20.22
CA SER A 100 -10.76 -14.51 19.86
C SER A 100 -10.02 -15.70 20.49
N GLY A 101 -10.71 -16.84 20.58
CA GLY A 101 -10.11 -18.03 21.15
C GLY A 101 -10.81 -19.30 20.72
N ALA A 102 -10.27 -20.44 21.12
CA ALA A 102 -10.85 -21.73 20.77
C ALA A 102 -10.13 -22.87 21.49
N GLN A 103 -10.53 -24.10 21.19
CA GLN A 103 -9.93 -25.27 21.81
C GLN A 103 -8.58 -25.58 21.19
N GLY A 1 -15.77 11.45 -0.40
CA GLY A 1 -16.62 11.04 0.72
C GLY A 1 -17.54 9.89 0.37
N SER A 2 -17.45 8.81 1.13
CA SER A 2 -18.27 7.63 0.88
C SER A 2 -18.08 6.60 2.00
N LEU A 3 -19.09 5.75 2.17
CA LEU A 3 -19.03 4.72 3.20
C LEU A 3 -19.14 3.32 2.57
N VAL A 4 -18.26 2.42 3.02
CA VAL A 4 -18.26 1.05 2.51
C VAL A 4 -18.48 0.05 3.63
N PRO A 5 -18.98 -1.14 3.26
CA PRO A 5 -19.25 -2.22 4.22
C PRO A 5 -17.97 -2.82 4.79
N ARG A 6 -18.12 -3.70 5.77
CA ARG A 6 -16.97 -4.35 6.40
C ARG A 6 -16.21 -5.22 5.40
N GLY A 7 -14.98 -5.57 5.74
CA GLY A 7 -14.17 -6.39 4.85
C GLY A 7 -12.75 -5.90 4.76
N SER A 8 -12.05 -5.87 5.89
CA SER A 8 -10.67 -5.41 5.94
C SER A 8 -9.93 -6.02 7.12
N MET A 9 -8.65 -6.33 6.91
CA MET A 9 -7.83 -6.92 7.96
C MET A 9 -6.50 -6.17 8.11
N GLN A 10 -5.87 -6.31 9.26
CA GLN A 10 -4.59 -5.64 9.51
C GLN A 10 -3.43 -6.58 9.21
N ILE A 11 -2.39 -6.04 8.57
CA ILE A 11 -1.21 -6.82 8.22
C ILE A 11 0.06 -6.17 8.76
N PHE A 12 1.16 -6.91 8.68
CA PHE A 12 2.44 -6.40 9.16
C PHE A 12 3.40 -6.16 7.99
N VAL A 13 3.98 -4.97 7.95
CA VAL A 13 4.92 -4.61 6.89
C VAL A 13 6.23 -4.09 7.47
N LYS A 14 7.33 -4.42 6.82
CA LYS A 14 8.65 -3.98 7.26
C LYS A 14 9.20 -2.90 6.35
N THR A 15 9.90 -1.93 6.93
CA THR A 15 10.49 -0.84 6.17
C THR A 15 11.99 -1.05 5.96
N LEU A 16 12.63 -0.09 5.32
CA LEU A 16 14.06 -0.16 5.06
C LEU A 16 14.87 0.11 6.33
N THR A 17 14.23 0.78 7.29
CA THR A 17 14.89 1.10 8.55
C THR A 17 14.57 0.06 9.61
N GLY A 18 14.35 -1.18 9.17
CA GLY A 18 14.04 -2.25 10.11
C GLY A 18 12.90 -1.90 11.04
N LYS A 19 12.01 -1.03 10.58
CA LYS A 19 10.87 -0.62 11.38
C LYS A 19 9.57 -1.25 10.86
N THR A 20 8.83 -1.89 11.76
CA THR A 20 7.59 -2.54 11.40
C THR A 20 6.42 -1.57 11.50
N ILE A 21 5.69 -1.41 10.40
CA ILE A 21 4.54 -0.50 10.36
C ILE A 21 3.24 -1.28 10.15
N THR A 22 2.23 -0.94 10.94
CA THR A 22 0.93 -1.60 10.84
C THR A 22 0.08 -0.99 9.73
N LEU A 23 -0.48 -1.85 8.89
CA LEU A 23 -1.31 -1.39 7.78
C LEU A 23 -2.60 -2.20 7.70
N GLU A 24 -3.62 -1.63 7.06
CA GLU A 24 -4.90 -2.30 6.91
C GLU A 24 -5.30 -2.41 5.43
N VAL A 25 -5.55 -3.64 4.98
CA VAL A 25 -5.94 -3.87 3.59
C VAL A 25 -6.94 -5.00 3.49
N GLU A 26 -7.87 -4.88 2.54
CA GLU A 26 -8.90 -5.90 2.33
C GLU A 26 -8.32 -7.12 1.62
N PRO A 27 -8.93 -8.29 1.85
CA PRO A 27 -8.50 -9.55 1.24
C PRO A 27 -8.77 -9.58 -0.26
N SER A 28 -9.74 -8.79 -0.70
CA SER A 28 -10.10 -8.74 -2.12
C SER A 28 -9.41 -7.57 -2.81
N ASP A 29 -8.88 -6.65 -2.01
CA ASP A 29 -8.19 -5.48 -2.54
C ASP A 29 -6.89 -5.88 -3.25
N THR A 30 -6.33 -4.95 -4.02
CA THR A 30 -5.10 -5.22 -4.75
C THR A 30 -3.91 -4.50 -4.11
N ILE A 31 -2.71 -4.79 -4.60
CA ILE A 31 -1.50 -4.16 -4.08
C ILE A 31 -1.63 -2.64 -4.07
N GLU A 32 -2.40 -2.11 -5.01
CA GLU A 32 -2.59 -0.67 -5.11
C GLU A 32 -3.26 -0.13 -3.86
N ASN A 33 -4.33 -0.79 -3.42
CA ASN A 33 -5.07 -0.37 -2.24
C ASN A 33 -4.15 -0.31 -1.03
N VAL A 34 -3.12 -1.16 -1.03
CA VAL A 34 -2.17 -1.21 0.07
C VAL A 34 -1.32 0.06 0.12
N LYS A 35 -0.82 0.47 -1.03
CA LYS A 35 0.00 1.67 -1.12
C LYS A 35 -0.77 2.91 -0.68
N ALA A 36 -2.09 2.85 -0.82
CA ALA A 36 -2.95 3.96 -0.42
C ALA A 36 -2.69 4.35 1.04
N LYS A 37 -2.62 3.36 1.91
CA LYS A 37 -2.37 3.61 3.33
C LYS A 37 -0.91 3.93 3.58
N ILE A 38 -0.03 3.39 2.74
CA ILE A 38 1.40 3.62 2.86
C ILE A 38 1.72 5.12 2.81
N GLN A 39 0.99 5.84 1.96
CA GLN A 39 1.19 7.26 1.79
C GLN A 39 1.09 7.99 3.14
N ASP A 40 0.25 7.47 4.03
CA ASP A 40 0.06 8.06 5.34
C ASP A 40 1.21 7.68 6.27
N LYS A 41 1.89 6.59 5.94
CA LYS A 41 3.02 6.13 6.76
C LYS A 41 4.30 6.85 6.36
N GLU A 42 4.58 6.88 5.06
CA GLU A 42 5.78 7.53 4.54
C GLU A 42 5.42 8.64 3.55
N GLY A 43 4.37 8.41 2.78
CA GLY A 43 3.94 9.37 1.79
C GLY A 43 4.83 9.41 0.57
N ILE A 44 4.86 8.29 -0.16
CA ILE A 44 5.68 8.19 -1.37
C ILE A 44 4.83 7.77 -2.56
N PRO A 45 5.27 8.18 -3.77
CA PRO A 45 4.58 7.87 -5.01
C PRO A 45 4.68 6.39 -5.37
N PRO A 46 3.84 5.95 -6.32
CA PRO A 46 3.81 4.55 -6.78
C PRO A 46 5.06 4.19 -7.57
N ASP A 47 5.74 5.19 -8.10
CA ASP A 47 6.96 4.97 -8.88
C ASP A 47 8.07 4.39 -8.02
N GLN A 48 8.03 4.71 -6.72
CA GLN A 48 9.03 4.23 -5.78
C GLN A 48 8.45 3.15 -4.88
N GLN A 49 7.13 3.18 -4.70
CA GLN A 49 6.45 2.21 -3.85
C GLN A 49 6.43 0.84 -4.50
N ARG A 50 6.91 -0.17 -3.77
CA ARG A 50 6.95 -1.53 -4.29
C ARG A 50 6.87 -2.54 -3.15
N LEU A 51 5.85 -3.39 -3.19
CA LEU A 51 5.67 -4.41 -2.15
C LEU A 51 6.29 -5.74 -2.58
N ILE A 52 6.91 -6.42 -1.62
CA ILE A 52 7.55 -7.70 -1.90
C ILE A 52 6.95 -8.81 -1.03
N PHE A 53 6.88 -10.01 -1.58
CA PHE A 53 6.33 -11.16 -0.87
C PHE A 53 7.12 -12.43 -1.18
N ALA A 54 7.80 -12.95 -0.17
CA ALA A 54 8.60 -14.17 -0.33
C ALA A 54 9.66 -13.98 -1.41
N GLY A 55 10.31 -12.83 -1.40
CA GLY A 55 11.35 -12.55 -2.37
C GLY A 55 10.79 -12.39 -3.78
N LYS A 56 9.50 -12.08 -3.87
CA LYS A 56 8.84 -11.90 -5.16
C LYS A 56 7.97 -10.66 -5.15
N GLN A 57 8.18 -9.77 -6.12
CA GLN A 57 7.40 -8.54 -6.23
C GLN A 57 5.92 -8.85 -6.39
N LEU A 58 5.07 -7.87 -6.05
CA LEU A 58 3.63 -8.05 -6.16
C LEU A 58 3.08 -7.30 -7.37
N GLU A 59 1.87 -7.64 -7.78
CA GLU A 59 1.24 -7.00 -8.92
C GLU A 59 -0.15 -6.50 -8.55
N ASP A 60 -0.57 -5.40 -9.19
CA ASP A 60 -1.88 -4.81 -8.93
C ASP A 60 -2.99 -5.73 -9.42
N GLY A 61 -2.78 -6.33 -10.59
CA GLY A 61 -3.78 -7.22 -11.16
C GLY A 61 -4.22 -8.30 -10.18
N ARG A 62 -3.34 -8.62 -9.24
CA ARG A 62 -3.64 -9.64 -8.23
C ARG A 62 -4.12 -9.01 -6.94
N THR A 63 -4.79 -9.80 -6.10
CA THR A 63 -5.31 -9.30 -4.83
C THR A 63 -4.45 -9.80 -3.67
N LEU A 64 -4.55 -9.11 -2.54
CA LEU A 64 -3.78 -9.48 -1.35
C LEU A 64 -3.97 -10.95 -1.01
N SER A 65 -5.22 -11.42 -1.11
CA SER A 65 -5.54 -12.81 -0.81
C SER A 65 -4.80 -13.76 -1.76
N GLU A 66 -4.76 -13.38 -3.04
CA GLU A 66 -4.08 -14.19 -4.05
C GLU A 66 -2.61 -14.41 -3.68
N TYR A 67 -2.04 -13.45 -2.96
CA TYR A 67 -0.64 -13.52 -2.56
C TYR A 67 -0.52 -14.19 -1.18
N ASN A 68 -1.60 -14.81 -0.73
CA ASN A 68 -1.62 -15.49 0.56
C ASN A 68 -1.32 -14.50 1.69
N ILE A 69 -1.52 -13.22 1.41
CA ILE A 69 -1.28 -12.17 2.40
C ILE A 69 -2.42 -12.10 3.41
N GLN A 70 -2.22 -12.74 4.57
CA GLN A 70 -3.23 -12.74 5.62
C GLN A 70 -3.03 -11.56 6.57
N LYS A 71 -3.75 -11.59 7.69
CA LYS A 71 -3.65 -10.53 8.69
C LYS A 71 -2.38 -10.65 9.49
N GLU A 72 -1.63 -11.73 9.26
CA GLU A 72 -0.37 -11.96 9.97
C GLU A 72 0.75 -12.27 8.98
N SER A 73 0.70 -11.65 7.81
CA SER A 73 1.71 -11.87 6.78
C SER A 73 2.80 -10.80 6.86
N THR A 74 3.97 -11.11 6.31
CA THR A 74 5.09 -10.18 6.31
C THR A 74 5.28 -9.53 4.95
N LEU A 75 5.42 -8.21 4.95
CA LEU A 75 5.60 -7.47 3.70
C LEU A 75 6.90 -6.66 3.74
N HIS A 76 7.45 -6.39 2.56
CA HIS A 76 8.69 -5.62 2.45
C HIS A 76 8.56 -4.54 1.39
N LEU A 77 8.77 -3.29 1.80
CA LEU A 77 8.69 -2.16 0.88
C LEU A 77 10.08 -1.72 0.43
N VAL A 78 10.35 -1.87 -0.87
CA VAL A 78 11.63 -1.49 -1.44
C VAL A 78 11.49 -0.31 -2.39
N LEU A 79 12.27 0.74 -2.14
CA LEU A 79 12.22 1.94 -2.97
C LEU A 79 13.36 1.93 -3.99
N ARG A 80 12.99 2.03 -5.27
CA ARG A 80 13.97 2.03 -6.34
C ARG A 80 13.50 2.91 -7.50
N LEU A 81 14.44 3.67 -8.07
CA LEU A 81 14.12 4.55 -9.19
C LEU A 81 15.30 4.66 -10.15
N ARG A 82 15.11 4.22 -11.38
CA ARG A 82 16.16 4.27 -12.40
C ARG A 82 15.71 5.07 -13.61
N GLY A 83 16.64 5.35 -14.51
CA GLY A 83 16.31 6.11 -15.71
C GLY A 83 15.48 5.30 -16.69
N TYR A 84 14.17 5.48 -16.64
CA TYR A 84 13.27 4.76 -17.53
C TYR A 84 11.86 5.35 -17.47
N ALA A 85 11.28 5.58 -18.64
CA ALA A 85 9.93 6.14 -18.72
C ALA A 85 9.40 6.07 -20.15
N ASP A 86 8.09 5.86 -20.28
CA ASP A 86 7.46 5.78 -21.59
C ASP A 86 6.20 6.65 -21.63
N LEU A 87 5.86 7.11 -22.83
CA LEU A 87 4.69 7.95 -23.03
C LEU A 87 3.67 7.28 -23.94
N ARG A 88 2.51 7.90 -24.09
CA ARG A 88 1.45 7.36 -24.94
C ARG A 88 1.13 8.32 -26.08
N GLU A 89 0.64 9.50 -25.73
CA GLU A 89 0.29 10.50 -26.74
C GLU A 89 1.49 10.83 -27.62
N ASP A 90 1.25 11.57 -28.69
CA ASP A 90 2.31 11.96 -29.61
C ASP A 90 2.03 13.34 -30.22
N PRO A 91 3.08 13.98 -30.74
CA PRO A 91 2.98 15.29 -31.36
C PRO A 91 2.22 15.26 -32.69
N ASP A 92 2.16 16.40 -33.36
CA ASP A 92 1.47 16.49 -34.64
C ASP A 92 1.73 17.85 -35.31
N ARG A 93 2.74 17.89 -36.17
CA ARG A 93 3.10 19.12 -36.87
C ARG A 93 1.88 19.73 -37.56
N GLN A 94 2.06 20.91 -38.12
CA GLN A 94 0.97 21.60 -38.81
C GLN A 94 1.51 22.69 -39.73
N ASP A 95 1.26 22.56 -41.03
CA ASP A 95 1.71 23.53 -42.01
C ASP A 95 1.04 24.88 -41.79
N HIS A 96 1.67 25.73 -40.98
CA HIS A 96 1.13 27.06 -40.69
C HIS A 96 2.14 27.90 -39.92
N HIS A 97 2.38 29.12 -40.39
CA HIS A 97 3.33 30.02 -39.74
C HIS A 97 2.70 31.40 -39.54
N PRO A 98 1.72 31.48 -38.63
CA PRO A 98 1.04 32.75 -38.33
C PRO A 98 1.93 33.74 -37.61
N GLY A 99 1.53 35.01 -37.61
CA GLY A 99 2.31 36.04 -36.96
C GLY A 99 1.96 36.19 -35.49
N SER A 100 1.34 37.31 -35.14
CA SER A 100 0.95 37.58 -33.76
C SER A 100 -0.45 38.18 -33.70
N GLY A 101 -1.19 37.86 -32.64
CA GLY A 101 -2.53 38.38 -32.48
C GLY A 101 -2.57 39.63 -31.62
N ALA A 102 -3.44 40.56 -31.95
CA ALA A 102 -3.58 41.79 -31.21
C ALA A 102 -4.97 41.92 -30.59
N GLN A 103 -5.97 42.17 -31.43
CA GLN A 103 -7.34 42.30 -30.96
C GLN A 103 -8.17 41.08 -31.34
N GLY A 1 -21.67 8.16 -2.65
CA GLY A 1 -22.75 7.56 -1.87
C GLY A 1 -22.34 7.30 -0.43
N SER A 2 -22.92 6.27 0.17
CA SER A 2 -22.62 5.92 1.54
C SER A 2 -21.72 4.69 1.61
N LEU A 3 -21.22 4.39 2.81
CA LEU A 3 -20.35 3.25 3.02
C LEU A 3 -20.90 2.33 4.10
N VAL A 4 -20.88 1.03 3.83
CA VAL A 4 -21.37 0.04 4.79
C VAL A 4 -20.26 -0.89 5.25
N PRO A 5 -20.43 -1.49 6.44
CA PRO A 5 -19.45 -2.41 7.01
C PRO A 5 -19.38 -3.72 6.25
N ARG A 6 -18.23 -4.00 5.63
CA ARG A 6 -18.04 -5.23 4.88
C ARG A 6 -16.99 -6.12 5.54
N GLY A 7 -15.94 -5.50 6.07
CA GLY A 7 -14.89 -6.25 6.72
C GLY A 7 -13.55 -5.53 6.67
N SER A 8 -12.59 -6.03 7.44
CA SER A 8 -11.26 -5.42 7.50
C SER A 8 -10.23 -6.42 8.01
N MET A 9 -8.96 -6.13 7.74
CA MET A 9 -7.87 -7.01 8.18
C MET A 9 -6.57 -6.23 8.32
N GLN A 10 -5.86 -6.46 9.42
CA GLN A 10 -4.60 -5.78 9.67
C GLN A 10 -3.42 -6.65 9.26
N ILE A 11 -2.42 -6.03 8.64
CA ILE A 11 -1.23 -6.75 8.20
C ILE A 11 0.04 -6.10 8.74
N PHE A 12 1.14 -6.85 8.70
CA PHE A 12 2.42 -6.34 9.19
C PHE A 12 3.40 -6.15 8.05
N VAL A 13 3.99 -4.96 7.97
CA VAL A 13 4.95 -4.66 6.91
C VAL A 13 6.24 -4.11 7.50
N LYS A 14 7.37 -4.48 6.89
CA LYS A 14 8.67 -4.02 7.35
C LYS A 14 9.21 -2.90 6.46
N THR A 15 9.87 -1.93 7.07
CA THR A 15 10.43 -0.80 6.32
C THR A 15 11.93 -0.96 6.14
N LEU A 16 12.55 0.03 5.52
CA LEU A 16 13.99 0.01 5.27
C LEU A 16 14.77 0.25 6.56
N THR A 17 14.12 0.92 7.51
CA THR A 17 14.74 1.22 8.80
C THR A 17 14.39 0.17 9.85
N GLY A 18 14.16 -1.06 9.39
CA GLY A 18 13.82 -2.14 10.30
C GLY A 18 12.65 -1.78 11.21
N LYS A 19 11.78 -0.90 10.72
CA LYS A 19 10.62 -0.48 11.50
C LYS A 19 9.34 -1.09 10.95
N THR A 20 8.58 -1.75 11.82
CA THR A 20 7.33 -2.39 11.42
C THR A 20 6.16 -1.42 11.51
N ILE A 21 5.44 -1.27 10.41
CA ILE A 21 4.29 -0.36 10.37
C ILE A 21 2.99 -1.13 10.18
N THR A 22 1.98 -0.79 10.97
CA THR A 22 0.68 -1.46 10.88
C THR A 22 -0.17 -0.84 9.78
N LEU A 23 -0.71 -1.70 8.91
CA LEU A 23 -1.56 -1.24 7.82
C LEU A 23 -2.86 -2.03 7.77
N GLU A 24 -3.95 -1.33 7.48
CA GLU A 24 -5.27 -1.96 7.40
C GLU A 24 -5.68 -2.20 5.95
N VAL A 25 -5.81 -3.47 5.57
CA VAL A 25 -6.20 -3.82 4.21
C VAL A 25 -7.03 -5.09 4.20
N GLU A 26 -7.99 -5.16 3.28
CA GLU A 26 -8.87 -6.32 3.16
C GLU A 26 -8.21 -7.40 2.32
N PRO A 27 -8.66 -8.65 2.51
CA PRO A 27 -8.13 -9.81 1.78
C PRO A 27 -8.52 -9.78 0.30
N SER A 28 -9.44 -8.89 -0.04
CA SER A 28 -9.91 -8.78 -1.42
C SER A 28 -9.43 -7.47 -2.05
N ASP A 29 -8.59 -6.74 -1.32
CA ASP A 29 -8.06 -5.48 -1.80
C ASP A 29 -6.86 -5.70 -2.72
N THR A 30 -6.76 -4.87 -3.75
CA THR A 30 -5.66 -4.97 -4.70
C THR A 30 -4.42 -4.26 -4.19
N ILE A 31 -3.29 -4.51 -4.84
CA ILE A 31 -2.03 -3.88 -4.45
C ILE A 31 -2.17 -2.37 -4.35
N GLU A 32 -2.89 -1.78 -5.31
CA GLU A 32 -3.10 -0.34 -5.33
C GLU A 32 -3.71 0.14 -4.02
N ASN A 33 -4.54 -0.71 -3.41
CA ASN A 33 -5.20 -0.38 -2.15
C ASN A 33 -4.22 -0.51 -0.99
N VAL A 34 -3.35 -1.51 -1.05
CA VAL A 34 -2.37 -1.74 0.00
C VAL A 34 -1.37 -0.59 0.08
N LYS A 35 -0.89 -0.14 -1.07
CA LYS A 35 0.06 0.96 -1.13
C LYS A 35 -0.62 2.29 -0.82
N ALA A 36 -1.91 2.37 -1.12
CA ALA A 36 -2.68 3.58 -0.87
C ALA A 36 -2.56 4.02 0.59
N LYS A 37 -2.56 3.03 1.49
CA LYS A 37 -2.46 3.32 2.92
C LYS A 37 -1.03 3.69 3.30
N ILE A 38 -0.06 3.15 2.56
CA ILE A 38 1.35 3.44 2.82
C ILE A 38 1.66 4.91 2.60
N GLN A 39 0.92 5.54 1.69
CA GLN A 39 1.11 6.95 1.40
C GLN A 39 1.03 7.80 2.66
N ASP A 40 0.20 7.36 3.60
CA ASP A 40 0.02 8.08 4.86
C ASP A 40 1.18 7.81 5.80
N LYS A 41 1.87 6.68 5.59
CA LYS A 41 3.00 6.30 6.42
C LYS A 41 4.27 7.00 5.96
N GLU A 42 4.55 6.92 4.66
CA GLU A 42 5.74 7.54 4.09
C GLU A 42 5.35 8.55 3.00
N GLY A 43 4.30 8.22 2.25
CA GLY A 43 3.85 9.10 1.18
C GLY A 43 4.77 9.05 -0.03
N ILE A 44 4.82 7.89 -0.68
CA ILE A 44 5.66 7.73 -1.86
C ILE A 44 4.85 7.23 -3.04
N PRO A 45 5.31 7.58 -4.26
CA PRO A 45 4.64 7.17 -5.50
C PRO A 45 4.77 5.67 -5.77
N PRO A 46 3.97 5.17 -6.72
CA PRO A 46 3.98 3.75 -7.10
C PRO A 46 5.27 3.35 -7.81
N ASP A 47 5.94 4.32 -8.42
CA ASP A 47 7.18 4.06 -9.14
C ASP A 47 8.33 3.82 -8.16
N GLN A 48 8.30 4.54 -7.05
CA GLN A 48 9.34 4.41 -6.03
C GLN A 48 8.96 3.36 -4.99
N GLN A 49 7.65 3.14 -4.84
CA GLN A 49 7.16 2.16 -3.88
C GLN A 49 6.95 0.80 -4.54
N ARG A 50 7.29 -0.26 -3.82
CA ARG A 50 7.13 -1.62 -4.35
C ARG A 50 6.94 -2.62 -3.21
N LEU A 51 5.94 -3.49 -3.35
CA LEU A 51 5.64 -4.49 -2.34
C LEU A 51 6.32 -5.81 -2.67
N ILE A 52 6.93 -6.43 -1.66
CA ILE A 52 7.61 -7.71 -1.84
C ILE A 52 6.96 -8.80 -1.02
N PHE A 53 6.89 -10.00 -1.59
CA PHE A 53 6.29 -11.14 -0.90
C PHE A 53 7.07 -12.43 -1.19
N ALA A 54 7.71 -12.96 -0.17
CA ALA A 54 8.49 -14.18 -0.31
C ALA A 54 9.54 -14.04 -1.41
N GLY A 55 10.06 -12.83 -1.57
CA GLY A 55 11.07 -12.58 -2.58
C GLY A 55 10.47 -12.22 -3.92
N LYS A 56 9.16 -12.40 -4.05
CA LYS A 56 8.46 -12.09 -5.29
C LYS A 56 7.77 -10.73 -5.20
N GLN A 57 8.08 -9.86 -6.15
CA GLN A 57 7.49 -8.52 -6.17
C GLN A 57 5.99 -8.59 -6.45
N LEU A 58 5.26 -7.60 -5.97
CA LEU A 58 3.80 -7.55 -6.17
C LEU A 58 3.42 -6.37 -7.07
N GLU A 59 2.32 -6.54 -7.81
CA GLU A 59 1.84 -5.50 -8.70
C GLU A 59 0.32 -5.46 -8.74
N ASP A 60 -0.23 -4.33 -9.13
CA ASP A 60 -1.69 -4.16 -9.19
C ASP A 60 -2.32 -5.28 -10.01
N GLY A 61 -3.64 -5.36 -9.96
CA GLY A 61 -4.35 -6.39 -10.70
C GLY A 61 -4.62 -7.63 -9.86
N ARG A 62 -3.87 -7.77 -8.78
CA ARG A 62 -4.03 -8.92 -7.89
C ARG A 62 -4.37 -8.47 -6.47
N THR A 63 -5.14 -9.29 -5.76
CA THR A 63 -5.53 -8.98 -4.39
C THR A 63 -4.63 -9.68 -3.39
N LEU A 64 -4.66 -9.20 -2.15
CA LEU A 64 -3.84 -9.79 -1.09
C LEU A 64 -4.06 -11.30 -1.00
N SER A 65 -5.33 -11.71 -1.05
CA SER A 65 -5.67 -13.13 -0.98
C SER A 65 -5.04 -13.90 -2.14
N GLU A 66 -4.90 -13.23 -3.28
CA GLU A 66 -4.32 -13.85 -4.46
C GLU A 66 -2.81 -14.00 -4.31
N TYR A 67 -2.23 -13.20 -3.42
CA TYR A 67 -0.79 -13.23 -3.18
C TYR A 67 -0.46 -14.04 -1.93
N ASN A 68 -1.45 -14.77 -1.43
CA ASN A 68 -1.27 -15.59 -0.24
C ASN A 68 -0.86 -14.73 0.95
N ILE A 69 -1.37 -13.51 1.00
CA ILE A 69 -1.05 -12.59 2.08
C ILE A 69 -2.15 -12.59 3.14
N GLN A 70 -1.79 -12.97 4.36
CA GLN A 70 -2.75 -13.01 5.45
C GLN A 70 -2.62 -11.78 6.34
N LYS A 71 -3.28 -11.80 7.49
CA LYS A 71 -3.24 -10.68 8.42
C LYS A 71 -1.93 -10.67 9.20
N GLU A 72 -1.23 -11.80 9.19
CA GLU A 72 0.04 -11.93 9.89
C GLU A 72 1.20 -12.02 8.90
N SER A 73 0.88 -11.96 7.61
CA SER A 73 1.90 -12.04 6.57
C SER A 73 2.93 -10.92 6.73
N THR A 74 4.16 -11.20 6.31
CA THR A 74 5.24 -10.22 6.40
C THR A 74 5.53 -9.58 5.05
N LEU A 75 5.29 -8.28 4.95
CA LEU A 75 5.52 -7.54 3.71
C LEU A 75 6.83 -6.74 3.79
N HIS A 76 7.42 -6.48 2.63
CA HIS A 76 8.66 -5.72 2.57
C HIS A 76 8.57 -4.62 1.51
N LEU A 77 8.83 -3.39 1.92
CA LEU A 77 8.78 -2.25 1.01
C LEU A 77 10.18 -1.80 0.62
N VAL A 78 10.49 -1.88 -0.68
CA VAL A 78 11.79 -1.47 -1.18
C VAL A 78 11.69 -0.23 -2.06
N LEU A 79 12.50 0.77 -1.74
CA LEU A 79 12.50 2.02 -2.49
C LEU A 79 13.65 2.06 -3.49
N ARG A 80 13.37 2.55 -4.69
CA ARG A 80 14.39 2.64 -5.74
C ARG A 80 15.17 3.94 -5.62
N LEU A 81 14.46 5.06 -5.54
CA LEU A 81 15.09 6.37 -5.43
C LEU A 81 15.23 6.78 -3.97
N ARG A 82 15.75 7.98 -3.74
CA ARG A 82 15.94 8.49 -2.39
C ARG A 82 14.61 8.59 -1.66
N GLY A 83 13.74 9.49 -2.13
CA GLY A 83 12.45 9.67 -1.50
C GLY A 83 11.62 10.74 -2.17
N TYR A 84 12.26 11.87 -2.50
CA TYR A 84 11.58 12.97 -3.14
C TYR A 84 10.87 12.52 -4.41
N ALA A 85 9.79 13.20 -4.76
CA ALA A 85 9.02 12.87 -5.96
C ALA A 85 8.29 14.09 -6.50
N ASP A 86 7.97 14.05 -7.79
CA ASP A 86 7.26 15.16 -8.43
C ASP A 86 5.94 14.69 -9.03
N LEU A 87 5.20 15.62 -9.62
CA LEU A 87 3.90 15.31 -10.22
C LEU A 87 3.74 16.03 -11.55
N ARG A 88 2.67 15.71 -12.27
CA ARG A 88 2.38 16.33 -13.56
C ARG A 88 1.01 15.92 -14.07
N GLU A 89 0.35 16.85 -14.76
CA GLU A 89 -0.98 16.58 -15.31
C GLU A 89 -0.91 16.37 -16.83
N ASP A 90 -1.95 15.75 -17.38
CA ASP A 90 -2.01 15.50 -18.81
C ASP A 90 -3.38 15.85 -19.37
N PRO A 91 -3.45 16.05 -20.70
CA PRO A 91 -4.71 16.40 -21.38
C PRO A 91 -5.70 15.24 -21.40
N ASP A 92 -6.78 15.38 -20.64
CA ASP A 92 -7.80 14.35 -20.56
C ASP A 92 -8.58 14.27 -21.89
N ARG A 93 -8.82 15.41 -22.50
CA ARG A 93 -9.55 15.47 -23.76
C ARG A 93 -8.69 16.08 -24.86
N GLN A 94 -8.16 15.23 -25.73
CA GLN A 94 -7.31 15.68 -26.83
C GLN A 94 -8.15 16.02 -28.06
N ASP A 95 -7.48 16.39 -29.14
CA ASP A 95 -8.16 16.73 -30.39
C ASP A 95 -7.29 16.41 -31.59
N HIS A 96 -7.71 15.43 -32.38
CA HIS A 96 -6.97 15.02 -33.57
C HIS A 96 -7.91 14.85 -34.77
N HIS A 97 -7.54 15.48 -35.88
CA HIS A 97 -8.34 15.39 -37.09
C HIS A 97 -7.47 15.52 -38.34
N PRO A 98 -6.65 14.49 -38.59
CA PRO A 98 -5.74 14.46 -39.75
C PRO A 98 -6.50 14.31 -41.06
N GLY A 99 -7.52 13.46 -41.07
CA GLY A 99 -8.30 13.23 -42.27
C GLY A 99 -8.93 14.52 -42.80
N SER A 100 -8.86 14.71 -44.11
CA SER A 100 -9.42 15.90 -44.74
C SER A 100 -10.09 15.55 -46.06
N GLY A 101 -11.41 15.77 -46.12
CA GLY A 101 -12.15 15.47 -47.33
C GLY A 101 -11.91 16.49 -48.43
N ALA A 102 -11.83 16.02 -49.67
CA ALA A 102 -11.59 16.89 -50.81
C ALA A 102 -11.70 16.12 -52.12
N GLN A 103 -11.49 16.83 -53.23
CA GLN A 103 -11.55 16.21 -54.55
C GLN A 103 -10.30 15.41 -54.85
N GLY A 1 -15.06 11.11 8.77
CA GLY A 1 -15.75 9.85 8.96
C GLY A 1 -17.18 9.89 8.45
N SER A 2 -17.33 9.91 7.13
CA SER A 2 -18.65 9.95 6.51
C SER A 2 -19.19 8.55 6.25
N LEU A 3 -18.32 7.68 5.73
CA LEU A 3 -18.71 6.30 5.44
C LEU A 3 -17.72 5.32 6.07
N VAL A 4 -18.25 4.20 6.56
CA VAL A 4 -17.41 3.18 7.18
C VAL A 4 -17.59 1.83 6.48
N PRO A 5 -16.47 1.16 6.18
CA PRO A 5 -16.47 -0.14 5.52
C PRO A 5 -17.01 -1.25 6.42
N ARG A 6 -17.13 -2.45 5.87
CA ARG A 6 -17.62 -3.60 6.63
C ARG A 6 -16.47 -4.47 7.12
N GLY A 7 -15.84 -5.18 6.20
CA GLY A 7 -14.73 -6.04 6.56
C GLY A 7 -13.43 -5.28 6.72
N SER A 8 -12.36 -5.99 7.06
CA SER A 8 -11.05 -5.36 7.26
C SER A 8 -10.01 -6.41 7.63
N MET A 9 -8.74 -6.05 7.44
CA MET A 9 -7.65 -6.96 7.78
C MET A 9 -6.38 -6.18 8.10
N GLN A 10 -5.70 -6.58 9.18
CA GLN A 10 -4.48 -5.91 9.59
C GLN A 10 -3.24 -6.75 9.22
N ILE A 11 -2.28 -6.11 8.57
CA ILE A 11 -1.06 -6.79 8.16
C ILE A 11 0.18 -6.06 8.68
N PHE A 12 1.31 -6.74 8.63
CA PHE A 12 2.57 -6.17 9.10
C PHE A 12 3.53 -5.93 7.94
N VAL A 13 4.12 -4.74 7.90
CA VAL A 13 5.06 -4.39 6.84
C VAL A 13 6.37 -3.87 7.42
N LYS A 14 7.48 -4.27 6.80
CA LYS A 14 8.81 -3.85 7.25
C LYS A 14 9.31 -2.68 6.42
N THR A 15 9.68 -1.60 7.10
CA THR A 15 10.18 -0.41 6.41
C THR A 15 11.68 -0.51 6.17
N LEU A 16 12.26 0.53 5.59
CA LEU A 16 13.69 0.56 5.31
C LEU A 16 14.50 0.75 6.59
N THR A 17 13.85 1.27 7.62
CA THR A 17 14.50 1.50 8.90
C THR A 17 14.27 0.34 9.86
N GLY A 18 14.06 -0.86 9.30
CA GLY A 18 13.83 -2.03 10.11
C GLY A 18 12.71 -1.83 11.11
N LYS A 19 11.69 -1.08 10.71
CA LYS A 19 10.56 -0.80 11.58
C LYS A 19 9.28 -1.44 11.04
N THR A 20 8.60 -2.20 11.88
CA THR A 20 7.36 -2.87 11.48
C THR A 20 6.15 -1.96 11.69
N ILE A 21 5.39 -1.76 10.63
CA ILE A 21 4.20 -0.90 10.70
C ILE A 21 2.95 -1.68 10.31
N THR A 22 1.90 -1.53 11.11
CA THR A 22 0.63 -2.22 10.85
C THR A 22 -0.24 -1.42 9.88
N LEU A 23 -0.75 -2.09 8.86
CA LEU A 23 -1.60 -1.45 7.87
C LEU A 23 -2.97 -2.11 7.81
N GLU A 24 -3.96 -1.39 7.31
CA GLU A 24 -5.32 -1.91 7.21
C GLU A 24 -5.72 -2.08 5.74
N VAL A 25 -6.01 -3.32 5.35
CA VAL A 25 -6.39 -3.62 3.98
C VAL A 25 -7.50 -4.68 3.95
N GLU A 26 -8.03 -4.93 2.76
CA GLU A 26 -9.10 -5.91 2.59
C GLU A 26 -8.60 -7.13 1.84
N PRO A 27 -9.24 -8.29 2.08
CA PRO A 27 -8.88 -9.55 1.43
C PRO A 27 -9.21 -9.56 -0.06
N SER A 28 -10.00 -8.58 -0.49
CA SER A 28 -10.40 -8.48 -1.89
C SER A 28 -9.65 -7.35 -2.58
N ASP A 29 -9.03 -6.48 -1.79
CA ASP A 29 -8.28 -5.35 -2.32
C ASP A 29 -7.02 -5.83 -3.04
N THR A 30 -6.41 -4.93 -3.82
CA THR A 30 -5.20 -5.27 -4.56
C THR A 30 -3.99 -4.55 -3.99
N ILE A 31 -2.81 -4.90 -4.50
CA ILE A 31 -1.56 -4.28 -4.03
C ILE A 31 -1.65 -2.76 -4.09
N GLU A 32 -2.46 -2.26 -5.03
CA GLU A 32 -2.62 -0.82 -5.19
C GLU A 32 -3.30 -0.21 -3.96
N ASN A 33 -4.37 -0.85 -3.50
CA ASN A 33 -5.11 -0.37 -2.34
C ASN A 33 -4.19 -0.26 -1.13
N VAL A 34 -3.31 -1.24 -0.96
CA VAL A 34 -2.37 -1.24 0.15
C VAL A 34 -1.50 0.01 0.16
N LYS A 35 -0.91 0.31 -1.00
CA LYS A 35 -0.05 1.49 -1.13
C LYS A 35 -0.79 2.75 -0.72
N ALA A 36 -2.12 2.73 -0.87
CA ALA A 36 -2.94 3.88 -0.51
C ALA A 36 -2.71 4.29 0.94
N LYS A 37 -2.71 3.29 1.83
CA LYS A 37 -2.50 3.55 3.25
C LYS A 37 -1.02 3.85 3.54
N ILE A 38 -0.14 3.27 2.74
CA ILE A 38 1.30 3.48 2.91
C ILE A 38 1.66 4.95 2.76
N GLN A 39 0.89 5.67 1.93
CA GLN A 39 1.13 7.08 1.70
C GLN A 39 1.16 7.85 3.01
N ASP A 40 0.35 7.41 3.97
CA ASP A 40 0.28 8.06 5.28
C ASP A 40 1.47 7.66 6.15
N LYS A 41 2.07 6.53 5.82
CA LYS A 41 3.23 6.03 6.58
C LYS A 41 4.51 6.66 6.06
N GLU A 42 4.71 6.62 4.75
CA GLU A 42 5.90 7.18 4.13
C GLU A 42 5.53 8.28 3.13
N GLY A 43 4.41 8.09 2.44
CA GLY A 43 3.97 9.07 1.46
C GLY A 43 4.82 9.05 0.21
N ILE A 44 4.90 7.90 -0.45
CA ILE A 44 5.68 7.76 -1.67
C ILE A 44 4.82 7.21 -2.80
N PRO A 45 5.19 7.56 -4.04
CA PRO A 45 4.47 7.11 -5.24
C PRO A 45 4.66 5.62 -5.51
N PRO A 46 3.84 5.08 -6.42
CA PRO A 46 3.91 3.66 -6.78
C PRO A 46 5.17 3.32 -7.57
N ASP A 47 5.75 4.32 -8.22
CA ASP A 47 6.96 4.12 -9.00
C ASP A 47 8.20 4.11 -8.10
N GLN A 48 8.02 4.58 -6.87
CA GLN A 48 9.12 4.63 -5.91
C GLN A 48 8.95 3.56 -4.84
N GLN A 49 7.70 3.15 -4.61
CA GLN A 49 7.40 2.15 -3.60
C GLN A 49 7.11 0.80 -4.26
N ARG A 50 7.64 -0.27 -3.66
CA ARG A 50 7.44 -1.62 -4.19
C ARG A 50 7.35 -2.64 -3.06
N LEU A 51 6.31 -3.46 -3.08
CA LEU A 51 6.12 -4.48 -2.06
C LEU A 51 6.71 -5.81 -2.51
N ILE A 52 7.33 -6.52 -1.56
CA ILE A 52 7.94 -7.82 -1.85
C ILE A 52 7.34 -8.91 -0.98
N PHE A 53 6.97 -10.02 -1.61
CA PHE A 53 6.38 -11.14 -0.90
C PHE A 53 7.09 -12.45 -1.26
N ALA A 54 7.73 -13.06 -0.26
CA ALA A 54 8.44 -14.31 -0.47
C ALA A 54 9.48 -14.17 -1.58
N GLY A 55 10.04 -12.97 -1.71
CA GLY A 55 11.04 -12.73 -2.73
C GLY A 55 10.44 -12.32 -4.05
N LYS A 56 9.12 -12.46 -4.17
CA LYS A 56 8.41 -12.10 -5.39
C LYS A 56 7.75 -10.73 -5.25
N GLN A 57 8.07 -9.83 -6.18
CA GLN A 57 7.52 -8.49 -6.17
C GLN A 57 6.00 -8.52 -6.38
N LEU A 58 5.30 -7.66 -5.64
CA LEU A 58 3.84 -7.60 -5.73
C LEU A 58 3.41 -6.56 -6.77
N GLU A 59 2.45 -6.92 -7.61
CA GLU A 59 1.95 -6.02 -8.63
C GLU A 59 0.43 -5.93 -8.58
N ASP A 60 -0.14 -5.09 -9.44
CA ASP A 60 -1.58 -4.90 -9.49
C ASP A 60 -2.26 -6.08 -10.20
N GLY A 61 -3.58 -6.04 -10.25
CA GLY A 61 -4.33 -7.11 -10.90
C GLY A 61 -4.83 -8.14 -9.92
N ARG A 62 -3.94 -8.64 -9.07
CA ARG A 62 -4.30 -9.65 -8.07
C ARG A 62 -4.70 -9.00 -6.76
N THR A 63 -5.28 -9.78 -5.86
CA THR A 63 -5.71 -9.29 -4.56
C THR A 63 -4.80 -9.80 -3.45
N LEU A 64 -4.83 -9.12 -2.30
CA LEU A 64 -4.01 -9.52 -1.16
C LEU A 64 -4.26 -10.98 -0.79
N SER A 65 -5.48 -11.45 -1.04
CA SER A 65 -5.84 -12.83 -0.74
C SER A 65 -5.17 -13.78 -1.70
N GLU A 66 -5.07 -13.38 -2.96
CA GLU A 66 -4.44 -14.20 -3.99
C GLU A 66 -2.93 -14.22 -3.84
N TYR A 67 -2.40 -13.22 -3.14
CA TYR A 67 -0.97 -13.11 -2.91
C TYR A 67 -0.55 -13.81 -1.62
N ASN A 68 -1.47 -14.60 -1.07
CA ASN A 68 -1.21 -15.33 0.15
C ASN A 68 -0.88 -14.37 1.30
N ILE A 69 -1.28 -13.12 1.14
CA ILE A 69 -1.02 -12.11 2.16
C ILE A 69 -2.12 -12.10 3.23
N GLN A 70 -1.84 -12.75 4.35
CA GLN A 70 -2.79 -12.83 5.44
C GLN A 70 -2.61 -11.65 6.40
N LYS A 71 -3.28 -11.73 7.56
CA LYS A 71 -3.19 -10.67 8.56
C LYS A 71 -1.86 -10.75 9.31
N GLU A 72 -1.10 -11.80 9.04
CA GLU A 72 0.19 -11.99 9.69
C GLU A 72 1.32 -11.97 8.67
N SER A 73 0.97 -11.90 7.39
CA SER A 73 1.94 -11.87 6.31
C SER A 73 2.98 -10.78 6.55
N THR A 74 4.15 -10.93 5.94
CA THR A 74 5.22 -9.96 6.08
C THR A 74 5.49 -9.24 4.76
N LEU A 75 5.33 -7.93 4.77
CA LEU A 75 5.56 -7.12 3.58
C LEU A 75 6.90 -6.40 3.64
N HIS A 76 7.46 -6.08 2.48
CA HIS A 76 8.75 -5.39 2.41
C HIS A 76 8.69 -4.25 1.40
N LEU A 77 8.98 -3.05 1.86
CA LEU A 77 8.97 -1.87 0.98
C LEU A 77 10.37 -1.57 0.48
N VAL A 78 10.56 -1.68 -0.83
CA VAL A 78 11.86 -1.41 -1.45
C VAL A 78 11.79 -0.17 -2.34
N LEU A 79 12.71 0.76 -2.12
CA LEU A 79 12.76 2.00 -2.89
C LEU A 79 13.62 1.82 -4.13
N ARG A 80 13.17 2.37 -5.25
CA ARG A 80 13.90 2.27 -6.51
C ARG A 80 14.57 3.60 -6.84
N LEU A 81 14.07 4.68 -6.26
CA LEU A 81 14.63 6.01 -6.50
C LEU A 81 15.60 6.39 -5.39
N ARG A 82 16.20 7.57 -5.52
CA ARG A 82 17.15 8.06 -4.54
C ARG A 82 16.51 9.11 -3.62
N GLY A 83 15.40 8.73 -2.99
CA GLY A 83 14.70 9.64 -2.11
C GLY A 83 15.03 9.39 -0.65
N TYR A 84 15.90 10.24 -0.09
CA TYR A 84 16.30 10.10 1.30
C TYR A 84 15.23 10.66 2.23
N ALA A 85 14.70 9.79 3.10
CA ALA A 85 13.67 10.20 4.05
C ALA A 85 14.27 10.50 5.42
N ASP A 86 13.43 10.97 6.33
CA ASP A 86 13.88 11.30 7.68
C ASP A 86 14.12 10.03 8.50
N LEU A 87 14.40 10.20 9.78
CA LEU A 87 14.65 9.08 10.67
C LEU A 87 13.45 8.79 11.56
N ARG A 88 13.47 7.67 12.26
CA ARG A 88 12.38 7.30 13.15
C ARG A 88 12.80 7.43 14.62
N GLU A 89 14.05 7.10 14.90
CA GLU A 89 14.57 7.18 16.26
C GLU A 89 13.80 6.26 17.19
N ASP A 90 13.62 5.02 16.77
CA ASP A 90 12.90 4.02 17.56
C ASP A 90 13.28 2.61 17.15
N PRO A 91 14.53 2.21 17.45
CA PRO A 91 15.03 0.88 17.12
C PRO A 91 14.37 -0.23 17.94
N ASP A 92 13.45 -0.96 17.31
CA ASP A 92 12.75 -2.04 17.99
C ASP A 92 13.22 -3.40 17.48
N ARG A 93 13.41 -3.50 16.17
CA ARG A 93 13.85 -4.74 15.54
C ARG A 93 15.01 -4.49 14.60
N GLN A 94 16.15 -5.13 14.86
CA GLN A 94 17.34 -4.97 14.04
C GLN A 94 17.96 -6.32 13.72
N ASP A 95 17.12 -7.34 13.52
CA ASP A 95 17.60 -8.68 13.22
C ASP A 95 17.97 -8.81 11.75
N HIS A 96 17.33 -7.99 10.92
CA HIS A 96 17.60 -8.01 9.48
C HIS A 96 17.88 -6.61 8.95
N HIS A 97 18.70 -6.52 7.91
CA HIS A 97 19.06 -5.24 7.31
C HIS A 97 19.83 -5.44 6.01
N PRO A 98 19.15 -5.96 4.98
CA PRO A 98 19.76 -6.21 3.67
C PRO A 98 20.10 -4.91 2.94
N GLY A 99 20.84 -5.04 1.84
CA GLY A 99 21.22 -3.88 1.06
C GLY A 99 20.17 -3.50 0.04
N SER A 100 20.52 -2.58 -0.85
CA SER A 100 19.60 -2.12 -1.89
C SER A 100 20.24 -2.24 -3.28
N GLY A 101 19.52 -2.86 -4.20
CA GLY A 101 20.03 -3.02 -5.55
C GLY A 101 19.32 -4.11 -6.31
N ALA A 102 18.78 -3.77 -7.48
CA ALA A 102 18.07 -4.74 -8.30
C ALA A 102 18.12 -4.35 -9.78
N GLN A 103 17.81 -5.30 -10.65
CA GLN A 103 17.83 -5.05 -12.09
C GLN A 103 16.58 -5.61 -12.75
N GLY A 1 -10.13 7.36 -0.95
CA GLY A 1 -11.37 7.14 -0.24
C GLY A 1 -11.37 7.78 1.14
N SER A 2 -12.51 8.34 1.53
CA SER A 2 -12.63 8.99 2.83
C SER A 2 -13.10 7.99 3.89
N LEU A 3 -13.91 7.03 3.47
CA LEU A 3 -14.42 6.01 4.38
C LEU A 3 -14.20 4.62 3.83
N VAL A 4 -13.92 3.66 4.72
CA VAL A 4 -13.68 2.28 4.31
C VAL A 4 -14.95 1.45 4.43
N PRO A 5 -15.23 0.67 3.37
CA PRO A 5 -16.43 -0.19 3.32
C PRO A 5 -16.33 -1.36 4.28
N ARG A 6 -17.31 -2.26 4.21
CA ARG A 6 -17.33 -3.43 5.08
C ARG A 6 -16.15 -4.35 4.80
N GLY A 7 -15.57 -4.91 5.86
CA GLY A 7 -14.44 -5.80 5.70
C GLY A 7 -13.12 -5.11 5.99
N SER A 8 -12.23 -5.80 6.69
CA SER A 8 -10.92 -5.24 7.03
C SER A 8 -9.94 -6.36 7.41
N MET A 9 -8.65 -6.03 7.36
CA MET A 9 -7.61 -7.00 7.70
C MET A 9 -6.34 -6.29 8.13
N GLN A 10 -5.74 -6.78 9.21
CA GLN A 10 -4.50 -6.18 9.73
C GLN A 10 -3.29 -7.00 9.31
N ILE A 11 -2.30 -6.32 8.74
CA ILE A 11 -1.08 -6.99 8.29
C ILE A 11 0.16 -6.31 8.87
N PHE A 12 1.29 -7.00 8.79
CA PHE A 12 2.55 -6.48 9.31
C PHE A 12 3.52 -6.18 8.17
N VAL A 13 4.05 -4.95 8.16
CA VAL A 13 4.99 -4.54 7.12
C VAL A 13 6.26 -3.96 7.73
N LYS A 14 7.39 -4.23 7.11
CA LYS A 14 8.68 -3.74 7.59
C LYS A 14 9.25 -2.70 6.63
N THR A 15 9.51 -1.51 7.15
CA THR A 15 10.06 -0.42 6.34
C THR A 15 11.56 -0.61 6.12
N LEU A 16 12.17 0.35 5.44
CA LEU A 16 13.60 0.28 5.15
C LEU A 16 14.42 0.61 6.40
N THR A 17 13.78 1.25 7.37
CA THR A 17 14.44 1.62 8.62
C THR A 17 14.21 0.56 9.70
N GLY A 18 14.03 -0.69 9.27
CA GLY A 18 13.80 -1.77 10.21
C GLY A 18 12.69 -1.47 11.20
N LYS A 19 11.67 -0.75 10.72
CA LYS A 19 10.53 -0.39 11.57
C LYS A 19 9.27 -1.12 11.12
N THR A 20 8.61 -1.79 12.06
CA THR A 20 7.39 -2.52 11.76
C THR A 20 6.16 -1.62 11.89
N ILE A 21 5.36 -1.57 10.83
CA ILE A 21 4.15 -0.76 10.83
C ILE A 21 2.93 -1.58 10.43
N THR A 22 1.84 -1.42 11.18
CA THR A 22 0.61 -2.15 10.92
C THR A 22 -0.21 -1.44 9.85
N LEU A 23 -0.65 -2.19 8.85
CA LEU A 23 -1.47 -1.65 7.77
C LEU A 23 -2.80 -2.36 7.67
N GLU A 24 -3.86 -1.61 7.37
CA GLU A 24 -5.19 -2.17 7.24
C GLU A 24 -5.62 -2.22 5.78
N VAL A 25 -6.02 -3.41 5.33
CA VAL A 25 -6.45 -3.59 3.94
C VAL A 25 -7.59 -4.59 3.86
N GLU A 26 -8.16 -4.74 2.67
CA GLU A 26 -9.27 -5.66 2.46
C GLU A 26 -8.79 -6.92 1.74
N PRO A 27 -9.51 -8.03 1.94
CA PRO A 27 -9.19 -9.32 1.32
C PRO A 27 -9.44 -9.32 -0.18
N SER A 28 -10.16 -8.31 -0.66
CA SER A 28 -10.47 -8.19 -2.07
C SER A 28 -9.71 -7.03 -2.71
N ASP A 29 -9.13 -6.19 -1.87
CA ASP A 29 -8.36 -5.04 -2.33
C ASP A 29 -7.16 -5.49 -3.17
N THR A 30 -6.70 -4.61 -4.06
CA THR A 30 -5.57 -4.91 -4.92
C THR A 30 -4.29 -4.28 -4.38
N ILE A 31 -3.16 -4.61 -5.00
CA ILE A 31 -1.88 -4.06 -4.58
C ILE A 31 -1.92 -2.54 -4.52
N GLU A 32 -2.59 -1.94 -5.50
CA GLU A 32 -2.70 -0.49 -5.56
C GLU A 32 -3.33 0.06 -4.28
N ASN A 33 -4.23 -0.71 -3.70
CA ASN A 33 -4.91 -0.31 -2.47
C ASN A 33 -3.96 -0.36 -1.28
N VAL A 34 -3.21 -1.46 -1.17
CA VAL A 34 -2.27 -1.64 -0.09
C VAL A 34 -1.32 -0.45 0.02
N LYS A 35 -0.92 0.10 -1.13
CA LYS A 35 -0.02 1.24 -1.17
C LYS A 35 -0.74 2.52 -0.74
N ALA A 36 -2.05 2.55 -0.96
CA ALA A 36 -2.86 3.71 -0.59
C ALA A 36 -2.68 4.05 0.88
N LYS A 37 -2.64 3.03 1.73
CA LYS A 37 -2.47 3.22 3.16
C LYS A 37 -1.03 3.58 3.50
N ILE A 38 -0.10 3.09 2.69
CA ILE A 38 1.32 3.35 2.90
C ILE A 38 1.63 4.84 2.75
N GLN A 39 0.86 5.52 1.91
CA GLN A 39 1.05 6.95 1.68
C GLN A 39 1.01 7.72 2.99
N ASP A 40 0.16 7.28 3.91
CA ASP A 40 0.04 7.92 5.21
C ASP A 40 1.20 7.54 6.13
N LYS A 41 1.81 6.40 5.84
CA LYS A 41 2.94 5.92 6.64
C LYS A 41 4.23 6.62 6.23
N GLU A 42 4.52 6.62 4.93
CA GLU A 42 5.72 7.25 4.41
C GLU A 42 5.37 8.31 3.37
N GLY A 43 4.32 8.06 2.59
CA GLY A 43 3.91 9.01 1.57
C GLY A 43 4.82 9.00 0.37
N ILE A 44 4.90 7.86 -0.30
CA ILE A 44 5.75 7.73 -1.48
C ILE A 44 4.95 7.21 -2.67
N PRO A 45 5.40 7.59 -3.89
CA PRO A 45 4.74 7.18 -5.13
C PRO A 45 4.91 5.69 -5.41
N PRO A 46 4.13 5.18 -6.38
CA PRO A 46 4.17 3.77 -6.77
C PRO A 46 5.47 3.41 -7.49
N ASP A 47 6.08 4.40 -8.12
CA ASP A 47 7.33 4.19 -8.84
C ASP A 47 8.50 3.98 -7.88
N GLN A 48 8.40 4.60 -6.71
CA GLN A 48 9.45 4.48 -5.70
C GLN A 48 9.01 3.57 -4.57
N GLN A 49 7.80 3.02 -4.68
CA GLN A 49 7.27 2.12 -3.67
C GLN A 49 6.88 0.77 -4.27
N ARG A 50 7.46 -0.30 -3.73
CA ARG A 50 7.18 -1.64 -4.22
C ARG A 50 7.08 -2.63 -3.06
N LEU A 51 6.05 -3.48 -3.11
CA LEU A 51 5.83 -4.47 -2.06
C LEU A 51 6.45 -5.81 -2.45
N ILE A 52 7.08 -6.47 -1.48
CA ILE A 52 7.71 -7.77 -1.72
C ILE A 52 7.08 -8.85 -0.86
N PHE A 53 6.85 -10.02 -1.47
CA PHE A 53 6.25 -11.13 -0.75
C PHE A 53 6.89 -12.46 -1.19
N ALA A 54 7.51 -13.13 -0.23
CA ALA A 54 8.17 -14.41 -0.50
C ALA A 54 9.25 -14.25 -1.56
N GLY A 55 9.97 -13.13 -1.51
CA GLY A 55 11.03 -12.88 -2.47
C GLY A 55 10.50 -12.59 -3.86
N LYS A 56 9.23 -12.18 -3.94
CA LYS A 56 8.60 -11.87 -5.21
C LYS A 56 7.92 -10.51 -5.16
N GLN A 57 8.27 -9.64 -6.10
CA GLN A 57 7.69 -8.31 -6.17
C GLN A 57 6.19 -8.38 -6.49
N LEU A 58 5.41 -7.53 -5.83
CA LEU A 58 3.98 -7.50 -6.05
C LEU A 58 3.60 -6.43 -7.07
N GLU A 59 2.49 -6.64 -7.77
CA GLU A 59 2.03 -5.70 -8.77
C GLU A 59 0.51 -5.69 -8.86
N ASP A 60 -0.04 -4.58 -9.33
CA ASP A 60 -1.49 -4.44 -9.45
C ASP A 60 -2.08 -5.59 -10.28
N GLY A 61 -3.40 -5.69 -10.28
CA GLY A 61 -4.07 -6.74 -11.03
C GLY A 61 -4.50 -7.90 -10.14
N ARG A 62 -3.84 -8.04 -8.99
CA ARG A 62 -4.15 -9.11 -8.06
C ARG A 62 -4.51 -8.54 -6.69
N THR A 63 -5.06 -9.39 -5.82
CA THR A 63 -5.47 -8.98 -4.49
C THR A 63 -4.57 -9.62 -3.42
N LEU A 64 -4.54 -9.02 -2.25
CA LEU A 64 -3.73 -9.54 -1.14
C LEU A 64 -4.05 -11.02 -0.89
N SER A 65 -5.32 -11.36 -0.96
CA SER A 65 -5.75 -12.74 -0.73
C SER A 65 -5.13 -13.68 -1.76
N GLU A 66 -4.91 -13.17 -2.97
CA GLU A 66 -4.32 -13.96 -4.04
C GLU A 66 -2.82 -14.15 -3.81
N TYR A 67 -2.22 -13.24 -3.06
CA TYR A 67 -0.80 -13.30 -2.77
C TYR A 67 -0.54 -14.09 -1.48
N ASN A 68 -1.56 -14.78 -1.00
CA ASN A 68 -1.45 -15.56 0.22
C ASN A 68 -1.08 -14.68 1.41
N ILE A 69 -1.32 -13.38 1.28
CA ILE A 69 -1.01 -12.44 2.33
C ILE A 69 -2.02 -12.55 3.48
N GLN A 70 -1.56 -13.13 4.59
CA GLN A 70 -2.42 -13.29 5.77
C GLN A 70 -2.34 -12.07 6.67
N LYS A 71 -2.92 -12.19 7.86
CA LYS A 71 -2.92 -11.09 8.83
C LYS A 71 -1.55 -10.94 9.48
N GLU A 72 -0.77 -12.01 9.47
CA GLU A 72 0.56 -11.99 10.07
C GLU A 72 1.64 -12.08 8.98
N SER A 73 1.28 -11.68 7.76
CA SER A 73 2.20 -11.72 6.64
C SER A 73 3.28 -10.64 6.79
N THR A 74 4.47 -10.92 6.25
CA THR A 74 5.58 -9.98 6.33
C THR A 74 5.78 -9.27 5.00
N LEU A 75 5.54 -7.97 4.98
CA LEU A 75 5.70 -7.18 3.76
C LEU A 75 6.96 -6.33 3.83
N HIS A 76 7.54 -6.05 2.66
CA HIS A 76 8.76 -5.25 2.59
C HIS A 76 8.64 -4.19 1.49
N LEU A 77 8.96 -2.95 1.84
CA LEU A 77 8.89 -1.85 0.88
C LEU A 77 10.26 -1.57 0.28
N VAL A 78 10.38 -1.79 -1.03
CA VAL A 78 11.63 -1.56 -1.73
C VAL A 78 11.51 -0.40 -2.71
N LEU A 79 12.51 0.47 -2.72
CA LEU A 79 12.52 1.62 -3.61
C LEU A 79 13.20 1.29 -4.94
N ARG A 80 12.57 1.69 -6.04
CA ARG A 80 13.10 1.43 -7.37
C ARG A 80 13.70 2.70 -7.97
N LEU A 81 13.21 3.84 -7.52
CA LEU A 81 13.69 5.13 -8.01
C LEU A 81 14.05 6.06 -6.86
N ARG A 82 14.55 7.25 -7.19
CA ARG A 82 14.92 8.23 -6.19
C ARG A 82 13.80 9.23 -5.94
N GLY A 83 13.10 9.08 -4.83
CA GLY A 83 12.01 9.98 -4.49
C GLY A 83 12.48 11.21 -3.78
N TYR A 84 11.81 12.33 -4.03
CA TYR A 84 12.16 13.60 -3.40
C TYR A 84 10.92 14.45 -3.13
N ALA A 85 11.11 15.59 -2.49
CA ALA A 85 10.02 16.48 -2.17
C ALA A 85 8.89 15.74 -1.44
N ASP A 86 9.27 14.91 -0.48
CA ASP A 86 8.29 14.14 0.28
C ASP A 86 7.52 15.04 1.23
N LEU A 87 6.38 14.55 1.71
CA LEU A 87 5.53 15.30 2.63
C LEU A 87 5.33 14.54 3.93
N ARG A 88 4.62 15.18 4.87
CA ARG A 88 4.35 14.56 6.16
C ARG A 88 3.05 15.09 6.77
N GLU A 89 2.20 14.19 7.23
CA GLU A 89 0.93 14.59 7.83
C GLU A 89 0.54 13.63 8.95
N ASP A 90 0.32 14.18 10.15
CA ASP A 90 -0.05 13.38 11.30
C ASP A 90 1.06 12.40 11.66
N PRO A 91 1.02 11.90 12.91
CA PRO A 91 2.02 10.94 13.41
C PRO A 91 1.90 9.57 12.75
N ASP A 92 2.73 8.63 13.19
CA ASP A 92 2.70 7.28 12.64
C ASP A 92 2.19 6.29 13.68
N ARG A 93 1.36 6.77 14.60
CA ARG A 93 0.81 5.93 15.65
C ARG A 93 -0.62 5.54 15.32
N GLN A 94 -0.91 4.23 15.38
CA GLN A 94 -2.24 3.73 15.09
C GLN A 94 -2.85 3.07 16.32
N ASP A 95 -3.93 3.65 16.82
CA ASP A 95 -4.60 3.12 18.00
C ASP A 95 -5.64 2.08 17.60
N HIS A 96 -5.58 0.90 18.22
CA HIS A 96 -6.51 -0.18 17.93
C HIS A 96 -6.51 -1.21 19.05
N HIS A 97 -7.62 -1.94 19.18
CA HIS A 97 -7.76 -2.96 20.22
C HIS A 97 -8.00 -4.33 19.60
N PRO A 98 -6.97 -4.86 18.92
CA PRO A 98 -7.06 -6.17 18.27
C PRO A 98 -7.12 -7.32 19.28
N GLY A 99 -7.87 -8.36 18.94
CA GLY A 99 -8.00 -9.51 19.82
C GLY A 99 -6.65 -10.09 20.21
N SER A 100 -6.60 -10.70 21.39
CA SER A 100 -5.36 -11.30 21.88
C SER A 100 -5.56 -12.78 22.19
N GLY A 101 -4.45 -13.48 22.42
CA GLY A 101 -4.53 -14.90 22.73
C GLY A 101 -3.59 -15.29 23.86
N ALA A 102 -4.09 -16.11 24.78
CA ALA A 102 -3.30 -16.56 25.91
C ALA A 102 -2.34 -17.67 25.50
N GLN A 103 -1.28 -17.30 24.80
CA GLN A 103 -0.28 -18.27 24.35
C GLN A 103 0.91 -18.30 25.30
N GLY A 1 -24.76 9.61 0.97
CA GLY A 1 -23.62 10.43 1.34
C GLY A 1 -22.31 9.69 1.21
N SER A 2 -22.01 8.84 2.19
CA SER A 2 -20.77 8.07 2.19
C SER A 2 -21.06 6.58 2.05
N LEU A 3 -20.06 5.83 1.61
CA LEU A 3 -20.21 4.38 1.43
C LEU A 3 -19.13 3.63 2.20
N VAL A 4 -19.52 2.56 2.87
CA VAL A 4 -18.58 1.75 3.64
C VAL A 4 -18.61 0.30 3.18
N PRO A 5 -17.42 -0.28 2.98
CA PRO A 5 -17.29 -1.68 2.54
C PRO A 5 -17.69 -2.67 3.62
N ARG A 6 -17.51 -3.95 3.35
CA ARG A 6 -17.85 -5.00 4.30
C ARG A 6 -16.66 -5.92 4.56
N GLY A 7 -15.92 -5.63 5.63
CA GLY A 7 -14.76 -6.42 5.98
C GLY A 7 -13.52 -5.59 6.21
N SER A 8 -12.50 -6.20 6.80
CA SER A 8 -11.25 -5.50 7.07
C SER A 8 -10.21 -6.45 7.67
N MET A 9 -8.99 -6.38 7.16
CA MET A 9 -7.91 -7.23 7.64
C MET A 9 -6.61 -6.44 7.76
N GLN A 10 -5.92 -6.64 8.88
CA GLN A 10 -4.65 -5.95 9.12
C GLN A 10 -3.46 -6.81 8.71
N ILE A 11 -2.43 -6.16 8.18
CA ILE A 11 -1.24 -6.87 7.75
C ILE A 11 0.02 -6.25 8.34
N PHE A 12 1.13 -6.97 8.26
CA PHE A 12 2.41 -6.49 8.79
C PHE A 12 3.40 -6.22 7.67
N VAL A 13 3.97 -5.02 7.68
CA VAL A 13 4.94 -4.63 6.67
C VAL A 13 6.22 -4.10 7.29
N LYS A 14 7.35 -4.50 6.73
CA LYS A 14 8.65 -4.07 7.23
C LYS A 14 9.21 -2.91 6.42
N THR A 15 9.76 -1.92 7.10
CA THR A 15 10.32 -0.75 6.44
C THR A 15 11.83 -0.90 6.25
N LEU A 16 12.40 -0.05 5.40
CA LEU A 16 13.84 -0.08 5.14
C LEU A 16 14.63 0.32 6.38
N THR A 17 14.04 1.20 7.18
CA THR A 17 14.69 1.66 8.41
C THR A 17 14.78 0.55 9.45
N GLY A 18 13.87 -0.42 9.33
CA GLY A 18 13.85 -1.54 10.27
C GLY A 18 12.68 -1.47 11.22
N LYS A 19 11.65 -0.71 10.84
CA LYS A 19 10.46 -0.57 11.67
C LYS A 19 9.29 -1.34 11.08
N THR A 20 8.49 -1.95 11.95
CA THR A 20 7.32 -2.72 11.51
C THR A 20 6.04 -1.93 11.68
N ILE A 21 5.36 -1.66 10.57
CA ILE A 21 4.11 -0.91 10.60
C ILE A 21 2.94 -1.76 10.11
N THR A 22 1.84 -1.71 10.85
CA THR A 22 0.65 -2.48 10.48
C THR A 22 -0.28 -1.67 9.60
N LEU A 23 -0.74 -2.28 8.51
CA LEU A 23 -1.64 -1.61 7.58
C LEU A 23 -2.98 -2.34 7.49
N GLU A 24 -4.06 -1.58 7.41
CA GLU A 24 -5.40 -2.16 7.31
C GLU A 24 -5.88 -2.19 5.86
N VAL A 25 -6.10 -3.39 5.35
CA VAL A 25 -6.57 -3.56 3.98
C VAL A 25 -7.52 -4.73 3.85
N GLU A 26 -8.51 -4.60 2.97
CA GLU A 26 -9.50 -5.66 2.76
C GLU A 26 -8.85 -6.88 2.12
N PRO A 27 -9.45 -8.06 2.35
CA PRO A 27 -8.95 -9.33 1.81
C PRO A 27 -9.14 -9.42 0.30
N SER A 28 -9.91 -8.49 -0.26
CA SER A 28 -10.16 -8.47 -1.70
C SER A 28 -9.45 -7.29 -2.36
N ASP A 29 -8.88 -6.42 -1.54
CA ASP A 29 -8.16 -5.25 -2.04
C ASP A 29 -6.91 -5.67 -2.80
N THR A 30 -6.42 -4.78 -3.65
CA THR A 30 -5.23 -5.05 -4.45
C THR A 30 -4.04 -4.23 -3.95
N ILE A 31 -2.86 -4.50 -4.52
CA ILE A 31 -1.66 -3.78 -4.14
C ILE A 31 -1.88 -2.27 -4.21
N GLU A 32 -2.49 -1.81 -5.30
CA GLU A 32 -2.75 -0.40 -5.48
C GLU A 32 -3.48 0.19 -4.28
N ASN A 33 -4.30 -0.63 -3.63
CA ASN A 33 -5.06 -0.20 -2.46
C ASN A 33 -4.16 -0.13 -1.23
N VAL A 34 -3.29 -1.13 -1.09
CA VAL A 34 -2.37 -1.18 0.04
C VAL A 34 -1.49 0.06 0.10
N LYS A 35 -0.83 0.35 -1.02
CA LYS A 35 0.05 1.51 -1.11
C LYS A 35 -0.69 2.78 -0.72
N ALA A 36 -2.00 2.79 -0.94
CA ALA A 36 -2.83 3.95 -0.62
C ALA A 36 -2.67 4.34 0.85
N LYS A 37 -2.68 3.34 1.73
CA LYS A 37 -2.54 3.58 3.16
C LYS A 37 -1.09 3.89 3.51
N ILE A 38 -0.15 3.32 2.74
CA ILE A 38 1.26 3.54 2.98
C ILE A 38 1.63 5.01 2.80
N GLN A 39 0.90 5.71 1.94
CA GLN A 39 1.15 7.11 1.68
C GLN A 39 1.13 7.91 2.97
N ASP A 40 0.27 7.50 3.91
CA ASP A 40 0.15 8.18 5.18
C ASP A 40 1.30 7.80 6.12
N LYS A 41 1.90 6.64 5.86
CA LYS A 41 3.01 6.15 6.67
C LYS A 41 4.32 6.81 6.25
N GLU A 42 4.60 6.78 4.96
CA GLU A 42 5.82 7.37 4.42
C GLU A 42 5.51 8.42 3.36
N GLY A 43 4.45 8.16 2.58
CA GLY A 43 4.06 9.09 1.54
C GLY A 43 4.97 9.02 0.33
N ILE A 44 4.93 7.90 -0.37
CA ILE A 44 5.76 7.71 -1.56
C ILE A 44 4.91 7.35 -2.77
N PRO A 45 5.40 7.70 -3.97
CA PRO A 45 4.70 7.42 -5.23
C PRO A 45 4.69 5.92 -5.57
N PRO A 46 3.87 5.54 -6.55
CA PRO A 46 3.74 4.15 -6.99
C PRO A 46 4.99 3.65 -7.71
N ASP A 47 5.78 4.59 -8.22
CA ASP A 47 7.01 4.26 -8.94
C ASP A 47 8.11 3.87 -7.96
N GLN A 48 8.11 4.49 -6.79
CA GLN A 48 9.11 4.22 -5.78
C GLN A 48 8.61 3.18 -4.77
N GLN A 49 7.29 3.08 -4.64
CA GLN A 49 6.69 2.13 -3.73
C GLN A 49 6.62 0.74 -4.35
N ARG A 50 7.37 -0.19 -3.77
CA ARG A 50 7.40 -1.57 -4.28
C ARG A 50 7.13 -2.55 -3.15
N LEU A 51 6.05 -3.31 -3.29
CA LEU A 51 5.68 -4.31 -2.29
C LEU A 51 6.22 -5.68 -2.65
N ILE A 52 7.05 -6.24 -1.77
CA ILE A 52 7.64 -7.55 -1.99
C ILE A 52 7.20 -8.55 -0.93
N PHE A 53 6.93 -9.78 -1.36
CA PHE A 53 6.50 -10.82 -0.42
C PHE A 53 7.11 -12.17 -0.81
N ALA A 54 7.67 -12.86 0.19
CA ALA A 54 8.29 -14.15 -0.04
C ALA A 54 9.39 -14.06 -1.08
N GLY A 55 10.05 -12.91 -1.14
CA GLY A 55 11.12 -12.72 -2.11
C GLY A 55 10.60 -12.40 -3.49
N LYS A 56 9.28 -12.39 -3.64
CA LYS A 56 8.66 -12.10 -4.92
C LYS A 56 7.92 -10.77 -4.89
N GLN A 57 8.26 -9.88 -5.81
CA GLN A 57 7.62 -8.58 -5.88
C GLN A 57 6.15 -8.70 -6.31
N LEU A 58 5.33 -7.76 -5.86
CA LEU A 58 3.91 -7.77 -6.19
C LEU A 58 3.60 -6.73 -7.27
N GLU A 59 2.44 -6.85 -7.88
CA GLU A 59 2.01 -5.93 -8.93
C GLU A 59 0.49 -5.79 -8.97
N ASP A 60 0.02 -4.62 -9.39
CA ASP A 60 -1.41 -4.37 -9.47
C ASP A 60 -2.11 -5.46 -10.27
N GLY A 61 -3.32 -5.81 -9.85
CA GLY A 61 -4.08 -6.84 -10.54
C GLY A 61 -4.73 -7.82 -9.59
N ARG A 62 -3.92 -8.56 -8.85
CA ARG A 62 -4.41 -9.54 -7.90
C ARG A 62 -4.61 -8.92 -6.52
N THR A 63 -5.29 -9.64 -5.64
CA THR A 63 -5.55 -9.15 -4.28
C THR A 63 -4.57 -9.75 -3.28
N LEU A 64 -4.41 -9.09 -2.15
CA LEU A 64 -3.51 -9.56 -1.10
C LEU A 64 -3.81 -11.01 -0.74
N SER A 65 -5.09 -11.35 -0.67
CA SER A 65 -5.52 -12.70 -0.34
C SER A 65 -5.05 -13.70 -1.39
N GLU A 66 -5.04 -13.26 -2.64
CA GLU A 66 -4.62 -14.11 -3.75
C GLU A 66 -3.11 -14.29 -3.75
N TYR A 67 -2.41 -13.37 -3.09
CA TYR A 67 -0.95 -13.42 -3.02
C TYR A 67 -0.49 -14.21 -1.81
N ASN A 68 -1.43 -14.94 -1.20
CA ASN A 68 -1.12 -15.74 -0.02
C ASN A 68 -0.71 -14.86 1.15
N ILE A 69 -1.15 -13.61 1.12
CA ILE A 69 -0.82 -12.66 2.19
C ILE A 69 -1.89 -12.68 3.28
N GLN A 70 -1.55 -13.26 4.42
CA GLN A 70 -2.47 -13.34 5.55
C GLN A 70 -2.48 -12.05 6.35
N LYS A 71 -3.13 -12.07 7.50
CA LYS A 71 -3.21 -10.90 8.37
C LYS A 71 -1.93 -10.72 9.16
N GLU A 72 -1.09 -11.76 9.18
CA GLU A 72 0.17 -11.71 9.91
C GLU A 72 1.35 -11.97 8.96
N SER A 73 1.11 -11.76 7.67
CA SER A 73 2.16 -11.97 6.67
C SER A 73 3.31 -11.00 6.86
N THR A 74 4.26 -11.01 5.93
CA THR A 74 5.41 -10.12 5.99
C THR A 74 5.66 -9.45 4.65
N LEU A 75 5.47 -8.13 4.62
CA LEU A 75 5.68 -7.37 3.39
C LEU A 75 7.00 -6.60 3.45
N HIS A 76 7.63 -6.43 2.29
CA HIS A 76 8.90 -5.72 2.21
C HIS A 76 8.79 -4.54 1.25
N LEU A 77 8.96 -3.33 1.78
CA LEU A 77 8.89 -2.12 0.97
C LEU A 77 10.28 -1.63 0.59
N VAL A 78 10.58 -1.65 -0.70
CA VAL A 78 11.89 -1.21 -1.20
C VAL A 78 11.73 -0.17 -2.30
N LEU A 79 12.59 0.84 -2.28
CA LEU A 79 12.55 1.90 -3.29
C LEU A 79 13.66 1.73 -4.31
N ARG A 80 13.31 1.86 -5.58
CA ARG A 80 14.28 1.72 -6.67
C ARG A 80 14.44 3.03 -7.42
N LEU A 81 13.39 3.84 -7.43
CA LEU A 81 13.42 5.13 -8.12
C LEU A 81 14.08 6.19 -7.26
N ARG A 82 14.19 7.41 -7.80
CA ARG A 82 14.81 8.51 -7.07
C ARG A 82 13.75 9.34 -6.35
N GLY A 83 14.17 10.45 -5.76
CA GLY A 83 13.24 11.31 -5.04
C GLY A 83 13.06 12.65 -5.73
N TYR A 84 11.81 12.95 -6.08
CA TYR A 84 11.50 14.20 -6.76
C TYR A 84 10.66 15.10 -5.85
N ALA A 85 10.47 16.35 -6.28
CA ALA A 85 9.68 17.31 -5.51
C ALA A 85 8.28 16.77 -5.23
N ASP A 86 7.44 16.78 -6.26
CA ASP A 86 6.07 16.29 -6.12
C ASP A 86 5.38 16.25 -7.48
N LEU A 87 4.45 15.30 -7.63
CA LEU A 87 3.71 15.15 -8.87
C LEU A 87 2.25 14.79 -8.60
N ARG A 88 1.35 15.43 -9.35
CA ARG A 88 -0.08 15.19 -9.18
C ARG A 88 -0.88 15.87 -10.28
N GLU A 89 -1.50 15.06 -11.15
CA GLU A 89 -2.30 15.60 -12.25
C GLU A 89 -3.58 14.79 -12.43
N ASP A 90 -4.71 15.41 -12.11
CA ASP A 90 -6.01 14.75 -12.24
C ASP A 90 -7.14 15.77 -12.32
N PRO A 91 -7.19 16.50 -13.47
CA PRO A 91 -8.21 17.51 -13.70
C PRO A 91 -9.59 16.91 -13.90
N ASP A 92 -10.28 16.64 -12.80
CA ASP A 92 -11.62 16.06 -12.85
C ASP A 92 -12.53 16.88 -13.75
N ARG A 93 -12.67 18.16 -13.44
CA ARG A 93 -13.52 19.06 -14.21
C ARG A 93 -12.99 20.49 -14.15
N GLN A 94 -13.54 21.35 -15.01
CA GLN A 94 -13.11 22.74 -15.06
C GLN A 94 -14.29 23.67 -14.75
N ASP A 95 -14.81 23.57 -13.54
CA ASP A 95 -15.94 24.40 -13.12
C ASP A 95 -15.58 25.88 -13.23
N HIS A 96 -16.54 26.74 -12.89
CA HIS A 96 -16.34 28.18 -12.95
C HIS A 96 -16.33 28.78 -11.54
N HIS A 97 -17.05 28.14 -10.63
CA HIS A 97 -17.13 28.61 -9.24
C HIS A 97 -17.54 30.08 -9.20
N PRO A 98 -18.84 30.33 -9.49
CA PRO A 98 -19.40 31.69 -9.49
C PRO A 98 -19.50 32.26 -8.08
N GLY A 99 -19.87 33.54 -8.00
CA GLY A 99 -20.01 34.19 -6.71
C GLY A 99 -21.44 34.52 -6.37
N SER A 100 -21.69 34.87 -5.11
CA SER A 100 -23.03 35.21 -4.66
C SER A 100 -22.99 36.07 -3.40
N GLY A 101 -24.08 36.78 -3.13
CA GLY A 101 -24.14 37.62 -1.95
C GLY A 101 -25.50 37.58 -1.28
N ALA A 102 -26.28 38.63 -1.48
CA ALA A 102 -27.62 38.72 -0.89
C ALA A 102 -27.53 38.74 0.64
N GLN A 103 -26.40 39.22 1.15
CA GLN A 103 -26.21 39.29 2.60
C GLN A 103 -27.30 40.13 3.26
N GLY A 1 -12.22 10.70 7.41
CA GLY A 1 -13.45 10.29 6.77
C GLY A 1 -13.21 9.39 5.57
N SER A 2 -14.13 9.44 4.60
CA SER A 2 -14.02 8.61 3.41
C SER A 2 -13.93 7.14 3.77
N LEU A 3 -14.73 6.72 4.74
CA LEU A 3 -14.74 5.34 5.19
C LEU A 3 -16.12 4.71 5.00
N VAL A 4 -16.15 3.53 4.42
CA VAL A 4 -17.41 2.82 4.18
C VAL A 4 -17.46 1.50 4.94
N PRO A 5 -18.68 1.02 5.22
CA PRO A 5 -18.88 -0.24 5.95
C PRO A 5 -18.48 -1.46 5.13
N ARG A 6 -17.24 -1.90 5.32
CA ARG A 6 -16.73 -3.06 4.59
C ARG A 6 -15.62 -3.75 5.39
N GLY A 7 -15.45 -5.05 5.14
CA GLY A 7 -14.43 -5.80 5.84
C GLY A 7 -13.05 -5.17 5.70
N SER A 8 -12.15 -5.52 6.61
CA SER A 8 -10.80 -4.98 6.60
C SER A 8 -9.92 -5.68 7.64
N MET A 9 -8.70 -6.03 7.24
CA MET A 9 -7.76 -6.70 8.14
C MET A 9 -6.43 -5.95 8.20
N GLN A 10 -5.72 -6.12 9.30
CA GLN A 10 -4.44 -5.45 9.49
C GLN A 10 -3.28 -6.37 9.08
N ILE A 11 -2.28 -5.79 8.44
CA ILE A 11 -1.11 -6.55 7.99
C ILE A 11 0.18 -5.95 8.54
N PHE A 12 1.24 -6.75 8.52
CA PHE A 12 2.54 -6.30 9.01
C PHE A 12 3.55 -6.19 7.87
N VAL A 13 4.18 -5.02 7.77
CA VAL A 13 5.17 -4.78 6.72
C VAL A 13 6.46 -4.23 7.30
N LYS A 14 7.58 -4.68 6.75
CA LYS A 14 8.89 -4.24 7.22
C LYS A 14 9.43 -3.11 6.34
N THR A 15 9.81 -2.01 6.97
CA THR A 15 10.34 -0.87 6.24
C THR A 15 11.86 -0.97 6.09
N LEU A 16 12.46 0.06 5.48
CA LEU A 16 13.90 0.08 5.27
C LEU A 16 14.64 0.36 6.57
N THR A 17 13.94 0.94 7.53
CA THR A 17 14.52 1.26 8.82
C THR A 17 14.24 0.16 9.84
N GLY A 18 14.04 -1.06 9.34
CA GLY A 18 13.77 -2.19 10.22
C GLY A 18 12.64 -1.90 11.19
N LYS A 19 11.63 -1.17 10.73
CA LYS A 19 10.49 -0.83 11.56
C LYS A 19 9.21 -1.45 11.00
N THR A 20 8.51 -2.21 11.84
CA THR A 20 7.27 -2.86 11.42
C THR A 20 6.07 -1.95 11.66
N ILE A 21 5.31 -1.70 10.60
CA ILE A 21 4.13 -0.85 10.69
C ILE A 21 2.87 -1.60 10.28
N THR A 22 1.82 -1.44 11.07
CA THR A 22 0.55 -2.12 10.79
C THR A 22 -0.27 -1.33 9.77
N LEU A 23 -0.68 -2.00 8.71
CA LEU A 23 -1.48 -1.37 7.66
C LEU A 23 -2.84 -2.04 7.54
N GLU A 24 -3.87 -1.23 7.26
CA GLU A 24 -5.23 -1.74 7.12
C GLU A 24 -5.55 -2.01 5.66
N VAL A 25 -5.86 -3.26 5.34
CA VAL A 25 -6.20 -3.65 3.98
C VAL A 25 -7.31 -4.70 3.97
N GLU A 26 -8.13 -4.66 2.92
CA GLU A 26 -9.23 -5.61 2.78
C GLU A 26 -8.76 -6.90 2.10
N PRO A 27 -9.49 -7.99 2.36
CA PRO A 27 -9.16 -9.30 1.79
C PRO A 27 -9.42 -9.36 0.30
N SER A 28 -10.11 -8.35 -0.23
CA SER A 28 -10.43 -8.28 -1.64
C SER A 28 -9.61 -7.19 -2.34
N ASP A 29 -9.01 -6.31 -1.54
CA ASP A 29 -8.21 -5.23 -2.07
C ASP A 29 -6.96 -5.76 -2.77
N THR A 30 -6.38 -4.95 -3.65
CA THR A 30 -5.19 -5.34 -4.39
C THR A 30 -3.97 -4.56 -3.91
N ILE A 31 -2.79 -4.94 -4.42
CA ILE A 31 -1.55 -4.27 -4.04
C ILE A 31 -1.67 -2.76 -4.20
N GLU A 32 -2.31 -2.33 -5.29
CA GLU A 32 -2.49 -0.91 -5.55
C GLU A 32 -3.15 -0.22 -4.36
N ASN A 33 -4.02 -0.94 -3.67
CA ASN A 33 -4.73 -0.39 -2.51
C ASN A 33 -3.81 -0.34 -1.29
N VAL A 34 -2.90 -1.31 -1.20
CA VAL A 34 -1.96 -1.36 -0.09
C VAL A 34 -1.14 -0.09 0.01
N LYS A 35 -0.49 0.27 -1.09
CA LYS A 35 0.34 1.47 -1.13
C LYS A 35 -0.48 2.70 -0.78
N ALA A 36 -1.78 2.64 -1.04
CA ALA A 36 -2.68 3.75 -0.76
C ALA A 36 -2.57 4.18 0.71
N LYS A 37 -2.58 3.20 1.60
CA LYS A 37 -2.50 3.46 3.03
C LYS A 37 -1.06 3.83 3.42
N ILE A 38 -0.09 3.29 2.69
CA ILE A 38 1.31 3.56 2.96
C ILE A 38 1.63 5.04 2.80
N GLN A 39 0.89 5.71 1.92
CA GLN A 39 1.09 7.13 1.67
C GLN A 39 1.00 7.92 2.97
N ASP A 40 0.17 7.44 3.90
CA ASP A 40 0.00 8.11 5.19
C ASP A 40 1.17 7.81 6.11
N LYS A 41 1.87 6.71 5.84
CA LYS A 41 3.02 6.32 6.66
C LYS A 41 4.29 7.00 6.17
N GLU A 42 4.53 6.93 4.87
CA GLU A 42 5.72 7.55 4.28
C GLU A 42 5.32 8.60 3.24
N GLY A 43 4.25 8.33 2.51
CA GLY A 43 3.79 9.27 1.49
C GLY A 43 4.66 9.24 0.25
N ILE A 44 4.74 8.08 -0.40
CA ILE A 44 5.53 7.94 -1.61
C ILE A 44 4.70 7.40 -2.76
N PRO A 45 5.09 7.76 -4.00
CA PRO A 45 4.39 7.32 -5.20
C PRO A 45 4.57 5.83 -5.47
N PRO A 46 3.76 5.29 -6.40
CA PRO A 46 3.81 3.87 -6.77
C PRO A 46 5.09 3.53 -7.54
N ASP A 47 5.72 4.54 -8.12
CA ASP A 47 6.95 4.34 -8.88
C ASP A 47 8.15 4.22 -7.96
N GLN A 48 8.05 4.83 -6.78
CA GLN A 48 9.14 4.80 -5.81
C GLN A 48 8.92 3.67 -4.80
N GLN A 49 7.67 3.27 -4.61
CA GLN A 49 7.33 2.21 -3.68
C GLN A 49 7.12 0.89 -4.41
N ARG A 50 7.48 -0.21 -3.76
CA ARG A 50 7.34 -1.53 -4.35
C ARG A 50 7.16 -2.59 -3.27
N LEU A 51 6.18 -3.47 -3.47
CA LEU A 51 5.91 -4.55 -2.51
C LEU A 51 6.63 -5.83 -2.90
N ILE A 52 7.23 -6.48 -1.92
CA ILE A 52 7.95 -7.73 -2.15
C ILE A 52 7.34 -8.87 -1.36
N PHE A 53 7.29 -10.06 -1.97
CA PHE A 53 6.74 -11.24 -1.31
C PHE A 53 7.54 -12.49 -1.66
N ALA A 54 8.17 -13.08 -0.66
CA ALA A 54 8.97 -14.28 -0.87
C ALA A 54 10.01 -14.07 -1.96
N GLY A 55 10.54 -12.85 -2.04
CA GLY A 55 11.55 -12.54 -3.04
C GLY A 55 10.94 -12.27 -4.40
N LYS A 56 9.64 -12.01 -4.43
CA LYS A 56 8.93 -11.74 -5.67
C LYS A 56 8.19 -10.41 -5.61
N GLN A 57 8.48 -9.53 -6.57
CA GLN A 57 7.84 -8.22 -6.62
C GLN A 57 6.34 -8.35 -6.90
N LEU A 58 5.53 -7.84 -5.98
CA LEU A 58 4.07 -7.90 -6.14
C LEU A 58 3.58 -6.81 -7.09
N GLU A 59 2.41 -7.05 -7.68
CA GLU A 59 1.84 -6.09 -8.61
C GLU A 59 0.31 -6.15 -8.59
N ASP A 60 -0.33 -5.13 -9.15
CA ASP A 60 -1.79 -5.08 -9.19
C ASP A 60 -2.36 -6.30 -9.91
N GLY A 61 -3.69 -6.35 -10.03
CA GLY A 61 -4.33 -7.46 -10.70
C GLY A 61 -4.79 -8.53 -9.72
N ARG A 62 -3.94 -8.84 -8.75
CA ARG A 62 -4.25 -9.86 -7.75
C ARG A 62 -4.48 -9.23 -6.39
N THR A 63 -5.29 -9.90 -5.56
CA THR A 63 -5.58 -9.40 -4.22
C THR A 63 -4.66 -10.03 -3.19
N LEU A 64 -4.52 -9.36 -2.04
CA LEU A 64 -3.67 -9.84 -0.96
C LEU A 64 -4.03 -11.28 -0.59
N SER A 65 -5.33 -11.57 -0.57
CA SER A 65 -5.80 -12.90 -0.22
C SER A 65 -5.28 -13.94 -1.21
N GLU A 66 -5.25 -13.57 -2.49
CA GLU A 66 -4.77 -14.47 -3.53
C GLU A 66 -3.25 -14.59 -3.49
N TYR A 67 -2.60 -13.60 -2.90
CA TYR A 67 -1.15 -13.59 -2.80
C TYR A 67 -0.68 -14.24 -1.49
N ASN A 68 -1.61 -14.93 -0.84
CA ASN A 68 -1.29 -15.61 0.42
C ASN A 68 -0.95 -14.60 1.51
N ILE A 69 -1.36 -13.35 1.30
CA ILE A 69 -1.09 -12.29 2.26
C ILE A 69 -2.26 -12.11 3.22
N GLN A 70 -2.15 -12.70 4.41
CA GLN A 70 -3.21 -12.60 5.41
C GLN A 70 -2.96 -11.43 6.34
N LYS A 71 -3.71 -11.37 7.44
CA LYS A 71 -3.57 -10.30 8.42
C LYS A 71 -2.28 -10.46 9.22
N GLU A 72 -1.60 -11.58 9.02
CA GLU A 72 -0.35 -11.86 9.73
C GLU A 72 0.78 -12.14 8.74
N SER A 73 0.63 -11.63 7.52
CA SER A 73 1.64 -11.83 6.48
C SER A 73 2.82 -10.89 6.70
N THR A 74 3.84 -11.04 5.86
CA THR A 74 5.04 -10.21 5.94
C THR A 74 5.34 -9.54 4.61
N LEU A 75 5.22 -8.22 4.57
CA LEU A 75 5.48 -7.46 3.36
C LEU A 75 6.79 -6.68 3.47
N HIS A 76 7.41 -6.41 2.33
CA HIS A 76 8.67 -5.68 2.31
C HIS A 76 8.61 -4.54 1.28
N LEU A 77 8.75 -3.32 1.76
CA LEU A 77 8.71 -2.14 0.90
C LEU A 77 10.12 -1.68 0.55
N VAL A 78 10.43 -1.71 -0.75
CA VAL A 78 11.76 -1.30 -1.22
C VAL A 78 11.67 -0.02 -2.05
N LEU A 79 12.52 0.95 -1.73
CA LEU A 79 12.53 2.22 -2.44
C LEU A 79 13.66 2.24 -3.48
N ARG A 80 13.36 2.79 -4.65
CA ARG A 80 14.34 2.88 -5.72
C ARG A 80 14.67 4.34 -6.05
N LEU A 81 13.65 5.19 -5.99
CA LEU A 81 13.82 6.61 -6.27
C LEU A 81 13.39 7.47 -5.09
N ARG A 82 13.54 8.78 -5.22
CA ARG A 82 13.16 9.70 -4.16
C ARG A 82 12.25 10.80 -4.69
N GLY A 83 10.95 10.53 -4.70
CA GLY A 83 9.99 11.50 -5.18
C GLY A 83 8.82 11.69 -4.24
N TYR A 84 8.43 12.94 -4.04
CA TYR A 84 7.32 13.26 -3.15
C TYR A 84 6.32 14.20 -3.82
N ALA A 85 5.19 13.64 -4.25
CA ALA A 85 4.15 14.42 -4.91
C ALA A 85 2.80 13.72 -4.84
N ASP A 86 1.74 14.50 -4.69
CA ASP A 86 0.40 13.96 -4.60
C ASP A 86 -0.32 14.06 -5.94
N LEU A 87 -1.45 13.37 -6.07
CA LEU A 87 -2.22 13.37 -7.30
C LEU A 87 -3.69 13.69 -7.02
N ARG A 88 -4.50 13.71 -8.07
CA ARG A 88 -5.92 13.99 -7.94
C ARG A 88 -6.72 13.34 -9.06
N GLU A 89 -7.58 12.40 -8.71
CA GLU A 89 -8.41 11.72 -9.70
C GLU A 89 -9.71 11.21 -9.08
N ASP A 90 -10.74 11.08 -9.90
CA ASP A 90 -12.03 10.62 -9.43
C ASP A 90 -12.92 10.17 -10.60
N PRO A 91 -12.52 9.05 -11.23
CA PRO A 91 -13.26 8.49 -12.38
C PRO A 91 -14.60 7.91 -11.96
N ASP A 92 -15.68 8.54 -12.43
CA ASP A 92 -17.03 8.08 -12.12
C ASP A 92 -17.93 8.16 -13.34
N ARG A 93 -18.22 9.39 -13.78
CA ARG A 93 -19.07 9.60 -14.95
C ARG A 93 -18.32 10.34 -16.04
N GLN A 94 -17.01 10.13 -16.10
CA GLN A 94 -16.17 10.77 -17.10
C GLN A 94 -15.83 9.79 -18.23
N ASP A 95 -16.82 9.00 -18.63
CA ASP A 95 -16.62 8.03 -19.71
C ASP A 95 -17.73 8.15 -20.76
N HIS A 96 -18.98 8.05 -20.31
CA HIS A 96 -20.12 8.14 -21.20
C HIS A 96 -21.40 8.44 -20.42
N HIS A 97 -22.39 9.00 -21.11
CA HIS A 97 -23.66 9.34 -20.48
C HIS A 97 -24.82 8.74 -21.27
N PRO A 98 -25.97 8.56 -20.59
CA PRO A 98 -27.18 8.00 -21.21
C PRO A 98 -27.81 8.96 -22.21
N GLY A 99 -28.87 8.49 -22.87
CA GLY A 99 -29.55 9.32 -23.86
C GLY A 99 -31.01 8.97 -23.98
N SER A 100 -31.79 9.90 -24.53
CA SER A 100 -33.23 9.69 -24.71
C SER A 100 -33.50 8.75 -25.89
N GLY A 101 -34.71 8.19 -25.92
CA GLY A 101 -35.07 7.28 -26.99
C GLY A 101 -36.51 6.81 -26.88
N ALA A 102 -37.15 6.61 -28.03
CA ALA A 102 -38.53 6.15 -28.06
C ALA A 102 -38.73 5.04 -29.08
N GLN A 103 -39.25 3.91 -28.63
CA GLN A 103 -39.48 2.76 -29.50
C GLN A 103 -40.97 2.51 -29.68
N GLY A 1 -21.69 9.84 -3.94
CA GLY A 1 -22.79 9.05 -4.46
C GLY A 1 -22.47 7.57 -4.53
N SER A 2 -21.21 7.25 -4.78
CA SER A 2 -20.78 5.86 -4.88
C SER A 2 -21.06 5.11 -3.58
N LEU A 3 -20.69 3.83 -3.56
CA LEU A 3 -20.90 3.00 -2.38
C LEU A 3 -19.63 2.24 -2.01
N VAL A 4 -19.39 2.09 -0.71
CA VAL A 4 -18.21 1.39 -0.23
C VAL A 4 -18.60 0.16 0.59
N PRO A 5 -17.94 -0.97 0.29
CA PRO A 5 -18.21 -2.25 0.98
C PRO A 5 -17.72 -2.23 2.43
N ARG A 6 -17.80 -3.38 3.08
CA ARG A 6 -17.36 -3.49 4.47
C ARG A 6 -16.26 -4.54 4.61
N GLY A 7 -15.43 -4.37 5.63
CA GLY A 7 -14.33 -5.31 5.86
C GLY A 7 -13.06 -4.62 6.29
N SER A 8 -12.07 -5.42 6.70
CA SER A 8 -10.79 -4.88 7.14
C SER A 8 -9.84 -6.00 7.55
N MET A 9 -8.54 -5.72 7.47
CA MET A 9 -7.53 -6.71 7.82
C MET A 9 -6.21 -6.03 8.20
N GLN A 10 -5.61 -6.46 9.29
CA GLN A 10 -4.35 -5.89 9.75
C GLN A 10 -3.17 -6.78 9.36
N ILE A 11 -2.17 -6.18 8.75
CA ILE A 11 -0.99 -6.91 8.31
C ILE A 11 0.29 -6.24 8.80
N PHE A 12 1.40 -6.95 8.72
CA PHE A 12 2.69 -6.43 9.15
C PHE A 12 3.62 -6.21 7.97
N VAL A 13 4.17 -5.01 7.86
CA VAL A 13 5.07 -4.66 6.78
C VAL A 13 6.38 -4.07 7.31
N LYS A 14 7.48 -4.46 6.70
CA LYS A 14 8.80 -3.97 7.11
C LYS A 14 9.28 -2.86 6.19
N THR A 15 9.55 -1.70 6.77
CA THR A 15 10.02 -0.55 6.00
C THR A 15 11.50 -0.69 5.65
N LEU A 16 11.95 0.14 4.71
CA LEU A 16 13.34 0.10 4.28
C LEU A 16 14.28 0.40 5.46
N THR A 17 13.79 1.20 6.41
CA THR A 17 14.58 1.56 7.57
C THR A 17 14.69 0.40 8.56
N GLY A 18 13.72 -0.51 8.48
CA GLY A 18 13.71 -1.66 9.37
C GLY A 18 12.67 -1.56 10.46
N LYS A 19 11.65 -0.74 10.24
CA LYS A 19 10.59 -0.55 11.21
C LYS A 19 9.32 -1.26 10.76
N THR A 20 8.72 -2.01 11.69
CA THR A 20 7.49 -2.75 11.40
C THR A 20 6.26 -1.89 11.66
N ILE A 21 5.47 -1.65 10.62
CA ILE A 21 4.26 -0.84 10.74
C ILE A 21 3.03 -1.64 10.31
N THR A 22 1.98 -1.57 11.11
CA THR A 22 0.74 -2.27 10.82
C THR A 22 -0.12 -1.49 9.82
N LEU A 23 -0.53 -2.17 8.75
CA LEU A 23 -1.35 -1.54 7.72
C LEU A 23 -2.71 -2.23 7.61
N GLU A 24 -3.74 -1.44 7.35
CA GLU A 24 -5.10 -1.97 7.22
C GLU A 24 -5.50 -2.08 5.76
N VAL A 25 -5.91 -3.27 5.34
CA VAL A 25 -6.32 -3.51 3.97
C VAL A 25 -7.51 -4.47 3.91
N GLU A 26 -8.07 -4.62 2.72
CA GLU A 26 -9.22 -5.51 2.53
C GLU A 26 -8.79 -6.80 1.81
N PRO A 27 -9.59 -7.86 1.98
CA PRO A 27 -9.32 -9.16 1.37
C PRO A 27 -9.49 -9.15 -0.15
N SER A 28 -10.15 -8.11 -0.65
CA SER A 28 -10.39 -7.96 -2.09
C SER A 28 -9.55 -6.83 -2.66
N ASP A 29 -8.98 -6.01 -1.78
CA ASP A 29 -8.16 -4.88 -2.19
C ASP A 29 -6.93 -5.37 -2.96
N THR A 30 -6.61 -4.67 -4.05
CA THR A 30 -5.46 -5.02 -4.87
C THR A 30 -4.18 -4.41 -4.32
N ILE A 31 -3.05 -4.80 -4.90
CA ILE A 31 -1.76 -4.29 -4.47
C ILE A 31 -1.75 -2.77 -4.45
N GLU A 32 -2.48 -2.16 -5.38
CA GLU A 32 -2.56 -0.70 -5.47
C GLU A 32 -3.15 -0.12 -4.19
N ASN A 33 -4.06 -0.85 -3.58
CA ASN A 33 -4.71 -0.40 -2.35
C ASN A 33 -3.76 -0.53 -1.16
N VAL A 34 -3.08 -1.67 -1.07
CA VAL A 34 -2.14 -1.91 0.01
C VAL A 34 -1.12 -0.78 0.14
N LYS A 35 -0.59 -0.36 -1.01
CA LYS A 35 0.39 0.72 -1.04
C LYS A 35 -0.27 2.07 -0.77
N ALA A 36 -1.55 2.17 -1.12
CA ALA A 36 -2.30 3.41 -0.92
C ALA A 36 -2.25 3.84 0.55
N LYS A 37 -2.31 2.87 1.45
CA LYS A 37 -2.27 3.15 2.88
C LYS A 37 -0.88 3.59 3.31
N ILE A 38 0.13 3.09 2.61
CA ILE A 38 1.52 3.43 2.93
C ILE A 38 1.76 4.93 2.77
N GLN A 39 1.02 5.55 1.87
CA GLN A 39 1.15 6.99 1.63
C GLN A 39 0.98 7.78 2.92
N ASP A 40 0.12 7.28 3.80
CA ASP A 40 -0.13 7.94 5.08
C ASP A 40 1.00 7.66 6.07
N LYS A 41 1.72 6.57 5.84
CA LYS A 41 2.83 6.19 6.71
C LYS A 41 4.09 6.96 6.34
N GLU A 42 4.44 6.95 5.06
CA GLU A 42 5.63 7.66 4.58
C GLU A 42 5.26 8.67 3.50
N GLY A 43 4.29 8.32 2.67
CA GLY A 43 3.85 9.20 1.61
C GLY A 43 4.80 9.18 0.43
N ILE A 44 4.77 8.09 -0.33
CA ILE A 44 5.63 7.94 -1.50
C ILE A 44 4.82 7.62 -2.74
N PRO A 45 5.34 8.02 -3.90
CA PRO A 45 4.68 7.79 -5.20
C PRO A 45 4.67 6.31 -5.59
N PRO A 46 3.86 5.97 -6.60
CA PRO A 46 3.74 4.59 -7.09
C PRO A 46 5.00 4.12 -7.81
N ASP A 47 5.62 5.03 -8.57
CA ASP A 47 6.84 4.72 -9.30
C ASP A 47 7.95 4.26 -8.35
N GLN A 48 7.86 4.71 -7.10
CA GLN A 48 8.86 4.35 -6.11
C GLN A 48 8.35 3.24 -5.20
N GLN A 49 7.03 3.13 -5.08
CA GLN A 49 6.41 2.11 -4.25
C GLN A 49 6.65 0.72 -4.82
N ARG A 50 7.07 -0.20 -3.96
CA ARG A 50 7.34 -1.57 -4.38
C ARG A 50 7.23 -2.53 -3.20
N LEU A 51 6.20 -3.36 -3.22
CA LEU A 51 5.97 -4.33 -2.16
C LEU A 51 6.57 -5.69 -2.52
N ILE A 52 7.24 -6.32 -1.56
CA ILE A 52 7.85 -7.62 -1.78
C ILE A 52 7.14 -8.70 -0.97
N PHE A 53 7.00 -9.88 -1.56
CA PHE A 53 6.35 -11.00 -0.90
C PHE A 53 7.05 -12.31 -1.22
N ALA A 54 7.58 -12.97 -0.19
CA ALA A 54 8.27 -14.24 -0.37
C ALA A 54 9.37 -14.12 -1.43
N GLY A 55 10.11 -13.02 -1.39
CA GLY A 55 11.17 -12.81 -2.35
C GLY A 55 10.65 -12.56 -3.75
N LYS A 56 9.38 -12.17 -3.85
CA LYS A 56 8.76 -11.90 -5.14
C LYS A 56 8.08 -10.53 -5.14
N GLN A 57 8.44 -9.69 -6.10
CA GLN A 57 7.85 -8.36 -6.21
C GLN A 57 6.36 -8.45 -6.49
N LEU A 58 5.60 -7.56 -5.87
CA LEU A 58 4.15 -7.53 -6.05
C LEU A 58 3.76 -6.52 -7.12
N GLU A 59 2.59 -6.72 -7.73
CA GLU A 59 2.10 -5.82 -8.76
C GLU A 59 0.57 -5.80 -8.79
N ASP A 60 0.01 -4.77 -9.39
CA ASP A 60 -1.44 -4.64 -9.50
C ASP A 60 -2.04 -5.85 -10.21
N GLY A 61 -3.38 -5.92 -10.21
CA GLY A 61 -4.06 -7.03 -10.85
C GLY A 61 -4.63 -8.02 -9.86
N ARG A 62 -3.76 -8.63 -9.05
CA ARG A 62 -4.18 -9.59 -8.05
C ARG A 62 -4.48 -8.91 -6.72
N THR A 63 -5.11 -9.65 -5.81
CA THR A 63 -5.46 -9.12 -4.50
C THR A 63 -4.65 -9.80 -3.41
N LEU A 64 -4.66 -9.21 -2.22
CA LEU A 64 -3.92 -9.76 -1.09
C LEU A 64 -4.30 -11.22 -0.86
N SER A 65 -5.59 -11.51 -0.92
CA SER A 65 -6.08 -12.88 -0.72
C SER A 65 -5.43 -13.84 -1.70
N GLU A 66 -5.21 -13.37 -2.93
CA GLU A 66 -4.59 -14.18 -3.97
C GLU A 66 -3.09 -14.33 -3.73
N TYR A 67 -2.52 -13.35 -3.01
CA TYR A 67 -1.09 -13.37 -2.71
C TYR A 67 -0.81 -14.10 -1.41
N ASN A 68 -1.83 -14.79 -0.90
CA ASN A 68 -1.70 -15.53 0.35
C ASN A 68 -1.26 -14.62 1.49
N ILE A 69 -1.54 -13.33 1.35
CA ILE A 69 -1.18 -12.34 2.36
C ILE A 69 -2.20 -12.32 3.49
N GLN A 70 -1.89 -13.01 4.58
CA GLN A 70 -2.78 -13.06 5.73
C GLN A 70 -2.62 -11.82 6.61
N LYS A 71 -3.23 -11.86 7.79
CA LYS A 71 -3.15 -10.74 8.73
C LYS A 71 -1.87 -10.80 9.54
N GLU A 72 -1.13 -11.89 9.39
CA GLU A 72 0.13 -12.08 10.11
C GLU A 72 1.30 -12.20 9.14
N SER A 73 0.99 -12.16 7.85
CA SER A 73 2.03 -12.27 6.82
C SER A 73 3.07 -11.17 6.98
N THR A 74 4.28 -11.45 6.48
CA THR A 74 5.37 -10.48 6.57
C THR A 74 5.60 -9.79 5.23
N LEU A 75 5.44 -8.47 5.23
CA LEU A 75 5.63 -7.69 4.01
C LEU A 75 6.98 -6.96 4.03
N HIS A 76 7.50 -6.66 2.84
CA HIS A 76 8.78 -5.98 2.72
C HIS A 76 8.67 -4.79 1.77
N LEU A 77 8.87 -3.59 2.29
CA LEU A 77 8.80 -2.38 1.48
C LEU A 77 10.19 -1.94 1.02
N VAL A 78 10.40 -1.96 -0.28
CA VAL A 78 11.69 -1.55 -0.85
C VAL A 78 11.53 -0.34 -1.76
N LEU A 79 12.25 0.73 -1.45
CA LEU A 79 12.19 1.96 -2.23
C LEU A 79 13.46 2.14 -3.05
N ARG A 80 13.29 2.53 -4.31
CA ARG A 80 14.43 2.73 -5.20
C ARG A 80 15.02 4.13 -5.02
N LEU A 81 14.14 5.14 -4.94
CA LEU A 81 14.58 6.51 -4.77
C LEU A 81 14.41 6.96 -3.32
N ARG A 82 14.71 8.22 -3.06
CA ARG A 82 14.59 8.77 -1.71
C ARG A 82 13.20 9.38 -1.48
N GLY A 83 12.77 9.41 -0.23
CA GLY A 83 11.47 9.96 0.09
C GLY A 83 11.39 11.45 -0.17
N TYR A 84 11.94 12.24 0.76
CA TYR A 84 11.92 13.69 0.63
C TYR A 84 10.49 14.21 0.55
N ALA A 85 9.56 13.45 1.10
CA ALA A 85 8.16 13.84 1.10
C ALA A 85 7.85 14.78 2.26
N ASP A 86 8.58 15.89 2.33
CA ASP A 86 8.38 16.87 3.39
C ASP A 86 7.76 18.16 2.83
N LEU A 87 7.90 18.35 1.52
CA LEU A 87 7.36 19.52 0.86
C LEU A 87 6.60 19.15 -0.41
N ARG A 88 5.44 19.76 -0.60
CA ARG A 88 4.61 19.49 -1.77
C ARG A 88 4.28 18.00 -1.87
N GLU A 89 3.47 17.52 -0.94
CA GLU A 89 3.08 16.11 -0.92
C GLU A 89 1.74 15.92 -0.22
N ASP A 90 0.65 16.06 -0.96
CA ASP A 90 -0.68 15.91 -0.40
C ASP A 90 -1.44 14.78 -1.09
N PRO A 91 -2.49 14.28 -0.42
CA PRO A 91 -3.31 13.18 -0.96
C PRO A 91 -4.15 13.61 -2.16
N ASP A 92 -5.02 12.72 -2.61
CA ASP A 92 -5.89 13.02 -3.76
C ASP A 92 -7.36 12.88 -3.36
N ARG A 93 -7.66 13.16 -2.11
CA ARG A 93 -9.03 13.06 -1.61
C ARG A 93 -9.71 14.43 -1.61
N GLN A 94 -11.00 14.43 -1.91
CA GLN A 94 -11.78 15.67 -1.95
C GLN A 94 -13.27 15.38 -1.92
N ASP A 95 -14.05 16.41 -1.58
CA ASP A 95 -15.50 16.27 -1.51
C ASP A 95 -16.18 17.11 -2.58
N HIS A 96 -17.49 16.93 -2.73
CA HIS A 96 -18.26 17.67 -3.73
C HIS A 96 -19.25 18.61 -3.05
N HIS A 97 -19.86 19.49 -3.84
CA HIS A 97 -20.83 20.44 -3.32
C HIS A 97 -22.02 20.57 -4.26
N PRO A 98 -22.87 19.53 -4.29
CA PRO A 98 -24.06 19.50 -5.15
C PRO A 98 -25.13 20.47 -4.67
N GLY A 99 -26.00 20.88 -5.60
CA GLY A 99 -27.06 21.80 -5.26
C GLY A 99 -28.43 21.14 -5.24
N SER A 100 -28.80 20.58 -4.09
CA SER A 100 -30.08 19.90 -3.95
C SER A 100 -31.16 20.87 -3.48
N GLY A 101 -32.35 20.75 -4.03
CA GLY A 101 -33.45 21.62 -3.65
C GLY A 101 -34.52 21.71 -4.72
N ALA A 102 -34.93 20.55 -5.24
CA ALA A 102 -35.95 20.51 -6.28
C ALA A 102 -36.54 19.10 -6.40
N GLN A 103 -37.86 19.01 -6.40
CA GLN A 103 -38.54 17.73 -6.51
C GLN A 103 -38.10 16.99 -7.78
N GLY A 1 -20.09 8.30 -6.18
CA GLY A 1 -20.57 7.46 -5.11
C GLY A 1 -19.46 6.72 -4.40
N SER A 2 -19.35 6.91 -3.10
CA SER A 2 -18.31 6.25 -2.31
C SER A 2 -18.54 4.73 -2.26
N LEU A 3 -17.69 4.03 -1.53
CA LEU A 3 -17.80 2.59 -1.40
C LEU A 3 -17.81 2.16 0.07
N VAL A 4 -18.69 1.23 0.40
CA VAL A 4 -18.80 0.74 1.76
C VAL A 4 -17.75 -0.32 2.05
N PRO A 5 -17.07 -0.19 3.20
CA PRO A 5 -16.02 -1.13 3.62
C PRO A 5 -16.60 -2.49 4.01
N ARG A 6 -16.48 -3.45 3.09
CA ARG A 6 -16.99 -4.79 3.34
C ARG A 6 -15.92 -5.65 4.02
N GLY A 7 -15.67 -5.36 5.29
CA GLY A 7 -14.69 -6.12 6.04
C GLY A 7 -13.31 -5.49 5.99
N SER A 8 -12.31 -6.18 6.55
CA SER A 8 -10.95 -5.67 6.56
C SER A 8 -10.02 -6.66 7.25
N MET A 9 -8.71 -6.39 7.19
CA MET A 9 -7.72 -7.25 7.80
C MET A 9 -6.43 -6.48 8.09
N GLN A 10 -5.82 -6.77 9.24
CA GLN A 10 -4.59 -6.10 9.64
C GLN A 10 -3.38 -6.93 9.24
N ILE A 11 -2.34 -6.25 8.74
CA ILE A 11 -1.12 -6.92 8.33
C ILE A 11 0.11 -6.24 8.92
N PHE A 12 1.27 -6.88 8.77
CA PHE A 12 2.52 -6.34 9.29
C PHE A 12 3.57 -6.25 8.19
N VAL A 13 4.17 -5.07 8.05
CA VAL A 13 5.20 -4.86 7.04
C VAL A 13 6.46 -4.27 7.65
N LYS A 14 7.61 -4.70 7.14
CA LYS A 14 8.90 -4.20 7.65
C LYS A 14 9.45 -3.11 6.73
N THR A 15 9.76 -1.96 7.32
CA THR A 15 10.30 -0.83 6.56
C THR A 15 11.81 -0.96 6.40
N LEU A 16 12.42 0.04 5.76
CA LEU A 16 13.86 0.05 5.56
C LEU A 16 14.60 0.40 6.84
N THR A 17 13.90 1.07 7.76
CA THR A 17 14.49 1.45 9.03
C THR A 17 14.19 0.43 10.11
N GLY A 18 14.04 -0.83 9.71
CA GLY A 18 13.76 -1.89 10.66
C GLY A 18 12.56 -1.56 11.54
N LYS A 19 11.64 -0.75 11.01
CA LYS A 19 10.45 -0.36 11.76
C LYS A 19 9.22 -1.09 11.22
N THR A 20 8.45 -1.69 12.13
CA THR A 20 7.25 -2.41 11.74
C THR A 20 6.01 -1.52 11.86
N ILE A 21 5.36 -1.27 10.73
CA ILE A 21 4.16 -0.44 10.70
C ILE A 21 2.92 -1.27 10.43
N THR A 22 1.87 -1.02 11.20
CA THR A 22 0.61 -1.75 11.03
C THR A 22 -0.23 -1.16 9.92
N LEU A 23 -0.70 -2.01 9.01
CA LEU A 23 -1.52 -1.57 7.89
C LEU A 23 -2.73 -2.48 7.71
N GLU A 24 -3.89 -1.87 7.45
CA GLU A 24 -5.12 -2.63 7.25
C GLU A 24 -5.51 -2.64 5.78
N VAL A 25 -5.86 -3.82 5.28
CA VAL A 25 -6.26 -3.97 3.88
C VAL A 25 -7.33 -5.04 3.73
N GLU A 26 -8.26 -4.82 2.80
CA GLU A 26 -9.34 -5.77 2.55
C GLU A 26 -8.82 -7.03 1.86
N PRO A 27 -9.52 -8.15 2.08
CA PRO A 27 -9.15 -9.43 1.47
C PRO A 27 -9.37 -9.45 -0.03
N SER A 28 -10.22 -8.55 -0.51
CA SER A 28 -10.53 -8.48 -1.94
C SER A 28 -9.75 -7.34 -2.61
N ASP A 29 -9.19 -6.46 -1.77
CA ASP A 29 -8.42 -5.33 -2.28
C ASP A 29 -7.14 -5.81 -2.97
N THR A 30 -6.52 -4.91 -3.73
CA THR A 30 -5.29 -5.24 -4.45
C THR A 30 -4.11 -4.44 -3.90
N ILE A 31 -2.91 -4.76 -4.39
CA ILE A 31 -1.71 -4.08 -3.95
C ILE A 31 -1.86 -2.56 -4.06
N GLU A 32 -2.43 -2.12 -5.18
CA GLU A 32 -2.65 -0.69 -5.41
C GLU A 32 -3.37 -0.04 -4.23
N ASN A 33 -4.24 -0.81 -3.59
CA ASN A 33 -5.00 -0.31 -2.44
C ASN A 33 -4.12 -0.31 -1.18
N VAL A 34 -3.20 -1.26 -1.10
CA VAL A 34 -2.31 -1.35 0.04
C VAL A 34 -1.40 -0.13 0.14
N LYS A 35 -0.67 0.15 -0.94
CA LYS A 35 0.23 1.29 -0.99
C LYS A 35 -0.50 2.58 -0.61
N ALA A 36 -1.81 2.61 -0.86
CA ALA A 36 -2.62 3.78 -0.56
C ALA A 36 -2.46 4.18 0.90
N LYS A 37 -2.45 3.18 1.79
CA LYS A 37 -2.31 3.43 3.22
C LYS A 37 -0.87 3.78 3.57
N ILE A 38 0.07 3.24 2.80
CA ILE A 38 1.49 3.50 3.03
C ILE A 38 1.83 4.98 2.80
N GLN A 39 1.08 5.61 1.91
CA GLN A 39 1.30 7.02 1.59
C GLN A 39 1.21 7.87 2.85
N ASP A 40 0.41 7.42 3.81
CA ASP A 40 0.25 8.15 5.06
C ASP A 40 1.44 7.93 5.98
N LYS A 41 2.18 6.85 5.75
CA LYS A 41 3.35 6.54 6.55
C LYS A 41 4.63 7.11 5.92
N GLU A 42 4.78 6.88 4.63
CA GLU A 42 5.95 7.37 3.90
C GLU A 42 5.55 8.43 2.87
N GLY A 43 4.39 8.23 2.25
CA GLY A 43 3.91 9.17 1.26
C GLY A 43 4.76 9.16 0.00
N ILE A 44 4.85 8.01 -0.65
CA ILE A 44 5.64 7.88 -1.86
C ILE A 44 4.80 7.32 -3.01
N PRO A 45 5.17 7.67 -4.24
CA PRO A 45 4.46 7.22 -5.44
C PRO A 45 4.66 5.73 -5.71
N PRO A 46 3.80 5.17 -6.56
CA PRO A 46 3.87 3.74 -6.92
C PRO A 46 5.08 3.41 -7.77
N ASP A 47 5.47 4.36 -8.62
CA ASP A 47 6.61 4.16 -9.50
C ASP A 47 7.90 4.03 -8.69
N GLN A 48 7.88 4.54 -7.46
CA GLN A 48 9.04 4.48 -6.59
C GLN A 48 8.84 3.45 -5.49
N GLN A 49 7.57 3.19 -5.15
CA GLN A 49 7.23 2.22 -4.11
C GLN A 49 7.00 0.84 -4.71
N ARG A 50 7.36 -0.19 -3.95
CA ARG A 50 7.19 -1.57 -4.40
C ARG A 50 7.17 -2.53 -3.21
N LEU A 51 6.14 -3.37 -3.14
CA LEU A 51 6.00 -4.33 -2.06
C LEU A 51 6.57 -5.69 -2.47
N ILE A 52 7.24 -6.36 -1.53
CA ILE A 52 7.83 -7.65 -1.80
C ILE A 52 7.18 -8.74 -0.93
N PHE A 53 6.86 -9.87 -1.56
CA PHE A 53 6.23 -10.98 -0.85
C PHE A 53 6.78 -12.32 -1.35
N ALA A 54 7.30 -13.12 -0.43
CA ALA A 54 7.85 -14.42 -0.77
C ALA A 54 9.04 -14.29 -1.72
N GLY A 55 9.78 -13.19 -1.57
CA GLY A 55 10.94 -12.97 -2.42
C GLY A 55 10.55 -12.52 -3.82
N LYS A 56 9.29 -12.10 -3.98
CA LYS A 56 8.80 -11.65 -5.27
C LYS A 56 8.26 -10.22 -5.18
N GLN A 57 8.32 -9.50 -6.30
CA GLN A 57 7.84 -8.13 -6.34
C GLN A 57 6.36 -8.07 -6.71
N LEU A 58 5.56 -7.55 -5.80
CA LEU A 58 4.12 -7.45 -6.01
C LEU A 58 3.79 -6.28 -6.95
N GLU A 59 2.57 -6.25 -7.46
CA GLU A 59 2.14 -5.20 -8.37
C GLU A 59 0.61 -5.07 -8.35
N ASP A 60 0.10 -4.14 -9.17
CA ASP A 60 -1.33 -3.92 -9.25
C ASP A 60 -1.98 -4.92 -10.20
N GLY A 61 -2.63 -5.93 -9.63
CA GLY A 61 -3.28 -6.94 -10.44
C GLY A 61 -4.07 -7.93 -9.61
N ARG A 62 -3.38 -8.66 -8.73
CA ARG A 62 -4.02 -9.65 -7.88
C ARG A 62 -4.42 -9.03 -6.54
N THR A 63 -5.22 -9.76 -5.78
CA THR A 63 -5.67 -9.29 -4.47
C THR A 63 -4.80 -9.84 -3.35
N LEU A 64 -4.84 -9.19 -2.20
CA LEU A 64 -4.05 -9.61 -1.04
C LEU A 64 -4.34 -11.08 -0.71
N SER A 65 -5.56 -11.52 -0.97
CA SER A 65 -5.96 -12.90 -0.69
C SER A 65 -5.31 -13.85 -1.68
N GLU A 66 -5.29 -13.45 -2.95
CA GLU A 66 -4.68 -14.28 -4.00
C GLU A 66 -3.16 -14.27 -3.90
N TYR A 67 -2.63 -13.25 -3.23
CA TYR A 67 -1.18 -13.12 -3.07
C TYR A 67 -0.71 -13.89 -1.84
N ASN A 68 -1.61 -14.64 -1.22
CA ASN A 68 -1.29 -15.42 -0.04
C ASN A 68 -0.88 -14.51 1.12
N ILE A 69 -1.36 -13.28 1.08
CA ILE A 69 -1.06 -12.30 2.13
C ILE A 69 -2.10 -12.34 3.24
N GLN A 70 -1.78 -13.01 4.34
CA GLN A 70 -2.69 -13.12 5.47
C GLN A 70 -2.57 -11.91 6.38
N LYS A 71 -3.18 -11.99 7.56
CA LYS A 71 -3.14 -10.91 8.52
C LYS A 71 -1.83 -10.93 9.31
N GLU A 72 -1.02 -11.95 9.08
CA GLU A 72 0.26 -12.09 9.76
C GLU A 72 1.40 -12.10 8.76
N SER A 73 1.07 -12.02 7.48
CA SER A 73 2.08 -12.03 6.43
C SER A 73 3.08 -10.88 6.61
N THR A 74 4.32 -11.13 6.23
CA THR A 74 5.38 -10.13 6.36
C THR A 74 5.69 -9.49 5.01
N LEU A 75 5.38 -8.21 4.88
CA LEU A 75 5.64 -7.48 3.63
C LEU A 75 6.86 -6.59 3.76
N HIS A 76 7.50 -6.30 2.64
CA HIS A 76 8.70 -5.46 2.63
C HIS A 76 8.57 -4.34 1.58
N LEU A 77 8.86 -3.12 2.00
CA LEU A 77 8.77 -1.97 1.11
C LEU A 77 10.13 -1.64 0.50
N VAL A 78 10.25 -1.78 -0.81
CA VAL A 78 11.49 -1.50 -1.51
C VAL A 78 11.34 -0.28 -2.41
N LEU A 79 12.39 0.54 -2.45
CA LEU A 79 12.39 1.74 -3.27
C LEU A 79 13.31 1.58 -4.48
N ARG A 80 12.86 2.06 -5.64
CA ARG A 80 13.64 1.97 -6.85
C ARG A 80 13.97 3.37 -7.40
N LEU A 81 12.95 4.06 -7.89
CA LEU A 81 13.14 5.40 -8.44
C LEU A 81 13.41 6.41 -7.33
N ARG A 82 13.68 7.65 -7.72
CA ARG A 82 13.97 8.71 -6.75
C ARG A 82 13.65 10.07 -7.33
N GLY A 83 12.67 10.75 -6.75
CA GLY A 83 12.29 12.06 -7.23
C GLY A 83 11.11 12.65 -6.45
N TYR A 84 11.35 12.96 -5.18
CA TYR A 84 10.31 13.53 -4.33
C TYR A 84 9.81 14.85 -4.90
N ALA A 85 8.49 14.96 -5.05
CA ALA A 85 7.88 16.17 -5.57
C ALA A 85 6.35 16.09 -5.53
N ASP A 86 5.70 17.25 -5.55
CA ASP A 86 4.24 17.30 -5.52
C ASP A 86 3.74 18.70 -5.83
N LEU A 87 2.42 18.88 -5.81
CA LEU A 87 1.82 20.17 -6.10
C LEU A 87 1.33 20.83 -4.81
N ARG A 88 0.86 22.07 -4.94
CA ARG A 88 0.36 22.81 -3.79
C ARG A 88 -0.30 24.12 -4.22
N GLU A 89 -1.61 24.21 -4.00
CA GLU A 89 -2.36 25.40 -4.37
C GLU A 89 -2.68 26.25 -3.15
N ASP A 90 -2.69 27.57 -3.33
CA ASP A 90 -2.98 28.50 -2.25
C ASP A 90 -4.18 29.37 -2.58
N PRO A 91 -4.80 29.95 -1.54
CA PRO A 91 -5.97 30.82 -1.71
C PRO A 91 -5.63 32.15 -2.36
N ASP A 92 -6.61 33.04 -2.45
CA ASP A 92 -6.41 34.35 -3.06
C ASP A 92 -7.64 35.22 -2.90
N ARG A 93 -7.68 36.01 -1.84
CA ARG A 93 -8.81 36.89 -1.58
C ARG A 93 -8.36 38.34 -1.49
N GLN A 94 -7.92 38.90 -2.62
CA GLN A 94 -7.46 40.27 -2.68
C GLN A 94 -8.54 41.18 -3.27
N ASP A 95 -9.00 42.14 -2.47
CA ASP A 95 -10.03 43.07 -2.91
C ASP A 95 -9.85 44.42 -2.22
N HIS A 96 -10.33 45.48 -2.88
CA HIS A 96 -10.23 46.83 -2.34
C HIS A 96 -11.52 47.61 -2.60
N HIS A 97 -11.80 48.57 -1.72
CA HIS A 97 -13.00 49.39 -1.86
C HIS A 97 -12.64 50.85 -2.16
N PRO A 98 -13.61 51.60 -2.69
CA PRO A 98 -13.41 53.01 -3.04
C PRO A 98 -13.26 53.90 -1.80
N GLY A 99 -13.13 55.20 -2.02
CA GLY A 99 -12.99 56.13 -0.92
C GLY A 99 -13.69 57.45 -1.18
N SER A 100 -14.94 57.56 -0.72
CA SER A 100 -15.71 58.78 -0.92
C SER A 100 -17.04 58.69 -0.17
N GLY A 101 -17.24 59.62 0.77
CA GLY A 101 -18.46 59.62 1.54
C GLY A 101 -19.11 61.00 1.60
N ALA A 102 -19.93 61.31 0.60
CA ALA A 102 -20.60 62.60 0.54
C ALA A 102 -21.60 62.64 -0.61
N GLN A 103 -22.64 63.47 -0.46
CA GLN A 103 -23.67 63.60 -1.48
C GLN A 103 -23.56 64.94 -2.19
#